data_2DHJ
#
_entry.id   2DHJ
#
_entity_poly.entity_id   1
_entity_poly.type   'polypeptide(L)'
_entity_poly.pdbx_seq_one_letter_code
;GSSGSSGDAAKEGWLHFRPLVTDKGKRVGGSIRPWKQMYVVLRGHSLYLYKDKREQTTPSEEEQPISVNACLIDISYSET
KRKNVFRLTTSDCECLFQAEDRDDMLAWIKTIQESSNLNSGPSSG
;
_entity_poly.pdbx_strand_id   A
#
# COMPACT_ATOMS: atom_id res chain seq x y z
N GLY A 1 -8.56 -19.05 2.23
CA GLY A 1 -7.70 -18.94 3.39
C GLY A 1 -8.32 -18.10 4.49
N SER A 2 -9.37 -18.61 5.13
CA SER A 2 -10.04 -17.89 6.19
C SER A 2 -10.20 -18.76 7.43
N SER A 3 -10.50 -18.14 8.56
CA SER A 3 -10.66 -18.85 9.81
C SER A 3 -9.43 -19.69 10.13
N GLY A 4 -8.26 -19.09 9.95
CA GLY A 4 -7.01 -19.79 10.22
C GLY A 4 -5.87 -18.84 10.55
N SER A 5 -5.29 -18.24 9.52
CA SER A 5 -4.18 -17.32 9.70
C SER A 5 -4.52 -16.26 10.75
N SER A 6 -3.69 -16.18 11.79
CA SER A 6 -3.91 -15.21 12.87
C SER A 6 -3.93 -13.79 12.32
N GLY A 7 -4.59 -12.89 13.05
CA GLY A 7 -4.67 -11.50 12.63
C GLY A 7 -5.82 -11.26 11.68
N ASP A 8 -6.07 -9.99 11.37
CA ASP A 8 -7.16 -9.62 10.48
C ASP A 8 -6.63 -8.82 9.29
N ALA A 9 -5.37 -9.03 8.96
CA ALA A 9 -4.75 -8.32 7.84
C ALA A 9 -4.09 -9.29 6.87
N ALA A 10 -4.50 -9.23 5.62
CA ALA A 10 -3.96 -10.11 4.58
C ALA A 10 -2.44 -10.17 4.66
N LYS A 11 -1.81 -9.00 4.76
CA LYS A 11 -0.36 -8.91 4.85
C LYS A 11 0.07 -7.70 5.66
N GLU A 12 1.29 -7.73 6.17
CA GLU A 12 1.83 -6.63 6.98
C GLU A 12 3.35 -6.62 6.96
N GLY A 13 3.93 -5.43 7.06
CA GLY A 13 5.37 -5.31 7.05
C GLY A 13 5.83 -3.88 6.84
N TRP A 14 7.04 -3.58 7.30
CA TRP A 14 7.59 -2.23 7.16
C TRP A 14 7.91 -1.92 5.70
N LEU A 15 7.47 -0.76 5.24
CA LEU A 15 7.70 -0.35 3.86
C LEU A 15 7.71 1.17 3.74
N HIS A 16 8.35 1.68 2.69
CA HIS A 16 8.44 3.11 2.46
C HIS A 16 7.28 3.61 1.60
N PHE A 17 6.39 4.37 2.21
CA PHE A 17 5.22 4.90 1.52
C PHE A 17 5.49 6.33 1.03
N ARG A 18 5.60 6.50 -0.28
CA ARG A 18 5.85 7.81 -0.87
C ARG A 18 4.71 8.21 -1.81
N PRO A 19 3.76 8.99 -1.27
CA PRO A 19 2.60 9.46 -2.04
C PRO A 19 2.98 10.49 -3.09
N LEU A 20 2.32 10.43 -4.24
CA LEU A 20 2.59 11.35 -5.34
C LEU A 20 1.90 12.69 -5.11
N VAL A 21 0.67 12.63 -4.60
CA VAL A 21 -0.10 13.84 -4.33
C VAL A 21 -1.37 13.51 -3.55
N THR A 22 -1.81 14.45 -2.72
CA THR A 22 -3.01 14.27 -1.91
C THR A 22 -4.08 15.29 -2.28
N ASP A 23 -3.65 16.49 -2.63
CA ASP A 23 -4.57 17.56 -3.00
C ASP A 23 -4.71 17.64 -4.52
N LYS A 24 -5.76 18.33 -4.98
CA LYS A 24 -6.01 18.48 -6.41
C LYS A 24 -6.22 19.95 -6.76
N GLY A 25 -6.83 20.70 -5.83
CA GLY A 25 -7.08 22.11 -6.07
C GLY A 25 -5.99 22.99 -5.51
N LYS A 26 -4.75 22.51 -5.56
CA LYS A 26 -3.60 23.27 -5.05
C LYS A 26 -2.40 23.13 -5.99
N ARG A 27 -1.80 24.26 -6.33
CA ARG A 27 -0.64 24.27 -7.22
C ARG A 27 0.65 24.31 -6.41
N VAL A 28 1.24 23.13 -6.20
CA VAL A 28 2.48 23.03 -5.44
C VAL A 28 3.67 22.79 -6.37
N GLY A 29 4.83 23.31 -5.98
CA GLY A 29 6.03 23.13 -6.78
C GLY A 29 6.96 22.07 -6.23
N GLY A 30 6.58 20.81 -6.38
CA GLY A 30 7.40 19.73 -5.88
C GLY A 30 6.69 18.90 -4.82
N SER A 31 7.10 17.64 -4.68
CA SER A 31 6.49 16.75 -3.70
C SER A 31 6.45 17.39 -2.33
N ILE A 32 5.52 16.93 -1.48
CA ILE A 32 5.37 17.47 -0.14
C ILE A 32 6.39 16.85 0.81
N ARG A 33 6.66 15.56 0.62
CA ARG A 33 7.62 14.86 1.46
C ARG A 33 8.20 13.65 0.73
N PRO A 34 9.49 13.38 0.97
CA PRO A 34 10.19 12.25 0.34
C PRO A 34 9.71 10.91 0.86
N TRP A 35 10.40 9.84 0.48
CA TRP A 35 10.05 8.49 0.91
C TRP A 35 9.85 8.44 2.42
N LYS A 36 8.65 8.06 2.85
CA LYS A 36 8.34 7.97 4.27
C LYS A 36 8.29 6.51 4.72
N GLN A 37 8.94 6.23 5.84
CA GLN A 37 8.98 4.88 6.38
C GLN A 37 7.96 4.71 7.50
N MET A 38 6.91 3.94 7.23
CA MET A 38 5.86 3.70 8.21
C MET A 38 5.24 2.32 8.02
N TYR A 39 5.11 1.58 9.12
CA TYR A 39 4.53 0.25 9.07
C TYR A 39 3.24 0.24 8.26
N VAL A 40 3.25 -0.49 7.14
CA VAL A 40 2.09 -0.59 6.27
C VAL A 40 1.38 -1.93 6.44
N VAL A 41 0.10 -1.88 6.74
CA VAL A 41 -0.69 -3.10 6.93
C VAL A 41 -1.87 -3.14 5.96
N LEU A 42 -2.11 -4.31 5.39
CA LEU A 42 -3.20 -4.50 4.44
C LEU A 42 -4.35 -5.29 5.07
N ARG A 43 -5.44 -4.60 5.39
CA ARG A 43 -6.59 -5.24 6.00
C ARG A 43 -7.81 -5.15 5.08
N GLY A 44 -8.16 -6.27 4.45
CA GLY A 44 -9.30 -6.30 3.56
C GLY A 44 -9.01 -5.61 2.23
N HIS A 45 -9.54 -4.41 2.06
CA HIS A 45 -9.34 -3.65 0.83
C HIS A 45 -8.80 -2.26 1.14
N SER A 46 -8.35 -2.06 2.37
CA SER A 46 -7.80 -0.77 2.78
C SER A 46 -6.39 -0.92 3.33
N LEU A 47 -5.55 0.08 3.07
CA LEU A 47 -4.17 0.05 3.53
C LEU A 47 -3.98 0.96 4.74
N TYR A 48 -3.74 0.36 5.90
CA TYR A 48 -3.55 1.12 7.14
C TYR A 48 -2.07 1.25 7.46
N LEU A 49 -1.57 2.49 7.40
CA LEU A 49 -0.16 2.76 7.69
C LEU A 49 0.02 3.16 9.15
N TYR A 50 1.25 3.00 9.64
CA TYR A 50 1.56 3.36 11.02
C TYR A 50 3.03 3.75 11.17
N LYS A 51 3.26 4.86 11.86
CA LYS A 51 4.62 5.35 12.08
C LYS A 51 5.41 4.39 12.97
N ASP A 52 4.69 3.58 13.73
CA ASP A 52 5.32 2.62 14.64
C ASP A 52 4.51 1.33 14.71
N LYS A 53 5.13 0.27 15.21
CA LYS A 53 4.46 -1.02 15.34
C LYS A 53 4.02 -1.26 16.78
N ARG A 54 3.66 -0.19 17.47
CA ARG A 54 3.22 -0.28 18.86
C ARG A 54 1.88 -1.00 18.96
N GLU A 55 0.92 -0.58 18.12
CA GLU A 55 -0.40 -1.17 18.12
C GLU A 55 -1.02 -1.11 16.72
N GLN A 56 -1.57 -2.23 16.27
CA GLN A 56 -2.19 -2.30 14.96
C GLN A 56 -3.70 -2.26 15.07
N THR A 57 -4.25 -3.01 16.03
CA THR A 57 -5.69 -3.05 16.24
C THR A 57 -6.33 -1.70 15.94
N THR A 58 -5.70 -0.63 16.42
CA THR A 58 -6.20 0.72 16.20
C THR A 58 -5.86 1.22 14.80
N PRO A 59 -6.71 2.12 14.27
CA PRO A 59 -6.52 2.70 12.94
C PRO A 59 -5.32 3.64 12.88
N SER A 60 -5.08 4.20 11.70
CA SER A 60 -3.95 5.11 11.51
C SER A 60 -3.95 6.21 12.56
N GLU A 61 -2.89 7.00 12.59
CA GLU A 61 -2.76 8.08 13.56
C GLU A 61 -2.98 9.43 12.88
N GLU A 62 -2.20 9.71 11.85
CA GLU A 62 -2.32 10.96 11.12
C GLU A 62 -2.59 10.71 9.64
N GLU A 63 -2.03 9.63 9.11
CA GLU A 63 -2.21 9.27 7.71
C GLU A 63 -3.54 8.52 7.50
N GLN A 64 -4.41 9.07 6.68
CA GLN A 64 -5.69 8.46 6.40
C GLN A 64 -5.52 7.17 5.58
N PRO A 65 -6.46 6.24 5.75
CA PRO A 65 -6.44 4.96 5.05
C PRO A 65 -6.72 5.11 3.56
N ILE A 66 -6.08 4.26 2.75
CA ILE A 66 -6.27 4.30 1.30
C ILE A 66 -6.92 3.03 0.79
N SER A 67 -7.92 3.18 -0.08
CA SER A 67 -8.62 2.03 -0.64
C SER A 67 -7.86 1.45 -1.83
N VAL A 68 -7.74 0.12 -1.84
CA VAL A 68 -7.04 -0.57 -2.91
C VAL A 68 -7.99 -1.43 -3.74
N ASN A 69 -9.25 -1.44 -3.34
CA ASN A 69 -10.27 -2.22 -4.04
C ASN A 69 -10.10 -2.10 -5.54
N ALA A 70 -9.77 -0.89 -6.01
CA ALA A 70 -9.59 -0.65 -7.43
C ALA A 70 -8.29 0.13 -7.68
N CYS A 71 -7.17 -0.47 -7.29
CA CYS A 71 -5.87 0.17 -7.48
C CYS A 71 -5.13 -0.45 -8.67
N LEU A 72 -3.96 0.10 -8.98
CA LEU A 72 -3.15 -0.38 -10.09
C LEU A 72 -1.68 -0.45 -9.71
N ILE A 73 -1.19 -1.66 -9.49
CA ILE A 73 0.21 -1.86 -9.12
C ILE A 73 1.08 -2.09 -10.36
N ASP A 74 2.30 -1.59 -10.32
CA ASP A 74 3.24 -1.75 -11.43
C ASP A 74 4.67 -1.51 -10.98
N ILE A 75 5.50 -2.55 -11.08
CA ILE A 75 6.89 -2.44 -10.68
C ILE A 75 7.48 -1.08 -11.04
N SER A 76 7.47 -0.16 -10.08
CA SER A 76 8.00 1.17 -10.30
C SER A 76 9.19 1.15 -11.25
N TYR A 77 9.36 2.24 -12.00
CA TYR A 77 10.46 2.34 -12.95
C TYR A 77 11.77 1.86 -12.32
N SER A 78 12.69 1.40 -13.17
CA SER A 78 13.98 0.92 -12.70
C SER A 78 15.04 2.02 -12.78
N GLU A 79 14.66 3.22 -12.35
CA GLU A 79 15.58 4.35 -12.38
C GLU A 79 15.91 4.81 -10.97
N THR A 80 14.96 4.64 -10.05
CA THR A 80 15.16 5.04 -8.66
C THR A 80 16.15 4.12 -7.96
N LYS A 81 17.17 4.70 -7.35
CA LYS A 81 18.19 3.94 -6.65
C LYS A 81 17.56 2.83 -5.82
N ARG A 82 16.29 3.01 -5.46
CA ARG A 82 15.57 2.03 -4.66
C ARG A 82 15.23 0.80 -5.50
N LYS A 83 15.69 -0.36 -5.05
CA LYS A 83 15.43 -1.61 -5.76
C LYS A 83 14.29 -2.38 -5.09
N ASN A 84 13.58 -3.17 -5.89
CA ASN A 84 12.46 -3.97 -5.39
C ASN A 84 11.33 -3.07 -4.91
N VAL A 85 11.07 -2.00 -5.67
CA VAL A 85 10.01 -1.07 -5.33
C VAL A 85 8.85 -1.15 -6.33
N PHE A 86 7.63 -1.26 -5.80
CA PHE A 86 6.45 -1.36 -6.64
C PHE A 86 5.62 -0.09 -6.55
N ARG A 87 5.06 0.34 -7.68
CA ARG A 87 4.25 1.54 -7.73
C ARG A 87 2.76 1.19 -7.69
N LEU A 88 2.04 1.77 -6.74
CA LEU A 88 0.61 1.52 -6.60
C LEU A 88 -0.19 2.80 -6.79
N THR A 89 -1.23 2.72 -7.62
CA THR A 89 -2.07 3.88 -7.88
C THR A 89 -3.54 3.57 -7.58
N THR A 90 -4.07 4.20 -6.53
CA THR A 90 -5.45 3.99 -6.13
C THR A 90 -6.37 5.03 -6.77
N SER A 91 -7.62 4.63 -7.03
CA SER A 91 -8.58 5.53 -7.64
C SER A 91 -8.69 6.82 -6.86
N ASP A 92 -8.32 6.78 -5.59
CA ASP A 92 -8.36 7.96 -4.73
C ASP A 92 -7.08 8.77 -4.83
N CYS A 93 -5.95 8.10 -4.61
CA CYS A 93 -4.65 8.75 -4.68
C CYS A 93 -3.58 7.79 -5.19
N GLU A 94 -2.36 8.30 -5.34
CA GLU A 94 -1.25 7.49 -5.82
C GLU A 94 -0.08 7.53 -4.84
N CYS A 95 0.70 6.46 -4.81
CA CYS A 95 1.85 6.37 -3.91
C CYS A 95 2.80 5.25 -4.35
N LEU A 96 3.89 5.11 -3.62
CA LEU A 96 4.88 4.07 -3.93
C LEU A 96 5.14 3.18 -2.71
N PHE A 97 5.82 2.07 -2.93
CA PHE A 97 6.13 1.13 -1.87
C PHE A 97 7.40 0.35 -2.17
N GLN A 98 8.39 0.45 -1.28
CA GLN A 98 9.65 -0.24 -1.46
C GLN A 98 9.72 -1.48 -0.58
N ALA A 99 10.61 -2.41 -0.94
CA ALA A 99 10.77 -3.64 -0.17
C ALA A 99 12.24 -3.92 0.11
N GLU A 100 12.50 -4.97 0.88
CA GLU A 100 13.87 -5.34 1.23
C GLU A 100 14.42 -6.37 0.25
N ASP A 101 13.81 -7.55 0.25
CA ASP A 101 14.24 -8.63 -0.64
C ASP A 101 13.22 -8.86 -1.75
N ARG A 102 13.70 -9.08 -2.96
CA ARG A 102 12.83 -9.32 -4.11
C ARG A 102 11.67 -10.23 -3.73
N ASP A 103 12.01 -11.41 -3.20
CA ASP A 103 11.00 -12.38 -2.79
C ASP A 103 9.91 -11.71 -1.95
N ASP A 104 10.33 -10.84 -1.04
CA ASP A 104 9.38 -10.14 -0.17
C ASP A 104 8.50 -9.19 -0.98
N MET A 105 9.13 -8.42 -1.86
CA MET A 105 8.41 -7.47 -2.70
C MET A 105 7.29 -8.17 -3.47
N LEU A 106 7.66 -9.17 -4.26
CA LEU A 106 6.69 -9.91 -5.05
C LEU A 106 5.47 -10.30 -4.21
N ALA A 107 5.73 -10.80 -3.01
CA ALA A 107 4.66 -11.20 -2.09
C ALA A 107 3.60 -10.11 -1.99
N TRP A 108 4.04 -8.90 -1.65
CA TRP A 108 3.12 -7.77 -1.51
C TRP A 108 2.32 -7.56 -2.78
N ILE A 109 3.02 -7.25 -3.87
CA ILE A 109 2.37 -7.02 -5.15
C ILE A 109 1.23 -8.00 -5.38
N LYS A 110 1.49 -9.28 -5.14
CA LYS A 110 0.49 -10.33 -5.31
C LYS A 110 -0.66 -10.13 -4.33
N THR A 111 -0.37 -10.28 -3.04
CA THR A 111 -1.38 -10.12 -2.01
C THR A 111 -2.36 -8.99 -2.35
N ILE A 112 -1.81 -7.80 -2.55
CA ILE A 112 -2.64 -6.64 -2.89
C ILE A 112 -3.39 -6.87 -4.20
N GLN A 113 -2.65 -7.03 -5.29
CA GLN A 113 -3.25 -7.25 -6.60
C GLN A 113 -4.40 -8.24 -6.50
N GLU A 114 -4.31 -9.17 -5.55
CA GLU A 114 -5.35 -10.18 -5.35
C GLU A 114 -6.59 -9.56 -4.70
N SER A 115 -6.37 -8.66 -3.75
CA SER A 115 -7.45 -8.00 -3.05
C SER A 115 -8.23 -7.07 -3.98
N SER A 116 -7.49 -6.20 -4.67
CA SER A 116 -8.11 -5.25 -5.59
C SER A 116 -8.89 -5.98 -6.68
N ASN A 117 -8.24 -6.94 -7.33
CA ASN A 117 -8.87 -7.71 -8.38
C ASN A 117 -10.21 -8.27 -7.93
N LEU A 118 -11.03 -8.70 -8.88
CA LEU A 118 -12.33 -9.27 -8.57
C LEU A 118 -12.20 -10.50 -7.68
N ASN A 119 -12.88 -10.48 -6.54
CA ASN A 119 -12.84 -11.60 -5.60
C ASN A 119 -13.87 -12.65 -5.96
N SER A 120 -13.97 -12.95 -7.25
CA SER A 120 -14.93 -13.94 -7.75
C SER A 120 -14.31 -15.33 -7.74
N GLY A 121 -13.59 -15.66 -6.67
CA GLY A 121 -12.96 -16.96 -6.56
C GLY A 121 -13.96 -18.07 -6.34
N PRO A 122 -13.49 -19.33 -6.50
CA PRO A 122 -14.35 -20.51 -6.32
C PRO A 122 -14.73 -20.73 -4.86
N SER A 123 -15.87 -20.18 -4.46
CA SER A 123 -16.34 -20.32 -3.09
C SER A 123 -17.52 -21.29 -3.01
N SER A 124 -17.41 -22.39 -3.74
CA SER A 124 -18.45 -23.41 -3.76
C SER A 124 -17.95 -24.73 -3.18
N GLY A 125 -18.85 -25.46 -2.53
CA GLY A 125 -18.48 -26.73 -1.94
C GLY A 125 -18.36 -26.65 -0.43
N GLY A 1 -21.77 -8.09 13.01
CA GLY A 1 -23.09 -8.54 12.62
C GLY A 1 -23.07 -9.79 11.79
N SER A 2 -24.26 -10.34 11.50
CA SER A 2 -24.36 -11.56 10.72
C SER A 2 -23.30 -11.60 9.63
N SER A 3 -22.94 -10.43 9.12
CA SER A 3 -21.94 -10.32 8.06
C SER A 3 -20.84 -9.33 8.44
N GLY A 4 -19.63 -9.83 8.64
CA GLY A 4 -18.52 -8.97 9.01
C GLY A 4 -17.77 -9.48 10.22
N SER A 5 -17.34 -10.73 10.16
CA SER A 5 -16.62 -11.35 11.27
C SER A 5 -15.17 -11.63 10.88
N SER A 6 -14.99 -12.25 9.72
CA SER A 6 -13.65 -12.59 9.23
C SER A 6 -12.93 -11.33 8.74
N GLY A 7 -12.00 -10.84 9.56
CA GLY A 7 -11.25 -9.65 9.21
C GLY A 7 -9.78 -9.77 9.53
N ASP A 8 -9.15 -10.82 9.00
CA ASP A 8 -7.73 -11.06 9.23
C ASP A 8 -6.88 -10.27 8.24
N ALA A 9 -5.83 -9.61 8.75
CA ALA A 9 -4.95 -8.83 7.91
C ALA A 9 -4.31 -9.68 6.82
N ALA A 10 -4.55 -9.30 5.57
CA ALA A 10 -4.00 -10.04 4.43
C ALA A 10 -2.47 -10.04 4.46
N LYS A 11 -1.89 -8.85 4.63
CA LYS A 11 -0.44 -8.72 4.68
C LYS A 11 -0.03 -7.54 5.55
N GLU A 12 1.25 -7.49 5.92
CA GLU A 12 1.77 -6.42 6.75
C GLU A 12 3.29 -6.39 6.71
N GLY A 13 3.86 -5.24 7.11
CA GLY A 13 5.31 -5.11 7.11
C GLY A 13 5.75 -3.67 6.91
N TRP A 14 6.98 -3.37 7.30
CA TRP A 14 7.52 -2.02 7.15
C TRP A 14 7.77 -1.69 5.69
N LEU A 15 6.97 -0.76 5.16
CA LEU A 15 7.09 -0.34 3.77
C LEU A 15 7.12 1.17 3.65
N HIS A 16 7.96 1.68 2.75
CA HIS A 16 8.07 3.12 2.54
C HIS A 16 6.93 3.64 1.67
N PHE A 17 6.01 4.36 2.29
CA PHE A 17 4.86 4.92 1.57
C PHE A 17 5.14 6.34 1.12
N ARG A 18 5.29 6.53 -0.18
CA ARG A 18 5.56 7.85 -0.75
C ARG A 18 4.53 8.20 -1.81
N PRO A 19 3.52 8.99 -1.41
CA PRO A 19 2.46 9.43 -2.32
C PRO A 19 2.95 10.42 -3.37
N LEU A 20 2.45 10.29 -4.58
CA LEU A 20 2.83 11.18 -5.68
C LEU A 20 2.20 12.56 -5.50
N VAL A 21 0.92 12.59 -5.18
CA VAL A 21 0.21 13.85 -4.97
C VAL A 21 -1.17 13.60 -4.36
N THR A 22 -1.67 14.59 -3.61
CA THR A 22 -2.97 14.48 -2.98
C THR A 22 -3.82 15.72 -3.25
N ASP A 23 -5.04 15.71 -2.72
CA ASP A 23 -5.95 16.84 -2.92
C ASP A 23 -5.27 18.16 -2.58
N LYS A 24 -5.42 19.15 -3.45
CA LYS A 24 -4.82 20.46 -3.25
C LYS A 24 -5.71 21.33 -2.36
N GLY A 25 -5.39 21.39 -1.07
CA GLY A 25 -6.16 22.18 -0.14
C GLY A 25 -6.40 21.48 1.17
N LYS A 26 -5.89 20.25 1.29
CA LYS A 26 -6.05 19.47 2.51
C LYS A 26 -4.83 19.59 3.40
N ARG A 27 -4.58 20.80 3.89
CA ARG A 27 -3.43 21.06 4.76
C ARG A 27 -2.21 20.28 4.28
N VAL A 28 -1.99 20.28 2.98
CA VAL A 28 -0.86 19.58 2.39
C VAL A 28 0.10 20.55 1.71
N GLY A 29 0.48 21.60 2.42
CA GLY A 29 1.38 22.59 1.86
C GLY A 29 2.73 22.59 2.53
N GLY A 30 3.46 23.70 2.40
CA GLY A 30 4.78 23.79 3.02
C GLY A 30 5.87 23.18 2.14
N SER A 31 6.36 22.02 2.55
CA SER A 31 7.41 21.34 1.81
C SER A 31 7.15 19.83 1.77
N ILE A 32 7.37 19.23 0.59
CA ILE A 32 7.16 17.80 0.41
C ILE A 32 8.32 17.00 0.98
N ARG A 33 8.00 16.06 1.86
CA ARG A 33 9.03 15.22 2.48
C ARG A 33 9.27 13.96 1.65
N PRO A 34 10.49 13.40 1.76
CA PRO A 34 10.87 12.19 1.03
C PRO A 34 10.15 10.95 1.54
N TRP A 35 10.49 9.80 0.99
CA TRP A 35 9.88 8.54 1.38
C TRP A 35 9.58 8.53 2.87
N LYS A 36 8.40 8.01 3.23
CA LYS A 36 7.99 7.94 4.63
C LYS A 36 7.88 6.49 5.09
N GLN A 37 8.94 5.98 5.71
CA GLN A 37 8.95 4.61 6.20
C GLN A 37 8.00 4.44 7.38
N MET A 38 6.94 3.67 7.17
CA MET A 38 5.95 3.43 8.22
C MET A 38 5.31 2.06 8.04
N TYR A 39 5.03 1.39 9.17
CA TYR A 39 4.43 0.07 9.15
C TYR A 39 3.12 0.09 8.34
N VAL A 40 3.15 -0.56 7.18
CA VAL A 40 1.97 -0.62 6.32
C VAL A 40 1.24 -1.95 6.48
N VAL A 41 -0.06 -1.88 6.75
CA VAL A 41 -0.88 -3.07 6.92
C VAL A 41 -1.99 -3.13 5.88
N LEU A 42 -2.13 -4.29 5.24
CA LEU A 42 -3.15 -4.47 4.22
C LEU A 42 -4.30 -5.33 4.76
N ARG A 43 -5.42 -4.68 5.05
CA ARG A 43 -6.59 -5.39 5.57
C ARG A 43 -7.74 -5.34 4.58
N GLY A 44 -7.89 -6.42 3.80
CA GLY A 44 -8.95 -6.48 2.81
C GLY A 44 -8.67 -5.62 1.60
N HIS A 45 -9.25 -4.43 1.57
CA HIS A 45 -9.06 -3.52 0.44
C HIS A 45 -8.59 -2.15 0.93
N SER A 46 -8.17 -2.09 2.20
CA SER A 46 -7.70 -0.85 2.79
C SER A 46 -6.27 -0.99 3.31
N LEU A 47 -5.49 0.07 3.16
CA LEU A 47 -4.10 0.06 3.61
C LEU A 47 -3.92 0.95 4.84
N TYR A 48 -3.73 0.31 5.99
CA TYR A 48 -3.55 1.03 7.25
C TYR A 48 -2.07 1.17 7.58
N LEU A 49 -1.53 2.37 7.42
CA LEU A 49 -0.12 2.63 7.70
C LEU A 49 0.06 3.09 9.16
N TYR A 50 1.25 2.88 9.68
CA TYR A 50 1.56 3.26 11.06
C TYR A 50 3.03 3.65 11.20
N LYS A 51 3.27 4.71 11.96
CA LYS A 51 4.64 5.19 12.18
C LYS A 51 5.38 4.28 13.15
N ASP A 52 4.63 3.58 13.98
CA ASP A 52 5.22 2.66 14.96
C ASP A 52 4.63 1.26 14.83
N LYS A 53 5.17 0.31 15.58
CA LYS A 53 4.70 -1.06 15.54
C LYS A 53 4.09 -1.46 16.88
N ARG A 54 4.46 -0.74 17.93
CA ARG A 54 3.94 -1.01 19.28
C ARG A 54 2.42 -1.02 19.27
N GLU A 55 1.83 0.06 18.77
CA GLU A 55 0.37 0.17 18.71
C GLU A 55 -0.14 -0.13 17.30
N GLN A 56 -0.31 -1.41 17.00
CA GLN A 56 -0.80 -1.83 15.70
C GLN A 56 -2.32 -1.81 15.64
N THR A 57 -2.95 -1.97 16.81
CA THR A 57 -4.40 -1.97 16.90
C THR A 57 -4.97 -0.61 16.53
N THR A 58 -4.60 0.42 17.29
CA THR A 58 -5.07 1.77 17.04
C THR A 58 -5.01 2.11 15.56
N PRO A 59 -5.95 2.94 15.10
CA PRO A 59 -6.02 3.37 13.70
C PRO A 59 -4.88 4.31 13.31
N SER A 60 -4.76 4.58 12.02
CA SER A 60 -3.70 5.46 11.53
C SER A 60 -3.57 6.70 12.40
N GLU A 61 -2.35 6.97 12.86
CA GLU A 61 -2.09 8.12 13.71
C GLU A 61 -2.16 9.42 12.90
N GLU A 62 -1.17 9.62 12.03
CA GLU A 62 -1.12 10.82 11.20
C GLU A 62 -1.64 10.53 9.79
N GLU A 63 -1.01 9.57 9.12
CA GLU A 63 -1.42 9.19 7.77
C GLU A 63 -2.84 8.66 7.75
N GLN A 64 -3.41 8.54 6.56
CA GLN A 64 -4.77 8.04 6.40
C GLN A 64 -4.81 6.79 5.54
N PRO A 65 -5.79 5.91 5.79
CA PRO A 65 -5.96 4.67 5.04
C PRO A 65 -6.41 4.90 3.61
N ILE A 66 -5.90 4.09 2.68
CA ILE A 66 -6.25 4.22 1.27
C ILE A 66 -6.87 2.93 0.75
N SER A 67 -8.18 2.97 0.49
CA SER A 67 -8.90 1.81 -0.01
C SER A 67 -8.37 1.40 -1.38
N VAL A 68 -7.56 0.36 -1.41
CA VAL A 68 -7.00 -0.14 -2.66
C VAL A 68 -7.98 -1.06 -3.38
N ASN A 69 -9.27 -0.79 -3.21
CA ASN A 69 -10.31 -1.60 -3.85
C ASN A 69 -10.32 -1.37 -5.36
N ALA A 70 -9.85 -2.37 -6.10
CA ALA A 70 -9.82 -2.28 -7.56
C ALA A 70 -8.81 -1.24 -8.02
N CYS A 71 -7.56 -1.40 -7.57
CA CYS A 71 -6.50 -0.47 -7.93
C CYS A 71 -5.49 -1.15 -8.85
N LEU A 72 -4.56 -0.36 -9.38
CA LEU A 72 -3.53 -0.89 -10.27
C LEU A 72 -2.16 -0.87 -9.59
N ILE A 73 -1.27 -1.75 -10.05
CA ILE A 73 0.08 -1.83 -9.49
C ILE A 73 1.10 -2.14 -10.57
N ASP A 74 2.24 -1.46 -10.51
CA ASP A 74 3.31 -1.66 -11.48
C ASP A 74 4.68 -1.48 -10.84
N ILE A 75 5.63 -2.31 -11.23
CA ILE A 75 6.98 -2.25 -10.68
C ILE A 75 7.63 -0.89 -10.98
N SER A 76 7.67 -0.03 -9.97
CA SER A 76 8.25 1.30 -10.13
C SER A 76 9.43 1.26 -11.10
N TYR A 77 9.43 2.18 -12.06
CA TYR A 77 10.50 2.25 -13.05
C TYR A 77 11.86 2.02 -12.40
N SER A 78 12.85 1.71 -13.23
CA SER A 78 14.20 1.47 -12.73
C SER A 78 14.98 2.78 -12.59
N GLU A 79 14.26 3.85 -12.33
CA GLU A 79 14.87 5.16 -12.17
C GLU A 79 15.28 5.40 -10.72
N THR A 80 14.30 5.33 -9.82
CA THR A 80 14.56 5.54 -8.39
C THR A 80 15.76 4.73 -7.93
N LYS A 81 16.58 5.32 -7.07
CA LYS A 81 17.76 4.66 -6.55
C LYS A 81 17.39 3.70 -5.42
N ARG A 82 16.36 2.90 -5.64
CA ARG A 82 15.90 1.94 -4.64
C ARG A 82 15.50 0.62 -5.29
N LYS A 83 15.60 -0.46 -4.53
CA LYS A 83 15.25 -1.78 -5.03
C LYS A 83 13.95 -2.28 -4.41
N ASN A 84 13.49 -3.45 -4.84
CA ASN A 84 12.26 -4.03 -4.31
C ASN A 84 11.21 -2.95 -4.07
N VAL A 85 10.99 -2.10 -5.07
CA VAL A 85 10.01 -1.02 -4.95
C VAL A 85 8.93 -1.15 -6.01
N PHE A 86 7.67 -1.04 -5.58
CA PHE A 86 6.54 -1.14 -6.51
C PHE A 86 5.67 0.11 -6.43
N ARG A 87 5.17 0.54 -7.59
CA ARG A 87 4.32 1.72 -7.65
C ARG A 87 2.85 1.32 -7.75
N LEU A 88 2.03 1.90 -6.87
CA LEU A 88 0.60 1.61 -6.87
C LEU A 88 -0.22 2.87 -7.12
N THR A 89 -1.27 2.74 -7.92
CA THR A 89 -2.13 3.88 -8.25
C THR A 89 -3.59 3.58 -7.90
N THR A 90 -4.21 4.47 -7.14
CA THR A 90 -5.60 4.30 -6.73
C THR A 90 -6.49 5.36 -7.38
N SER A 91 -7.77 5.03 -7.55
CA SER A 91 -8.71 5.96 -8.15
C SER A 91 -8.66 7.32 -7.47
N ASP A 92 -8.15 7.33 -6.24
CA ASP A 92 -8.04 8.56 -5.47
C ASP A 92 -6.71 9.26 -5.74
N CYS A 93 -5.62 8.66 -5.29
CA CYS A 93 -4.30 9.22 -5.49
C CYS A 93 -3.28 8.12 -5.78
N GLU A 94 -2.06 8.53 -6.13
CA GLU A 94 -1.00 7.58 -6.45
C GLU A 94 0.10 7.62 -5.39
N CYS A 95 0.82 6.52 -5.26
CA CYS A 95 1.91 6.43 -4.28
C CYS A 95 2.84 5.27 -4.61
N LEU A 96 4.00 5.24 -3.93
CA LEU A 96 4.97 4.18 -4.16
C LEU A 96 5.16 3.35 -2.90
N PHE A 97 5.87 2.23 -3.03
CA PHE A 97 6.13 1.34 -1.91
C PHE A 97 7.47 0.64 -2.06
N GLN A 98 8.13 0.38 -0.93
CA GLN A 98 9.43 -0.29 -0.94
C GLN A 98 9.47 -1.40 0.09
N ALA A 99 10.06 -2.53 -0.29
CA ALA A 99 10.17 -3.68 0.60
C ALA A 99 11.61 -3.88 1.07
N GLU A 100 11.84 -4.96 1.81
CA GLU A 100 13.17 -5.25 2.33
C GLU A 100 13.91 -6.23 1.42
N ASP A 101 13.23 -7.33 1.07
CA ASP A 101 13.82 -8.33 0.19
C ASP A 101 12.93 -8.58 -1.02
N ARG A 102 13.55 -8.96 -2.13
CA ARG A 102 12.81 -9.23 -3.36
C ARG A 102 11.55 -10.02 -3.07
N ASP A 103 11.70 -11.16 -2.41
CA ASP A 103 10.56 -12.02 -2.07
C ASP A 103 9.45 -11.20 -1.43
N ASP A 104 9.81 -10.43 -0.40
CA ASP A 104 8.83 -9.60 0.31
C ASP A 104 8.09 -8.69 -0.67
N MET A 105 8.84 -8.03 -1.54
CA MET A 105 8.26 -7.13 -2.52
C MET A 105 7.19 -7.83 -3.35
N LEU A 106 7.63 -8.75 -4.22
CA LEU A 106 6.72 -9.50 -5.07
C LEU A 106 5.49 -9.94 -4.28
N ALA A 107 5.71 -10.49 -3.09
CA ALA A 107 4.63 -10.95 -2.24
C ALA A 107 3.53 -9.90 -2.13
N TRP A 108 3.93 -8.66 -1.89
CA TRP A 108 2.98 -7.55 -1.76
C TRP A 108 2.17 -7.38 -3.04
N ILE A 109 2.85 -6.98 -4.12
CA ILE A 109 2.19 -6.77 -5.40
C ILE A 109 1.12 -7.82 -5.65
N LYS A 110 1.48 -9.09 -5.45
CA LYS A 110 0.54 -10.18 -5.64
C LYS A 110 -0.57 -10.13 -4.62
N THR A 111 -0.22 -10.34 -3.36
CA THR A 111 -1.20 -10.33 -2.27
C THR A 111 -2.22 -9.22 -2.48
N ILE A 112 -1.74 -7.99 -2.65
CA ILE A 112 -2.62 -6.84 -2.85
C ILE A 112 -3.43 -7.00 -4.13
N GLN A 113 -2.75 -7.31 -5.23
CA GLN A 113 -3.42 -7.48 -6.52
C GLN A 113 -4.54 -8.51 -6.41
N GLU A 114 -4.34 -9.51 -5.56
CA GLU A 114 -5.34 -10.56 -5.37
C GLU A 114 -6.60 -10.00 -4.73
N SER A 115 -6.42 -9.22 -3.66
CA SER A 115 -7.55 -8.62 -2.95
C SER A 115 -8.21 -7.55 -3.81
N SER A 116 -7.40 -6.74 -4.48
CA SER A 116 -7.91 -5.67 -5.32
C SER A 116 -8.27 -6.20 -6.71
N ASN A 117 -9.14 -7.20 -6.75
CA ASN A 117 -9.55 -7.80 -8.01
C ASN A 117 -10.88 -8.54 -7.84
N LEU A 118 -11.89 -8.10 -8.58
CA LEU A 118 -13.21 -8.71 -8.51
C LEU A 118 -13.23 -10.05 -9.26
N ASN A 119 -13.74 -11.08 -8.61
CA ASN A 119 -13.81 -12.41 -9.20
C ASN A 119 -15.20 -12.66 -9.78
N SER A 120 -15.39 -12.27 -11.04
CA SER A 120 -16.68 -12.45 -11.71
C SER A 120 -17.10 -13.92 -11.68
N GLY A 121 -16.15 -14.80 -11.97
CA GLY A 121 -16.44 -16.23 -11.97
C GLY A 121 -16.15 -16.88 -10.63
N PRO A 122 -17.02 -17.84 -10.25
CA PRO A 122 -16.87 -18.56 -8.98
C PRO A 122 -15.67 -19.49 -8.97
N SER A 123 -15.19 -19.84 -10.16
CA SER A 123 -14.04 -20.72 -10.30
C SER A 123 -12.90 -20.27 -9.40
N SER A 124 -12.13 -21.24 -8.89
CA SER A 124 -10.99 -20.94 -8.03
C SER A 124 -10.01 -22.09 -8.00
N GLY A 125 -8.74 -21.79 -8.23
CA GLY A 125 -7.71 -22.82 -8.24
C GLY A 125 -6.79 -22.72 -9.42
N GLY A 1 1.33 -20.52 -1.29
CA GLY A 1 2.15 -20.26 -0.11
C GLY A 1 1.74 -18.98 0.59
N SER A 2 0.75 -19.07 1.47
CA SER A 2 0.27 -17.91 2.21
C SER A 2 1.24 -17.54 3.33
N SER A 3 0.98 -16.41 3.99
CA SER A 3 1.83 -15.95 5.09
C SER A 3 1.04 -15.06 6.03
N GLY A 4 1.44 -15.07 7.31
CA GLY A 4 0.76 -14.25 8.31
C GLY A 4 -0.64 -14.77 8.61
N SER A 5 -0.74 -16.07 8.84
CA SER A 5 -2.04 -16.68 9.15
C SER A 5 -2.72 -15.96 10.30
N SER A 6 -2.06 -15.94 11.45
CA SER A 6 -2.60 -15.28 12.64
C SER A 6 -2.73 -13.77 12.41
N GLY A 7 -3.90 -13.23 12.77
CA GLY A 7 -4.13 -11.81 12.60
C GLY A 7 -5.27 -11.53 11.63
N ASP A 8 -5.79 -10.31 11.69
CA ASP A 8 -6.88 -9.90 10.82
C ASP A 8 -6.38 -8.99 9.71
N ALA A 9 -5.11 -9.13 9.36
CA ALA A 9 -4.51 -8.30 8.31
C ALA A 9 -3.93 -9.18 7.20
N ALA A 10 -4.56 -9.11 6.03
CA ALA A 10 -4.12 -9.90 4.88
C ALA A 10 -2.59 -9.96 4.82
N LYS A 11 -1.95 -8.82 5.05
CA LYS A 11 -0.49 -8.75 5.02
C LYS A 11 0.00 -7.50 5.74
N GLU A 12 1.25 -7.54 6.20
CA GLU A 12 1.83 -6.41 6.91
C GLU A 12 3.36 -6.46 6.84
N GLY A 13 3.99 -5.31 6.99
CA GLY A 13 5.45 -5.24 6.94
C GLY A 13 5.95 -3.83 6.73
N TRP A 14 7.26 -3.64 6.93
CA TRP A 14 7.87 -2.33 6.75
C TRP A 14 8.09 -2.01 5.27
N LEU A 15 7.50 -0.90 4.82
CA LEU A 15 7.62 -0.49 3.43
C LEU A 15 7.70 1.03 3.33
N HIS A 16 8.49 1.52 2.39
CA HIS A 16 8.65 2.95 2.17
C HIS A 16 7.47 3.51 1.37
N PHE A 17 6.63 4.31 2.03
CA PHE A 17 5.47 4.90 1.38
C PHE A 17 5.76 6.33 0.97
N ARG A 18 5.87 6.57 -0.34
CA ARG A 18 6.15 7.90 -0.86
C ARG A 18 5.03 8.36 -1.80
N PRO A 19 4.10 9.16 -1.27
CA PRO A 19 2.98 9.69 -2.04
C PRO A 19 3.40 10.71 -3.09
N LEU A 20 2.74 10.69 -4.23
CA LEU A 20 3.06 11.62 -5.32
C LEU A 20 2.10 12.81 -5.31
N VAL A 21 0.80 12.52 -5.23
CA VAL A 21 -0.21 13.56 -5.21
C VAL A 21 -0.95 13.59 -3.88
N THR A 22 -1.17 14.79 -3.37
CA THR A 22 -1.88 14.95 -2.09
C THR A 22 -2.92 16.06 -2.18
N ASP A 23 -3.71 16.20 -1.12
CA ASP A 23 -4.75 17.23 -1.07
C ASP A 23 -4.13 18.62 -1.01
N LYS A 24 -4.01 19.25 -2.17
CA LYS A 24 -3.43 20.59 -2.24
C LYS A 24 -3.88 21.44 -1.06
N GLY A 25 -3.06 21.48 -0.01
CA GLY A 25 -3.39 22.25 1.16
C GLY A 25 -4.36 21.53 2.08
N LYS A 26 -5.24 22.30 2.74
CA LYS A 26 -6.22 21.73 3.65
C LYS A 26 -5.53 21.12 4.87
N ARG A 27 -4.51 21.82 5.38
CA ARG A 27 -3.78 21.35 6.55
C ARG A 27 -3.15 19.99 6.29
N VAL A 28 -2.55 19.84 5.12
CA VAL A 28 -1.90 18.58 4.75
C VAL A 28 -1.17 18.71 3.42
N GLY A 29 -0.04 18.01 3.30
CA GLY A 29 0.73 18.06 2.07
C GLY A 29 1.65 19.27 2.02
N GLY A 30 2.73 19.15 1.26
CA GLY A 30 3.68 20.24 1.14
C GLY A 30 4.53 20.14 -0.12
N SER A 31 5.83 20.33 0.03
CA SER A 31 6.75 20.27 -1.10
C SER A 31 7.34 18.87 -1.24
N ILE A 32 8.26 18.72 -2.19
CA ILE A 32 8.90 17.43 -2.43
C ILE A 32 9.50 16.87 -1.14
N ARG A 33 9.27 15.58 -0.90
CA ARG A 33 9.78 14.92 0.28
C ARG A 33 10.29 13.52 -0.04
N PRO A 34 11.36 13.11 0.64
CA PRO A 34 11.97 11.78 0.43
C PRO A 34 11.09 10.66 0.96
N TRP A 35 11.41 9.44 0.56
CA TRP A 35 10.65 8.26 1.00
C TRP A 35 10.32 8.35 2.47
N LYS A 36 9.18 7.79 2.87
CA LYS A 36 8.75 7.80 4.26
C LYS A 36 8.53 6.38 4.77
N GLN A 37 9.49 5.88 5.53
CA GLN A 37 9.40 4.52 6.08
C GLN A 37 8.36 4.46 7.20
N MET A 38 7.31 3.67 6.98
CA MET A 38 6.26 3.52 7.98
C MET A 38 5.57 2.16 7.83
N TYR A 39 5.50 1.42 8.94
CA TYR A 39 4.88 0.11 8.94
C TYR A 39 3.56 0.13 8.19
N VAL A 40 3.55 -0.47 7.00
CA VAL A 40 2.34 -0.52 6.18
C VAL A 40 1.57 -1.81 6.42
N VAL A 41 0.28 -1.67 6.67
CA VAL A 41 -0.58 -2.83 6.92
C VAL A 41 -1.72 -2.89 5.91
N LEU A 42 -2.01 -4.10 5.43
CA LEU A 42 -3.08 -4.30 4.46
C LEU A 42 -4.23 -5.11 5.07
N ARG A 43 -5.35 -4.43 5.31
CA ARG A 43 -6.52 -5.08 5.89
C ARG A 43 -7.72 -5.00 4.94
N GLY A 44 -8.13 -6.16 4.42
CA GLY A 44 -9.25 -6.19 3.50
C GLY A 44 -8.96 -5.47 2.20
N HIS A 45 -9.47 -4.26 2.08
CA HIS A 45 -9.27 -3.46 0.87
C HIS A 45 -8.69 -2.10 1.21
N SER A 46 -8.22 -1.94 2.45
CA SER A 46 -7.66 -0.68 2.91
C SER A 46 -6.20 -0.86 3.33
N LEU A 47 -5.47 0.25 3.39
CA LEU A 47 -4.06 0.21 3.79
C LEU A 47 -3.81 1.12 4.98
N TYR A 48 -3.40 0.54 6.09
CA TYR A 48 -3.11 1.31 7.30
C TYR A 48 -1.61 1.40 7.54
N LEU A 49 -1.09 2.62 7.44
CA LEU A 49 0.34 2.86 7.64
C LEU A 49 0.61 3.35 9.07
N TYR A 50 1.81 3.05 9.56
CA TYR A 50 2.19 3.46 10.91
C TYR A 50 3.65 3.89 10.96
N LYS A 51 3.92 5.01 11.63
CA LYS A 51 5.29 5.52 11.75
C LYS A 51 6.23 4.43 12.21
N ASP A 52 5.72 3.47 12.96
CA ASP A 52 6.52 2.36 13.46
C ASP A 52 5.64 1.19 13.88
N LYS A 53 6.00 -0.01 13.44
CA LYS A 53 5.24 -1.21 13.77
C LYS A 53 4.77 -1.18 15.21
N ARG A 54 5.71 -1.00 16.14
CA ARG A 54 5.39 -0.95 17.56
C ARG A 54 4.56 0.30 17.88
N GLU A 55 4.06 0.35 19.11
CA GLU A 55 3.25 1.49 19.55
C GLU A 55 2.37 2.00 18.41
N GLN A 56 1.58 1.09 17.84
CA GLN A 56 0.69 1.45 16.73
C GLN A 56 -0.07 2.73 17.04
N THR A 57 -0.15 3.07 18.32
CA THR A 57 -0.85 4.28 18.75
C THR A 57 -0.04 5.53 18.44
N THR A 58 0.37 5.67 17.18
CA THR A 58 1.16 6.82 16.76
C THR A 58 0.25 7.99 16.39
N PRO A 59 0.82 9.21 16.46
CA PRO A 59 0.08 10.44 16.14
C PRO A 59 -0.23 10.55 14.65
N SER A 60 0.52 9.81 13.83
CA SER A 60 0.33 9.83 12.39
C SER A 60 -0.85 8.95 11.98
N GLU A 61 -1.19 8.01 12.85
CA GLU A 61 -2.30 7.09 12.57
C GLU A 61 -3.42 7.80 11.81
N GLU A 62 -3.57 9.10 12.07
CA GLU A 62 -4.61 9.89 11.40
C GLU A 62 -4.65 9.57 9.92
N GLU A 63 -3.50 9.61 9.27
CA GLU A 63 -3.42 9.32 7.84
C GLU A 63 -4.46 8.27 7.44
N GLN A 64 -5.59 8.75 6.91
CA GLN A 64 -6.66 7.86 6.49
C GLN A 64 -6.12 6.73 5.61
N PRO A 65 -6.76 5.56 5.68
CA PRO A 65 -6.36 4.39 4.90
C PRO A 65 -6.65 4.56 3.40
N ILE A 66 -5.77 4.02 2.57
CA ILE A 66 -5.93 4.11 1.13
C ILE A 66 -6.62 2.86 0.57
N SER A 67 -7.85 3.03 0.11
CA SER A 67 -8.61 1.93 -0.45
C SER A 67 -7.96 1.39 -1.72
N VAL A 68 -7.43 0.18 -1.64
CA VAL A 68 -6.77 -0.44 -2.79
C VAL A 68 -7.76 -1.28 -3.60
N ASN A 69 -8.96 -1.44 -3.07
CA ASN A 69 -10.00 -2.22 -3.75
C ASN A 69 -9.90 -2.05 -5.26
N ALA A 70 -9.58 -0.84 -5.70
CA ALA A 70 -9.46 -0.54 -7.12
C ALA A 70 -8.19 0.26 -7.41
N CYS A 71 -7.04 -0.34 -7.19
CA CYS A 71 -5.76 0.32 -7.42
C CYS A 71 -5.01 -0.35 -8.57
N LEU A 72 -3.85 0.22 -8.90
CA LEU A 72 -3.02 -0.32 -9.99
C LEU A 72 -1.56 -0.39 -9.56
N ILE A 73 -1.05 -1.61 -9.42
CA ILE A 73 0.34 -1.82 -9.03
C ILE A 73 1.22 -2.07 -10.25
N ASP A 74 2.44 -1.54 -10.20
CA ASP A 74 3.38 -1.70 -11.30
C ASP A 74 4.81 -1.47 -10.83
N ILE A 75 5.67 -2.47 -11.02
CA ILE A 75 7.07 -2.36 -10.61
C ILE A 75 7.65 -1.01 -11.01
N SER A 76 7.78 -0.12 -10.03
CA SER A 76 8.33 1.21 -10.27
C SER A 76 9.52 1.14 -11.23
N TYR A 77 9.84 2.28 -11.85
CA TYR A 77 10.95 2.34 -12.79
C TYR A 77 12.26 1.91 -12.12
N SER A 78 13.07 1.16 -12.85
CA SER A 78 14.34 0.68 -12.33
C SER A 78 15.28 1.85 -12.02
N GLU A 79 15.34 2.81 -12.93
CA GLU A 79 16.19 3.97 -12.75
C GLU A 79 16.14 4.47 -11.31
N THR A 80 15.03 4.19 -10.63
CA THR A 80 14.86 4.61 -9.25
C THR A 80 15.95 4.02 -8.36
N LYS A 81 16.78 4.89 -7.79
CA LYS A 81 17.85 4.45 -6.91
C LYS A 81 17.41 3.29 -6.03
N ARG A 82 16.21 3.42 -5.46
CA ARG A 82 15.66 2.39 -4.60
C ARG A 82 15.69 1.02 -5.28
N LYS A 83 15.34 -0.03 -4.54
CA LYS A 83 15.32 -1.37 -5.09
C LYS A 83 14.03 -2.09 -4.72
N ASN A 84 13.62 -3.04 -5.56
CA ASN A 84 12.39 -3.80 -5.33
C ASN A 84 11.26 -2.88 -4.91
N VAL A 85 11.00 -1.85 -5.71
CA VAL A 85 9.94 -0.89 -5.42
C VAL A 85 8.78 -1.05 -6.40
N PHE A 86 7.56 -1.08 -5.87
CA PHE A 86 6.37 -1.24 -6.69
C PHE A 86 5.48 0.01 -6.60
N ARG A 87 5.09 0.53 -7.75
CA ARG A 87 4.24 1.72 -7.80
C ARG A 87 2.77 1.34 -7.80
N LEU A 88 2.02 1.90 -6.86
CA LEU A 88 0.59 1.61 -6.76
C LEU A 88 -0.24 2.88 -6.96
N THR A 89 -1.31 2.76 -7.73
CA THR A 89 -2.19 3.89 -8.01
C THR A 89 -3.61 3.60 -7.57
N THR A 90 -4.12 4.43 -6.65
CA THR A 90 -5.47 4.27 -6.14
C THR A 90 -6.39 5.39 -6.63
N SER A 91 -7.62 5.03 -6.99
CA SER A 91 -8.58 6.00 -7.48
C SER A 91 -8.53 7.28 -6.67
N ASP A 92 -8.07 7.18 -5.43
CA ASP A 92 -7.95 8.33 -4.54
C ASP A 92 -6.68 9.10 -4.83
N CYS A 93 -5.53 8.48 -4.54
CA CYS A 93 -4.24 9.12 -4.76
C CYS A 93 -3.18 8.09 -5.10
N GLU A 94 -2.03 8.56 -5.57
CA GLU A 94 -0.93 7.67 -5.94
C GLU A 94 0.14 7.64 -4.85
N CYS A 95 0.95 6.59 -4.86
CA CYS A 95 2.01 6.44 -3.87
C CYS A 95 2.98 5.33 -4.27
N LEU A 96 4.19 5.38 -3.72
CA LEU A 96 5.20 4.38 -4.02
C LEU A 96 5.39 3.42 -2.85
N PHE A 97 5.96 2.25 -3.13
CA PHE A 97 6.19 1.25 -2.10
C PHE A 97 7.49 0.49 -2.36
N GLN A 98 8.27 0.28 -1.31
CA GLN A 98 9.54 -0.43 -1.42
C GLN A 98 9.51 -1.74 -0.63
N ALA A 99 10.49 -2.59 -0.89
CA ALA A 99 10.57 -3.88 -0.20
C ALA A 99 12.02 -4.21 0.16
N GLU A 100 12.19 -4.91 1.28
CA GLU A 100 13.52 -5.29 1.74
C GLU A 100 14.18 -6.26 0.76
N ASP A 101 13.55 -7.42 0.58
CA ASP A 101 14.07 -8.43 -0.33
C ASP A 101 13.06 -8.75 -1.42
N ARG A 102 13.56 -8.96 -2.64
CA ARG A 102 12.70 -9.27 -3.77
C ARG A 102 11.50 -10.09 -3.34
N ASP A 103 11.77 -11.23 -2.70
CA ASP A 103 10.71 -12.11 -2.23
C ASP A 103 9.58 -11.31 -1.59
N ASP A 104 9.92 -10.50 -0.60
CA ASP A 104 8.93 -9.68 0.09
C ASP A 104 8.07 -8.91 -0.90
N MET A 105 8.72 -8.21 -1.82
CA MET A 105 8.00 -7.44 -2.83
C MET A 105 6.92 -8.29 -3.50
N LEU A 106 7.35 -9.27 -4.29
CA LEU A 106 6.43 -10.14 -4.99
C LEU A 106 5.23 -10.49 -4.11
N ALA A 107 5.51 -10.91 -2.88
CA ALA A 107 4.46 -11.27 -1.94
C ALA A 107 3.43 -10.16 -1.82
N TRP A 108 3.90 -8.94 -1.54
CA TRP A 108 3.01 -7.79 -1.40
C TRP A 108 2.20 -7.58 -2.68
N ILE A 109 2.89 -7.28 -3.77
CA ILE A 109 2.23 -7.06 -5.05
C ILE A 109 1.07 -8.02 -5.26
N LYS A 110 1.35 -9.31 -5.09
CA LYS A 110 0.33 -10.35 -5.25
C LYS A 110 -0.81 -10.15 -4.25
N THR A 111 -0.50 -10.30 -2.98
CA THR A 111 -1.49 -10.14 -1.92
C THR A 111 -2.44 -8.99 -2.24
N ILE A 112 -1.88 -7.79 -2.39
CA ILE A 112 -2.67 -6.61 -2.69
C ILE A 112 -3.45 -6.79 -4.00
N GLN A 113 -2.73 -7.06 -5.08
CA GLN A 113 -3.35 -7.26 -6.38
C GLN A 113 -4.53 -8.21 -6.28
N GLU A 114 -4.43 -9.18 -5.38
CA GLU A 114 -5.49 -10.17 -5.18
C GLU A 114 -6.73 -9.52 -4.57
N SER A 115 -6.50 -8.57 -3.66
CA SER A 115 -7.60 -7.88 -2.99
C SER A 115 -8.25 -6.87 -3.92
N SER A 116 -7.44 -6.20 -4.72
CA SER A 116 -7.94 -5.20 -5.66
C SER A 116 -8.34 -5.85 -6.98
N ASN A 117 -8.95 -7.02 -6.90
CA ASN A 117 -9.38 -7.75 -8.09
C ASN A 117 -10.75 -8.38 -7.87
N LEU A 118 -11.69 -8.09 -8.75
CA LEU A 118 -13.04 -8.63 -8.66
C LEU A 118 -13.00 -10.09 -8.18
N ASN A 119 -13.82 -10.40 -7.19
CA ASN A 119 -13.89 -11.76 -6.65
C ASN A 119 -14.30 -12.75 -7.73
N SER A 120 -14.18 -14.04 -7.41
CA SER A 120 -14.54 -15.09 -8.36
C SER A 120 -16.06 -15.17 -8.53
N GLY A 121 -16.54 -14.70 -9.67
CA GLY A 121 -17.97 -14.73 -9.94
C GLY A 121 -18.53 -13.36 -10.29
N PRO A 122 -18.31 -12.93 -11.53
CA PRO A 122 -18.78 -11.63 -12.02
C PRO A 122 -20.29 -11.58 -12.18
N SER A 123 -20.96 -10.98 -11.20
CA SER A 123 -22.41 -10.87 -11.21
C SER A 123 -22.86 -9.77 -12.18
N SER A 124 -22.37 -8.56 -11.96
CA SER A 124 -22.72 -7.43 -12.80
C SER A 124 -21.59 -7.09 -13.77
N GLY A 125 -20.98 -8.13 -14.34
CA GLY A 125 -19.89 -7.92 -15.27
C GLY A 125 -20.08 -6.69 -16.14
N GLY A 1 -7.36 -22.79 0.27
CA GLY A 1 -6.18 -21.95 0.12
C GLY A 1 -5.54 -21.59 1.44
N SER A 2 -4.69 -22.48 1.95
CA SER A 2 -4.02 -22.26 3.22
C SER A 2 -2.66 -21.60 3.01
N SER A 3 -2.63 -20.27 3.13
CA SER A 3 -1.39 -19.52 2.94
C SER A 3 -0.50 -19.62 4.18
N GLY A 4 -1.05 -19.24 5.33
CA GLY A 4 -0.30 -19.30 6.56
C GLY A 4 -0.17 -17.93 7.23
N SER A 5 -1.29 -17.40 7.71
CA SER A 5 -1.30 -16.10 8.36
C SER A 5 -1.79 -16.22 9.80
N SER A 6 -1.13 -15.50 10.70
CA SER A 6 -1.49 -15.52 12.12
C SER A 6 -2.08 -14.18 12.54
N GLY A 7 -2.91 -13.60 11.69
CA GLY A 7 -3.52 -12.32 12.00
C GLY A 7 -4.71 -12.01 11.11
N ASP A 8 -5.43 -10.94 11.44
CA ASP A 8 -6.60 -10.54 10.66
C ASP A 8 -6.21 -9.58 9.55
N ALA A 9 -4.95 -9.66 9.12
CA ALA A 9 -4.45 -8.80 8.05
C ALA A 9 -3.79 -9.61 6.95
N ALA A 10 -4.31 -9.51 5.74
CA ALA A 10 -3.76 -10.23 4.60
C ALA A 10 -2.23 -10.23 4.63
N LYS A 11 -1.65 -9.06 4.82
CA LYS A 11 -0.19 -8.92 4.86
C LYS A 11 0.21 -7.74 5.73
N GLU A 12 1.44 -7.76 6.22
CA GLU A 12 1.96 -6.70 7.07
C GLU A 12 3.49 -6.67 7.07
N GLY A 13 4.06 -5.52 7.35
CA GLY A 13 5.50 -5.38 7.38
C GLY A 13 5.97 -3.96 7.14
N TRP A 14 7.19 -3.66 7.55
CA TRP A 14 7.74 -2.32 7.38
C TRP A 14 7.97 -2.01 5.91
N LEU A 15 7.29 -0.98 5.40
CA LEU A 15 7.42 -0.57 4.01
C LEU A 15 7.49 0.94 3.88
N HIS A 16 8.31 1.41 2.95
CA HIS A 16 8.47 2.85 2.72
C HIS A 16 7.34 3.38 1.86
N PHE A 17 6.44 4.16 2.46
CA PHE A 17 5.32 4.74 1.75
C PHE A 17 5.66 6.15 1.24
N ARG A 18 5.80 6.27 -0.08
CA ARG A 18 6.12 7.55 -0.68
C ARG A 18 5.02 8.01 -1.62
N PRO A 19 4.13 8.88 -1.12
CA PRO A 19 3.00 9.41 -1.89
C PRO A 19 3.45 10.36 -3.00
N LEU A 20 2.78 10.28 -4.15
CA LEU A 20 3.12 11.13 -5.28
C LEU A 20 2.29 12.42 -5.27
N VAL A 21 0.98 12.26 -5.22
CA VAL A 21 0.07 13.41 -5.20
C VAL A 21 -0.98 13.24 -4.10
N THR A 22 -1.36 14.36 -3.48
CA THR A 22 -2.35 14.34 -2.42
C THR A 22 -3.36 15.48 -2.60
N ASP A 23 -2.86 16.71 -2.63
CA ASP A 23 -3.72 17.87 -2.80
C ASP A 23 -3.96 18.16 -4.27
N LYS A 24 -4.90 19.06 -4.54
CA LYS A 24 -5.24 19.42 -5.91
C LYS A 24 -4.95 20.89 -6.18
N GLY A 25 -3.68 21.22 -6.39
CA GLY A 25 -3.29 22.59 -6.64
C GLY A 25 -3.29 23.44 -5.39
N LYS A 26 -2.47 23.06 -4.42
CA LYS A 26 -2.37 23.78 -3.16
C LYS A 26 -0.95 23.73 -2.61
N ARG A 27 -0.55 24.80 -1.93
CA ARG A 27 0.78 24.89 -1.35
C ARG A 27 0.76 24.51 0.13
N VAL A 28 0.04 23.44 0.45
CA VAL A 28 -0.05 22.99 1.84
C VAL A 28 0.55 21.59 2.00
N GLY A 29 0.37 20.75 0.99
CA GLY A 29 0.91 19.40 1.05
C GLY A 29 2.43 19.39 1.09
N GLY A 30 2.99 18.25 1.49
CA GLY A 30 4.44 18.13 1.56
C GLY A 30 5.12 18.60 0.29
N SER A 31 6.40 18.96 0.42
CA SER A 31 7.17 19.43 -0.73
C SER A 31 8.16 18.37 -1.18
N ILE A 32 7.76 17.57 -2.16
CA ILE A 32 8.61 16.51 -2.70
C ILE A 32 9.39 15.83 -1.58
N ARG A 33 8.70 15.55 -0.48
CA ARG A 33 9.33 14.89 0.67
C ARG A 33 9.83 13.50 0.29
N PRO A 34 10.90 13.05 0.95
CA PRO A 34 11.50 11.73 0.70
C PRO A 34 10.60 10.59 1.17
N TRP A 35 10.99 9.37 0.85
CA TRP A 35 10.22 8.19 1.24
C TRP A 35 9.91 8.22 2.73
N LYS A 36 8.72 7.72 3.09
CA LYS A 36 8.29 7.70 4.48
C LYS A 36 8.21 6.27 5.00
N GLN A 37 9.07 5.94 5.95
CA GLN A 37 9.11 4.60 6.54
C GLN A 37 8.07 4.47 7.64
N MET A 38 6.98 3.77 7.34
CA MET A 38 5.91 3.56 8.32
C MET A 38 5.25 2.21 8.12
N TYR A 39 5.21 1.42 9.19
CA TYR A 39 4.60 0.09 9.14
C TYR A 39 3.33 0.10 8.31
N VAL A 40 3.35 -0.61 7.19
CA VAL A 40 2.18 -0.69 6.31
C VAL A 40 1.46 -2.01 6.47
N VAL A 41 0.18 -1.94 6.83
CA VAL A 41 -0.64 -3.14 7.01
C VAL A 41 -1.76 -3.20 5.99
N LEU A 42 -2.03 -4.39 5.48
CA LEU A 42 -3.09 -4.58 4.49
C LEU A 42 -4.25 -5.37 5.09
N ARG A 43 -5.41 -4.72 5.18
CA ARG A 43 -6.60 -5.36 5.73
C ARG A 43 -7.80 -5.18 4.80
N GLY A 44 -8.27 -6.28 4.23
CA GLY A 44 -9.41 -6.23 3.33
C GLY A 44 -9.07 -5.56 2.01
N HIS A 45 -9.68 -4.42 1.75
CA HIS A 45 -9.44 -3.69 0.51
C HIS A 45 -8.85 -2.31 0.80
N SER A 46 -8.40 -2.11 2.04
CA SER A 46 -7.82 -0.83 2.44
C SER A 46 -6.44 -1.04 3.05
N LEU A 47 -5.59 -0.03 2.91
CA LEU A 47 -4.23 -0.09 3.45
C LEU A 47 -4.08 0.81 4.67
N TYR A 48 -3.68 0.22 5.78
CA TYR A 48 -3.51 0.98 7.03
C TYR A 48 -2.02 1.08 7.39
N LEU A 49 -1.49 2.30 7.30
CA LEU A 49 -0.09 2.54 7.63
C LEU A 49 0.07 3.03 9.07
N TYR A 50 1.27 2.89 9.61
CA TYR A 50 1.54 3.32 10.97
C TYR A 50 3.02 3.68 11.13
N LYS A 51 3.27 4.81 11.81
CA LYS A 51 4.63 5.28 12.04
C LYS A 51 5.42 4.27 12.84
N ASP A 52 4.76 3.64 13.82
CA ASP A 52 5.41 2.64 14.66
C ASP A 52 4.64 1.33 14.62
N LYS A 53 5.21 0.30 15.28
CA LYS A 53 4.58 -1.01 15.32
C LYS A 53 3.55 -1.10 16.43
N ARG A 54 3.98 -0.79 17.65
CA ARG A 54 3.09 -0.84 18.81
C ARG A 54 1.83 -0.01 18.56
N GLU A 55 0.78 -0.31 19.30
CA GLU A 55 -0.49 0.39 19.16
C GLU A 55 -1.07 0.20 17.75
N GLN A 56 -1.14 -1.06 17.32
CA GLN A 56 -1.67 -1.38 16.00
C GLN A 56 -3.18 -1.62 16.06
N THR A 57 -3.79 -1.18 17.14
CA THR A 57 -5.23 -1.36 17.33
C THR A 57 -6.02 -0.36 16.49
N THR A 58 -5.67 0.92 16.63
CA THR A 58 -6.35 1.98 15.89
C THR A 58 -5.72 2.18 14.52
N PRO A 59 -6.51 2.72 13.57
CA PRO A 59 -6.05 2.97 12.20
C PRO A 59 -5.03 4.10 12.14
N SER A 60 -4.52 4.37 10.95
CA SER A 60 -3.54 5.42 10.74
C SER A 60 -3.81 6.60 11.66
N GLU A 61 -2.79 7.01 12.42
CA GLU A 61 -2.92 8.13 13.34
C GLU A 61 -3.11 9.44 12.58
N GLU A 62 -2.11 9.82 11.81
CA GLU A 62 -2.15 11.06 11.04
C GLU A 62 -2.64 10.79 9.62
N GLU A 63 -1.89 9.98 8.89
CA GLU A 63 -2.25 9.64 7.51
C GLU A 63 -3.64 9.00 7.45
N GLN A 64 -4.16 8.83 6.23
CA GLN A 64 -5.47 8.25 6.04
C GLN A 64 -5.37 6.96 5.22
N PRO A 65 -6.34 6.06 5.42
CA PRO A 65 -6.39 4.77 4.72
C PRO A 65 -6.72 4.94 3.23
N ILE A 66 -6.10 4.12 2.40
CA ILE A 66 -6.32 4.18 0.96
C ILE A 66 -7.05 2.92 0.47
N SER A 67 -8.18 3.13 -0.20
CA SER A 67 -8.97 2.02 -0.73
C SER A 67 -8.32 1.44 -1.98
N VAL A 68 -7.75 0.24 -1.83
CA VAL A 68 -7.10 -0.44 -2.95
C VAL A 68 -8.09 -1.28 -3.73
N ASN A 69 -9.30 -1.41 -3.21
CA ASN A 69 -10.35 -2.20 -3.86
C ASN A 69 -10.23 -2.10 -5.37
N ALA A 70 -10.01 -0.88 -5.87
CA ALA A 70 -9.87 -0.65 -7.30
C ALA A 70 -8.60 0.14 -7.61
N CYS A 71 -7.45 -0.47 -7.33
CA CYS A 71 -6.17 0.18 -7.58
C CYS A 71 -5.38 -0.57 -8.66
N LEU A 72 -4.21 -0.05 -8.99
CA LEU A 72 -3.37 -0.66 -10.01
C LEU A 72 -1.91 -0.72 -9.55
N ILE A 73 -1.33 -1.91 -9.58
CA ILE A 73 0.04 -2.11 -9.17
C ILE A 73 0.95 -2.39 -10.36
N ASP A 74 2.18 -1.90 -10.29
CA ASP A 74 3.14 -2.10 -11.37
C ASP A 74 4.56 -1.85 -10.89
N ILE A 75 5.43 -2.85 -11.03
CA ILE A 75 6.82 -2.73 -10.62
C ILE A 75 7.39 -1.37 -10.98
N SER A 76 7.38 -0.45 -10.02
CA SER A 76 7.89 0.90 -10.24
C SER A 76 9.09 0.88 -11.19
N TYR A 77 9.28 1.97 -11.91
CA TYR A 77 10.39 2.07 -12.85
C TYR A 77 11.71 1.74 -12.18
N SER A 78 12.26 0.57 -12.49
CA SER A 78 13.53 0.14 -11.91
C SER A 78 14.55 1.27 -11.90
N GLU A 79 14.35 2.24 -12.80
CA GLU A 79 15.24 3.38 -12.90
C GLU A 79 15.52 3.98 -11.52
N THR A 80 14.47 4.12 -10.71
CA THR A 80 14.59 4.68 -9.37
C THR A 80 15.68 3.94 -8.58
N LYS A 81 16.72 4.69 -8.21
CA LYS A 81 17.82 4.10 -7.44
C LYS A 81 17.32 3.03 -6.49
N ARG A 82 16.16 3.28 -5.89
CA ARG A 82 15.56 2.33 -4.95
C ARG A 82 15.26 1.00 -5.64
N LYS A 83 15.62 -0.10 -4.98
CA LYS A 83 15.38 -1.43 -5.54
C LYS A 83 14.23 -2.12 -4.82
N ASN A 84 13.66 -3.13 -5.46
CA ASN A 84 12.55 -3.88 -4.88
C ASN A 84 11.41 -2.95 -4.50
N VAL A 85 11.08 -2.03 -5.40
CA VAL A 85 10.00 -1.08 -5.16
C VAL A 85 8.88 -1.26 -6.17
N PHE A 86 7.65 -1.29 -5.66
CA PHE A 86 6.48 -1.46 -6.51
C PHE A 86 5.60 -0.21 -6.51
N ARG A 87 5.01 0.10 -7.65
CA ARG A 87 4.15 1.27 -7.77
C ARG A 87 2.68 0.89 -7.63
N LEU A 88 1.93 1.69 -6.88
CA LEU A 88 0.51 1.43 -6.66
C LEU A 88 -0.30 2.71 -6.86
N THR A 89 -1.32 2.63 -7.71
CA THR A 89 -2.18 3.77 -8.00
C THR A 89 -3.61 3.51 -7.52
N THR A 90 -4.10 4.38 -6.65
CA THR A 90 -5.44 4.25 -6.11
C THR A 90 -6.31 5.44 -6.51
N SER A 91 -7.57 5.15 -6.85
CA SER A 91 -8.49 6.20 -7.26
C SER A 91 -8.36 7.43 -6.37
N ASP A 92 -8.01 7.20 -5.11
CA ASP A 92 -7.85 8.29 -4.15
C ASP A 92 -6.61 9.11 -4.48
N CYS A 93 -5.43 8.49 -4.34
CA CYS A 93 -4.17 9.17 -4.61
C CYS A 93 -3.09 8.17 -4.99
N GLU A 94 -2.11 8.64 -5.74
CA GLU A 94 -1.00 7.78 -6.17
C GLU A 94 0.16 7.86 -5.19
N CYS A 95 0.83 6.72 -4.99
CA CYS A 95 1.96 6.66 -4.07
C CYS A 95 2.94 5.55 -4.48
N LEU A 96 4.00 5.39 -3.70
CA LEU A 96 5.01 4.37 -3.99
C LEU A 96 5.29 3.53 -2.75
N PHE A 97 5.78 2.31 -2.97
CA PHE A 97 6.09 1.41 -1.87
C PHE A 97 7.38 0.64 -2.16
N GLN A 98 8.35 0.76 -1.26
CA GLN A 98 9.63 0.07 -1.42
C GLN A 98 9.70 -1.15 -0.50
N ALA A 99 10.63 -2.05 -0.81
CA ALA A 99 10.82 -3.25 0.00
C ALA A 99 12.29 -3.54 0.22
N GLU A 100 12.57 -4.67 0.88
CA GLU A 100 13.94 -5.06 1.16
C GLU A 100 14.46 -6.05 0.11
N ASP A 101 13.81 -7.20 0.02
CA ASP A 101 14.20 -8.22 -0.95
C ASP A 101 13.15 -8.38 -2.03
N ARG A 102 13.59 -8.68 -3.24
CA ARG A 102 12.68 -8.86 -4.37
C ARG A 102 11.48 -9.73 -3.97
N ASP A 103 11.78 -10.87 -3.36
CA ASP A 103 10.72 -11.79 -2.93
C ASP A 103 9.66 -11.06 -2.11
N ASP A 104 10.10 -10.36 -1.07
CA ASP A 104 9.19 -9.61 -0.21
C ASP A 104 8.38 -8.61 -1.03
N MET A 105 9.05 -7.95 -1.97
CA MET A 105 8.39 -6.95 -2.80
C MET A 105 7.25 -7.58 -3.61
N LEU A 106 7.56 -8.71 -4.27
CA LEU A 106 6.56 -9.40 -5.07
C LEU A 106 5.39 -9.87 -4.22
N ALA A 107 5.70 -10.53 -3.11
CA ALA A 107 4.67 -11.03 -2.20
C ALA A 107 3.61 -9.96 -1.95
N TRP A 108 4.06 -8.72 -1.74
CA TRP A 108 3.15 -7.62 -1.48
C TRP A 108 2.29 -7.33 -2.71
N ILE A 109 2.94 -7.15 -3.85
CA ILE A 109 2.21 -6.87 -5.09
C ILE A 109 1.08 -7.86 -5.32
N LYS A 110 1.40 -9.15 -5.24
CA LYS A 110 0.42 -10.20 -5.43
C LYS A 110 -0.71 -10.06 -4.42
N THR A 111 -0.39 -10.24 -3.15
CA THR A 111 -1.38 -10.14 -2.08
C THR A 111 -2.33 -8.97 -2.32
N ILE A 112 -1.77 -7.77 -2.39
CA ILE A 112 -2.57 -6.57 -2.63
C ILE A 112 -3.44 -6.71 -3.87
N GLN A 113 -2.79 -7.02 -5.00
CA GLN A 113 -3.52 -7.18 -6.26
C GLN A 113 -4.71 -8.11 -6.08
N GLU A 114 -4.51 -9.21 -5.37
CA GLU A 114 -5.58 -10.17 -5.14
C GLU A 114 -6.80 -9.49 -4.52
N SER A 115 -6.56 -8.69 -3.49
CA SER A 115 -7.64 -7.97 -2.81
C SER A 115 -8.30 -6.96 -3.75
N SER A 116 -7.49 -6.31 -4.57
CA SER A 116 -7.99 -5.31 -5.51
C SER A 116 -8.48 -5.98 -6.79
N ASN A 117 -9.24 -7.05 -6.64
CA ASN A 117 -9.77 -7.78 -7.79
C ASN A 117 -11.06 -8.52 -7.41
N LEU A 118 -12.18 -8.05 -7.97
CA LEU A 118 -13.48 -8.67 -7.69
C LEU A 118 -13.37 -10.19 -7.72
N ASN A 119 -14.00 -10.84 -6.75
CA ASN A 119 -13.98 -12.29 -6.66
C ASN A 119 -15.39 -12.86 -6.73
N SER A 120 -16.31 -12.25 -5.98
CA SER A 120 -17.70 -12.70 -5.95
C SER A 120 -18.64 -11.55 -6.27
N GLY A 121 -18.90 -11.34 -7.56
CA GLY A 121 -19.79 -10.28 -7.98
C GLY A 121 -20.59 -10.63 -9.22
N PRO A 122 -19.92 -10.66 -10.37
CA PRO A 122 -20.56 -10.99 -11.66
C PRO A 122 -20.96 -12.46 -11.74
N SER A 123 -20.25 -13.31 -11.01
CA SER A 123 -20.53 -14.74 -11.00
C SER A 123 -20.63 -15.28 -12.43
N SER A 124 -19.72 -14.87 -13.29
CA SER A 124 -19.72 -15.30 -14.68
C SER A 124 -18.74 -16.46 -14.88
N GLY A 125 -19.26 -17.58 -15.40
CA GLY A 125 -18.42 -18.73 -15.64
C GLY A 125 -18.88 -19.95 -14.86
N GLY A 1 -20.06 -8.24 -3.78
CA GLY A 1 -19.80 -9.08 -2.62
C GLY A 1 -18.38 -8.93 -2.11
N SER A 2 -17.42 -9.33 -2.93
CA SER A 2 -16.01 -9.24 -2.55
C SER A 2 -15.82 -9.58 -1.07
N SER A 3 -16.52 -10.61 -0.61
CA SER A 3 -16.44 -11.03 0.78
C SER A 3 -15.24 -11.96 1.00
N GLY A 4 -14.11 -11.59 0.39
CA GLY A 4 -12.91 -12.40 0.53
C GLY A 4 -11.85 -11.71 1.37
N SER A 5 -10.87 -12.49 1.82
CA SER A 5 -9.79 -11.95 2.64
C SER A 5 -10.34 -11.06 3.75
N SER A 6 -11.43 -11.49 4.36
CA SER A 6 -12.06 -10.72 5.43
C SER A 6 -11.84 -11.39 6.78
N GLY A 7 -11.11 -10.71 7.67
CA GLY A 7 -10.83 -11.24 8.98
C GLY A 7 -9.50 -10.76 9.53
N ASP A 8 -8.44 -11.50 9.23
CA ASP A 8 -7.11 -11.15 9.70
C ASP A 8 -6.34 -10.39 8.63
N ALA A 9 -5.53 -9.42 9.06
CA ALA A 9 -4.73 -8.61 8.14
C ALA A 9 -4.13 -9.48 7.04
N ALA A 10 -4.42 -9.14 5.80
CA ALA A 10 -3.90 -9.88 4.66
C ALA A 10 -2.37 -9.91 4.65
N LYS A 11 -1.77 -8.74 4.90
CA LYS A 11 -0.33 -8.62 4.93
C LYS A 11 0.11 -7.46 5.81
N GLU A 12 1.38 -7.45 6.19
CA GLU A 12 1.93 -6.39 7.03
C GLU A 12 3.45 -6.40 7.01
N GLY A 13 4.04 -5.25 7.34
CA GLY A 13 5.49 -5.15 7.35
C GLY A 13 5.97 -3.74 7.06
N TRP A 14 7.24 -3.47 7.38
CA TRP A 14 7.82 -2.16 7.16
C TRP A 14 8.02 -1.91 5.67
N LEU A 15 7.46 -0.80 5.18
CA LEU A 15 7.58 -0.44 3.77
C LEU A 15 7.68 1.07 3.60
N HIS A 16 8.38 1.51 2.56
CA HIS A 16 8.54 2.92 2.29
C HIS A 16 7.36 3.46 1.49
N PHE A 17 6.48 4.20 2.16
CA PHE A 17 5.30 4.77 1.52
C PHE A 17 5.57 6.20 1.06
N ARG A 18 5.60 6.40 -0.25
CA ARG A 18 5.84 7.72 -0.82
C ARG A 18 4.71 8.15 -1.74
N PRO A 19 3.80 8.98 -1.21
CA PRO A 19 2.65 9.49 -1.97
C PRO A 19 3.05 10.45 -3.07
N LEU A 20 2.41 10.33 -4.23
CA LEU A 20 2.70 11.19 -5.36
C LEU A 20 2.01 12.55 -5.21
N VAL A 21 0.74 12.52 -4.83
CA VAL A 21 -0.02 13.74 -4.64
C VAL A 21 -1.27 13.49 -3.78
N THR A 22 -1.72 14.53 -3.10
CA THR A 22 -2.89 14.43 -2.24
C THR A 22 -3.94 15.48 -2.59
N ASP A 23 -3.48 16.61 -3.11
CA ASP A 23 -4.38 17.70 -3.49
C ASP A 23 -3.73 18.58 -4.55
N LYS A 24 -4.55 19.13 -5.44
CA LYS A 24 -4.06 20.00 -6.50
C LYS A 24 -3.71 21.38 -5.95
N GLY A 25 -2.46 21.53 -5.52
CA GLY A 25 -2.02 22.81 -4.97
C GLY A 25 -2.96 23.35 -3.91
N LYS A 26 -3.23 22.54 -2.89
CA LYS A 26 -4.12 22.94 -1.82
C LYS A 26 -3.35 23.13 -0.51
N ARG A 27 -3.09 24.38 -0.17
CA ARG A 27 -2.36 24.71 1.06
C ARG A 27 -1.07 23.90 1.14
N VAL A 28 -0.35 23.82 0.03
CA VAL A 28 0.90 23.07 -0.02
C VAL A 28 2.10 24.01 -0.09
N GLY A 29 3.23 23.58 0.46
CA GLY A 29 4.43 24.39 0.45
C GLY A 29 5.10 24.42 -0.92
N GLY A 30 6.31 23.88 -0.99
CA GLY A 30 7.03 23.87 -2.24
C GLY A 30 7.44 22.46 -2.66
N SER A 31 8.42 21.90 -1.95
CA SER A 31 8.90 20.56 -2.24
C SER A 31 7.99 19.50 -1.62
N ILE A 32 8.17 18.26 -2.05
CA ILE A 32 7.37 17.15 -1.54
C ILE A 32 8.20 16.23 -0.65
N ARG A 33 7.61 15.80 0.45
CA ARG A 33 8.30 14.91 1.39
C ARG A 33 8.79 13.66 0.68
N PRO A 34 10.05 13.29 0.93
CA PRO A 34 10.67 12.10 0.32
C PRO A 34 10.08 10.81 0.88
N TRP A 35 10.61 9.68 0.40
CA TRP A 35 10.13 8.37 0.84
C TRP A 35 9.91 8.36 2.35
N LYS A 36 8.75 7.84 2.76
CA LYS A 36 8.42 7.77 4.18
C LYS A 36 8.31 6.32 4.64
N GLN A 37 9.18 5.94 5.57
CA GLN A 37 9.19 4.58 6.09
C GLN A 37 8.24 4.45 7.29
N MET A 38 7.11 3.80 7.08
CA MET A 38 6.12 3.60 8.14
C MET A 38 5.45 2.24 8.01
N TYR A 39 5.24 1.58 9.14
CA TYR A 39 4.60 0.28 9.16
C TYR A 39 3.32 0.28 8.35
N VAL A 40 3.35 -0.39 7.19
CA VAL A 40 2.20 -0.46 6.31
C VAL A 40 1.45 -1.78 6.50
N VAL A 41 0.15 -1.69 6.73
CA VAL A 41 -0.68 -2.87 6.93
C VAL A 41 -1.79 -2.95 5.90
N LEU A 42 -2.05 -4.14 5.37
CA LEU A 42 -3.08 -4.33 4.37
C LEU A 42 -4.23 -5.16 4.94
N ARG A 43 -5.35 -4.50 5.22
CA ARG A 43 -6.52 -5.16 5.76
C ARG A 43 -7.67 -5.16 4.75
N GLY A 44 -7.91 -6.32 4.15
CA GLY A 44 -8.97 -6.44 3.17
C GLY A 44 -8.68 -5.67 1.90
N HIS A 45 -9.25 -4.47 1.79
CA HIS A 45 -9.04 -3.63 0.62
C HIS A 45 -8.56 -2.24 1.02
N SER A 46 -8.15 -2.10 2.28
CA SER A 46 -7.67 -0.83 2.79
C SER A 46 -6.25 -0.95 3.31
N LEU A 47 -5.46 0.09 3.11
CA LEU A 47 -4.06 0.09 3.56
C LEU A 47 -3.88 1.02 4.76
N TYR A 48 -3.60 0.42 5.92
CA TYR A 48 -3.41 1.19 7.14
C TYR A 48 -1.92 1.30 7.48
N LEU A 49 -1.40 2.52 7.41
CA LEU A 49 0.01 2.77 7.71
C LEU A 49 0.18 3.28 9.14
N TYR A 50 1.36 3.08 9.70
CA TYR A 50 1.65 3.52 11.06
C TYR A 50 3.09 4.01 11.17
N LYS A 51 3.27 5.15 11.83
CA LYS A 51 4.60 5.72 12.03
C LYS A 51 5.48 4.80 12.85
N ASP A 52 4.85 3.95 13.65
CA ASP A 52 5.58 3.00 14.50
C ASP A 52 4.88 1.65 14.52
N LYS A 53 5.46 0.71 15.26
CA LYS A 53 4.90 -0.63 15.37
C LYS A 53 4.06 -0.76 16.64
N ARG A 54 3.44 0.33 17.05
CA ARG A 54 2.60 0.34 18.24
C ARG A 54 1.31 -0.44 17.99
N GLU A 55 0.63 -0.78 19.08
CA GLU A 55 -0.62 -1.54 18.99
C GLU A 55 -1.44 -1.08 17.79
N GLN A 56 -1.67 -1.99 16.85
CA GLN A 56 -2.44 -1.68 15.65
C GLN A 56 -3.93 -1.86 15.90
N THR A 57 -4.34 -1.70 17.17
CA THR A 57 -5.74 -1.85 17.54
C THR A 57 -6.57 -0.67 17.05
N THR A 58 -5.88 0.36 16.53
CA THR A 58 -6.55 1.55 16.03
C THR A 58 -6.12 1.86 14.60
N PRO A 59 -6.98 2.58 13.87
CA PRO A 59 -6.70 2.97 12.48
C PRO A 59 -5.59 4.01 12.38
N SER A 60 -5.23 4.36 11.15
CA SER A 60 -4.17 5.34 10.92
C SER A 60 -4.22 6.46 11.96
N GLU A 61 -3.07 6.76 12.55
CA GLU A 61 -3.00 7.80 13.57
C GLU A 61 -3.39 9.15 12.99
N GLU A 62 -2.56 9.66 12.09
CA GLU A 62 -2.82 10.96 11.45
C GLU A 62 -3.24 10.77 9.99
N GLU A 63 -2.42 10.03 9.24
CA GLU A 63 -2.71 9.79 7.84
C GLU A 63 -4.04 9.09 7.66
N GLN A 64 -4.53 9.03 6.43
CA GLN A 64 -5.80 8.39 6.13
C GLN A 64 -5.58 7.07 5.38
N PRO A 65 -6.53 6.14 5.54
CA PRO A 65 -6.46 4.83 4.89
C PRO A 65 -6.68 4.92 3.38
N ILE A 66 -5.99 4.07 2.64
CA ILE A 66 -6.10 4.05 1.19
C ILE A 66 -6.80 2.78 0.71
N SER A 67 -7.99 2.95 0.13
CA SER A 67 -8.76 1.82 -0.38
C SER A 67 -8.15 1.28 -1.66
N VAL A 68 -7.45 0.15 -1.54
CA VAL A 68 -6.82 -0.48 -2.69
C VAL A 68 -7.86 -1.07 -3.64
N ASN A 69 -9.10 -1.13 -3.19
CA ASN A 69 -10.19 -1.66 -3.99
C ASN A 69 -10.12 -1.16 -5.42
N ALA A 70 -9.68 -2.02 -6.34
CA ALA A 70 -9.57 -1.64 -7.75
C ALA A 70 -8.37 -0.72 -7.97
N CYS A 71 -7.22 -1.12 -7.45
CA CYS A 71 -6.01 -0.34 -7.59
C CYS A 71 -5.15 -0.86 -8.75
N LEU A 72 -4.11 -0.10 -9.10
CA LEU A 72 -3.22 -0.49 -10.19
C LEU A 72 -1.77 -0.51 -9.72
N ILE A 73 -1.16 -1.69 -9.72
CA ILE A 73 0.22 -1.84 -9.30
C ILE A 73 1.15 -2.03 -10.49
N ASP A 74 2.37 -1.54 -10.38
CA ASP A 74 3.35 -1.66 -11.46
C ASP A 74 4.77 -1.39 -10.94
N ILE A 75 5.66 -2.34 -11.16
CA ILE A 75 7.04 -2.22 -10.72
C ILE A 75 7.60 -0.84 -11.06
N SER A 76 7.54 0.07 -10.09
CA SER A 76 8.04 1.42 -10.28
C SER A 76 9.27 1.43 -11.19
N TYR A 77 9.45 2.52 -11.91
CA TYR A 77 10.59 2.65 -12.82
C TYR A 77 11.90 2.28 -12.12
N SER A 78 12.98 2.24 -12.88
CA SER A 78 14.29 1.90 -12.34
C SER A 78 15.07 3.15 -11.96
N GLU A 79 14.80 4.25 -12.66
CA GLU A 79 15.47 5.51 -12.39
C GLU A 79 15.69 5.70 -10.89
N THR A 80 14.65 5.45 -10.11
CA THR A 80 14.72 5.60 -8.67
C THR A 80 15.89 4.80 -8.09
N LYS A 81 16.60 5.39 -7.14
CA LYS A 81 17.74 4.72 -6.52
C LYS A 81 17.27 3.71 -5.47
N ARG A 82 16.29 2.89 -5.86
CA ARG A 82 15.75 1.88 -4.97
C ARG A 82 15.38 0.61 -5.74
N LYS A 83 15.85 -0.52 -5.26
CA LYS A 83 15.57 -1.81 -5.90
C LYS A 83 14.43 -2.53 -5.19
N ASN A 84 13.63 -3.25 -5.96
CA ASN A 84 12.50 -3.99 -5.40
C ASN A 84 11.39 -3.04 -4.95
N VAL A 85 11.13 -2.01 -5.75
CA VAL A 85 10.10 -1.04 -5.43
C VAL A 85 8.95 -1.10 -6.42
N PHE A 86 7.73 -1.22 -5.91
CA PHE A 86 6.55 -1.29 -6.76
C PHE A 86 5.70 -0.03 -6.63
N ARG A 87 5.09 0.39 -7.73
CA ARG A 87 4.26 1.59 -7.74
C ARG A 87 2.78 1.22 -7.71
N LEU A 88 2.04 1.81 -6.78
CA LEU A 88 0.62 1.56 -6.64
C LEU A 88 -0.19 2.83 -6.76
N THR A 89 -1.29 2.77 -7.51
CA THR A 89 -2.14 3.94 -7.70
C THR A 89 -3.59 3.62 -7.31
N THR A 90 -4.08 4.30 -6.28
CA THR A 90 -5.44 4.09 -5.81
C THR A 90 -6.36 5.23 -6.25
N SER A 91 -7.65 4.93 -6.39
CA SER A 91 -8.63 5.94 -6.80
C SER A 91 -8.51 7.19 -5.96
N ASP A 92 -8.14 7.02 -4.69
CA ASP A 92 -7.99 8.13 -3.77
C ASP A 92 -6.76 8.96 -4.11
N CYS A 93 -5.59 8.34 -4.01
CA CYS A 93 -4.34 9.01 -4.30
C CYS A 93 -3.27 8.01 -4.75
N GLU A 94 -2.12 8.53 -5.16
CA GLU A 94 -1.02 7.68 -5.61
C GLU A 94 0.06 7.56 -4.54
N CYS A 95 0.80 6.46 -4.58
CA CYS A 95 1.86 6.22 -3.61
C CYS A 95 2.75 5.06 -4.05
N LEU A 96 3.97 5.01 -3.52
CA LEU A 96 4.92 3.96 -3.86
C LEU A 96 5.12 3.01 -2.68
N PHE A 97 5.71 1.85 -2.95
CA PHE A 97 5.98 0.86 -1.91
C PHE A 97 7.23 0.06 -2.23
N GLN A 98 8.17 0.04 -1.30
CA GLN A 98 9.41 -0.69 -1.47
C GLN A 98 9.52 -1.83 -0.46
N ALA A 99 10.27 -2.86 -0.82
CA ALA A 99 10.46 -4.01 0.04
C ALA A 99 11.94 -4.26 0.32
N GLU A 100 12.22 -5.21 1.20
CA GLU A 100 13.60 -5.54 1.55
C GLU A 100 14.25 -6.41 0.48
N ASP A 101 13.66 -7.57 0.23
CA ASP A 101 14.17 -8.50 -0.78
C ASP A 101 13.11 -8.79 -1.83
N ARG A 102 13.55 -9.26 -3.00
CA ARG A 102 12.64 -9.58 -4.09
C ARG A 102 11.40 -10.29 -3.56
N ASP A 103 11.59 -11.48 -3.01
CA ASP A 103 10.49 -12.26 -2.47
C ASP A 103 9.48 -11.36 -1.76
N ASP A 104 9.97 -10.56 -0.82
CA ASP A 104 9.12 -9.64 -0.07
C ASP A 104 8.40 -8.68 -1.01
N MET A 105 9.10 -8.21 -2.04
CA MET A 105 8.53 -7.28 -3.00
C MET A 105 7.38 -7.93 -3.77
N LEU A 106 7.65 -9.08 -4.36
CA LEU A 106 6.64 -9.80 -5.12
C LEU A 106 5.46 -10.19 -4.23
N ALA A 107 5.76 -10.84 -3.11
CA ALA A 107 4.73 -11.25 -2.17
C ALA A 107 3.67 -10.17 -2.00
N TRP A 108 4.11 -8.95 -1.71
CA TRP A 108 3.21 -7.83 -1.52
C TRP A 108 2.32 -7.63 -2.75
N ILE A 109 2.96 -7.33 -3.89
CA ILE A 109 2.24 -7.12 -5.13
C ILE A 109 1.10 -8.12 -5.29
N LYS A 110 1.43 -9.40 -5.18
CA LYS A 110 0.43 -10.47 -5.31
C LYS A 110 -0.73 -10.23 -4.36
N THR A 111 -0.45 -10.31 -3.05
CA THR A 111 -1.48 -10.11 -2.04
C THR A 111 -2.40 -8.96 -2.41
N ILE A 112 -1.83 -7.76 -2.51
CA ILE A 112 -2.60 -6.57 -2.87
C ILE A 112 -3.38 -6.78 -4.16
N GLN A 113 -2.65 -6.99 -5.25
CA GLN A 113 -3.27 -7.20 -6.55
C GLN A 113 -4.46 -8.14 -6.44
N GLU A 114 -4.33 -9.17 -5.61
CA GLU A 114 -5.40 -10.14 -5.41
C GLU A 114 -6.60 -9.48 -4.73
N SER A 115 -6.33 -8.68 -3.70
CA SER A 115 -7.39 -8.01 -2.97
C SER A 115 -8.19 -7.10 -3.88
N SER A 116 -7.50 -6.45 -4.81
CA SER A 116 -8.15 -5.53 -5.75
C SER A 116 -8.83 -6.31 -6.88
N ASN A 117 -8.15 -7.35 -7.36
CA ASN A 117 -8.68 -8.18 -8.44
C ASN A 117 -10.17 -8.42 -8.26
N LEU A 118 -10.90 -8.41 -9.36
CA LEU A 118 -12.34 -8.63 -9.34
C LEU A 118 -12.66 -10.12 -9.38
N ASN A 119 -11.96 -10.90 -8.56
CA ASN A 119 -12.18 -12.34 -8.51
C ASN A 119 -13.66 -12.67 -8.48
N SER A 120 -14.06 -13.66 -9.27
CA SER A 120 -15.46 -14.07 -9.35
C SER A 120 -16.11 -14.00 -7.97
N GLY A 121 -17.30 -13.42 -7.92
CA GLY A 121 -18.02 -13.30 -6.67
C GLY A 121 -18.53 -14.63 -6.16
N PRO A 122 -18.55 -14.80 -4.82
CA PRO A 122 -19.02 -16.03 -4.19
C PRO A 122 -20.52 -16.24 -4.34
N SER A 123 -20.92 -17.45 -4.73
CA SER A 123 -22.32 -17.76 -4.91
C SER A 123 -22.98 -18.15 -3.58
N SER A 124 -24.28 -18.41 -3.63
CA SER A 124 -25.02 -18.79 -2.42
C SER A 124 -24.81 -20.26 -2.10
N GLY A 125 -25.23 -20.67 -0.91
CA GLY A 125 -25.08 -22.05 -0.49
C GLY A 125 -25.89 -22.38 0.74
N GLY A 1 -22.00 -16.07 -4.97
CA GLY A 1 -22.08 -15.39 -3.68
C GLY A 1 -21.33 -14.08 -3.68
N SER A 2 -22.07 -12.97 -3.67
CA SER A 2 -21.46 -11.65 -3.67
C SER A 2 -21.13 -11.20 -2.25
N SER A 3 -19.94 -11.57 -1.80
CA SER A 3 -19.49 -11.22 -0.45
C SER A 3 -18.02 -11.61 -0.24
N GLY A 4 -17.34 -10.88 0.64
CA GLY A 4 -15.95 -11.16 0.91
C GLY A 4 -15.44 -10.42 2.13
N SER A 5 -15.72 -10.96 3.32
CA SER A 5 -15.28 -10.34 4.56
C SER A 5 -14.30 -11.24 5.30
N SER A 6 -13.31 -10.62 5.94
CA SER A 6 -12.30 -11.37 6.69
C SER A 6 -11.81 -10.57 7.89
N GLY A 7 -11.85 -11.18 9.06
CA GLY A 7 -11.40 -10.51 10.27
C GLY A 7 -9.93 -10.73 10.54
N ASP A 8 -9.10 -10.48 9.54
CA ASP A 8 -7.66 -10.65 9.68
C ASP A 8 -6.91 -9.83 8.64
N ALA A 9 -5.71 -9.36 9.01
CA ALA A 9 -4.90 -8.57 8.11
C ALA A 9 -4.27 -9.44 7.01
N ALA A 10 -4.71 -9.21 5.78
CA ALA A 10 -4.20 -9.98 4.64
C ALA A 10 -2.67 -10.04 4.68
N LYS A 11 -2.04 -8.90 4.87
CA LYS A 11 -0.58 -8.83 4.93
C LYS A 11 -0.12 -7.65 5.79
N GLU A 12 1.16 -7.65 6.14
CA GLU A 12 1.72 -6.58 6.96
C GLU A 12 3.24 -6.60 6.91
N GLY A 13 3.85 -5.42 7.04
CA GLY A 13 5.30 -5.32 7.00
C GLY A 13 5.78 -3.90 6.77
N TRP A 14 7.01 -3.63 7.18
CA TRP A 14 7.59 -2.30 7.00
C TRP A 14 7.82 -2.00 5.52
N LEU A 15 7.38 -0.82 5.09
CA LEU A 15 7.53 -0.41 3.70
C LEU A 15 7.61 1.11 3.58
N HIS A 16 8.26 1.59 2.54
CA HIS A 16 8.41 3.03 2.30
C HIS A 16 7.23 3.56 1.49
N PHE A 17 6.36 4.32 2.14
CA PHE A 17 5.20 4.89 1.48
C PHE A 17 5.49 6.31 1.01
N ARG A 18 5.48 6.51 -0.30
CA ARG A 18 5.74 7.83 -0.88
C ARG A 18 4.61 8.24 -1.82
N PRO A 19 3.66 9.04 -1.30
CA PRO A 19 2.52 9.52 -2.07
C PRO A 19 2.93 10.53 -3.13
N LEU A 20 2.27 10.47 -4.30
CA LEU A 20 2.56 11.37 -5.40
C LEU A 20 1.69 12.62 -5.32
N VAL A 21 0.49 12.47 -4.77
CA VAL A 21 -0.43 13.59 -4.64
C VAL A 21 -1.68 13.18 -3.86
N THR A 22 -2.16 14.07 -3.00
CA THR A 22 -3.33 13.80 -2.19
C THR A 22 -4.42 14.86 -2.43
N ASP A 23 -3.99 16.06 -2.79
CA ASP A 23 -4.92 17.16 -3.05
C ASP A 23 -4.52 17.91 -4.30
N LYS A 24 -5.45 18.70 -4.84
CA LYS A 24 -5.20 19.48 -6.04
C LYS A 24 -5.35 20.98 -5.76
N GLY A 25 -6.45 21.34 -5.11
CA GLY A 25 -6.70 22.74 -4.78
C GLY A 25 -6.68 23.00 -3.29
N LYS A 26 -5.62 22.56 -2.63
CA LYS A 26 -5.49 22.75 -1.19
C LYS A 26 -4.02 22.98 -0.81
N ARG A 27 -3.73 24.16 -0.28
CA ARG A 27 -2.38 24.51 0.13
C ARG A 27 -2.07 23.93 1.50
N VAL A 28 -2.39 22.66 1.70
CA VAL A 28 -2.14 21.99 2.97
C VAL A 28 -0.68 21.60 3.10
N GLY A 29 -0.10 21.10 2.02
CA GLY A 29 1.30 20.70 2.03
C GLY A 29 2.22 21.75 1.44
N GLY A 30 2.39 21.68 0.12
CA GLY A 30 3.25 22.64 -0.56
C GLY A 30 4.67 22.13 -0.71
N SER A 31 5.33 21.85 0.41
CA SER A 31 6.71 21.36 0.39
C SER A 31 6.75 19.92 -0.09
N ILE A 32 7.91 19.52 -0.62
CA ILE A 32 8.08 18.16 -1.13
C ILE A 32 8.97 17.35 -0.18
N ARG A 33 8.51 16.15 0.16
CA ARG A 33 9.26 15.27 1.04
C ARG A 33 9.51 13.91 0.39
N PRO A 34 10.62 13.27 0.76
CA PRO A 34 10.99 11.95 0.22
C PRO A 34 10.07 10.84 0.71
N TRP A 35 10.50 9.60 0.53
CA TRP A 35 9.72 8.45 0.96
C TRP A 35 9.42 8.51 2.45
N LYS A 36 8.52 7.64 2.91
CA LYS A 36 8.15 7.61 4.32
C LYS A 36 8.11 6.17 4.83
N GLN A 37 9.11 5.80 5.63
CA GLN A 37 9.20 4.46 6.18
C GLN A 37 8.26 4.30 7.38
N MET A 38 7.10 3.71 7.14
CA MET A 38 6.11 3.50 8.20
C MET A 38 5.41 2.16 8.03
N TYR A 39 5.23 1.44 9.13
CA TYR A 39 4.57 0.14 9.11
C TYR A 39 3.29 0.21 8.28
N VAL A 40 3.26 -0.58 7.20
CA VAL A 40 2.09 -0.62 6.33
C VAL A 40 1.37 -1.96 6.43
N VAL A 41 0.11 -1.92 6.85
CA VAL A 41 -0.70 -3.12 6.99
C VAL A 41 -1.85 -3.14 5.99
N LEU A 42 -2.13 -4.32 5.45
CA LEU A 42 -3.22 -4.47 4.49
C LEU A 42 -4.41 -5.21 5.10
N ARG A 43 -5.47 -4.46 5.40
CA ARG A 43 -6.67 -5.05 5.99
C ARG A 43 -7.84 -4.95 5.03
N GLY A 44 -8.21 -6.08 4.42
CA GLY A 44 -9.32 -6.10 3.50
C GLY A 44 -8.99 -5.41 2.19
N HIS A 45 -9.49 -4.19 2.03
CA HIS A 45 -9.25 -3.42 0.81
C HIS A 45 -8.68 -2.04 1.14
N SER A 46 -8.29 -1.86 2.38
CA SER A 46 -7.73 -0.58 2.83
C SER A 46 -6.34 -0.77 3.42
N LEU A 47 -5.44 0.16 3.10
CA LEU A 47 -4.07 0.11 3.59
C LEU A 47 -3.88 1.06 4.78
N TYR A 48 -3.64 0.48 5.95
CA TYR A 48 -3.44 1.27 7.16
C TYR A 48 -1.95 1.40 7.48
N LEU A 49 -1.44 2.63 7.40
CA LEU A 49 -0.03 2.89 7.68
C LEU A 49 0.15 3.37 9.12
N TYR A 50 1.33 3.12 9.68
CA TYR A 50 1.65 3.53 11.04
C TYR A 50 3.11 3.90 11.18
N LYS A 51 3.38 5.15 11.56
CA LYS A 51 4.75 5.62 11.73
C LYS A 51 5.59 4.59 12.47
N ASP A 52 4.95 3.83 13.35
CA ASP A 52 5.65 2.80 14.12
C ASP A 52 4.80 1.55 14.24
N LYS A 53 5.34 0.53 14.91
CA LYS A 53 4.62 -0.73 15.10
C LYS A 53 3.97 -0.79 16.48
N ARG A 54 3.50 0.36 16.95
CA ARG A 54 2.85 0.43 18.26
C ARG A 54 1.67 -0.54 18.34
N GLU A 55 0.64 -0.25 17.57
CA GLU A 55 -0.56 -1.10 17.55
C GLU A 55 -1.13 -1.22 16.14
N GLN A 56 -1.83 -2.31 15.88
CA GLN A 56 -2.42 -2.55 14.57
C GLN A 56 -3.93 -2.76 14.69
N THR A 57 -4.52 -2.21 15.75
CA THR A 57 -5.95 -2.35 15.98
C THR A 57 -6.69 -1.04 15.66
N THR A 58 -5.92 0.05 15.55
CA THR A 58 -6.50 1.35 15.25
C THR A 58 -6.02 1.87 13.89
N PRO A 59 -6.84 2.70 13.25
CA PRO A 59 -6.53 3.28 11.94
C PRO A 59 -5.40 4.31 12.02
N SER A 60 -4.76 4.56 10.88
CA SER A 60 -3.67 5.52 10.82
C SER A 60 -3.93 6.71 11.75
N GLU A 61 -3.02 6.93 12.69
CA GLU A 61 -3.15 8.03 13.64
C GLU A 61 -3.07 9.37 12.92
N GLU A 62 -2.00 9.57 12.15
CA GLU A 62 -1.81 10.80 11.41
C GLU A 62 -2.22 10.65 9.95
N GLU A 63 -1.60 9.69 9.27
CA GLU A 63 -1.91 9.44 7.86
C GLU A 63 -3.32 8.89 7.70
N GLN A 64 -3.78 8.80 6.46
CA GLN A 64 -5.12 8.30 6.18
C GLN A 64 -5.06 7.01 5.38
N PRO A 65 -6.09 6.17 5.52
CA PRO A 65 -6.18 4.88 4.81
C PRO A 65 -6.40 5.06 3.32
N ILE A 66 -5.83 4.16 2.53
CA ILE A 66 -5.98 4.21 1.07
C ILE A 66 -6.64 2.95 0.54
N SER A 67 -7.81 3.11 -0.08
CA SER A 67 -8.54 1.98 -0.64
C SER A 67 -7.84 1.43 -1.87
N VAL A 68 -7.39 0.19 -1.79
CA VAL A 68 -6.70 -0.45 -2.91
C VAL A 68 -7.70 -1.01 -3.91
N ASN A 69 -8.94 -1.21 -3.47
CA ASN A 69 -9.99 -1.74 -4.33
C ASN A 69 -9.87 -1.16 -5.74
N ALA A 70 -9.48 -2.01 -6.69
CA ALA A 70 -9.33 -1.59 -8.08
C ALA A 70 -8.11 -0.68 -8.25
N CYS A 71 -6.99 -1.10 -7.68
CA CYS A 71 -5.76 -0.34 -7.78
C CYS A 71 -4.92 -0.78 -8.97
N LEU A 72 -3.82 -0.08 -9.22
CA LEU A 72 -2.94 -0.41 -10.33
C LEU A 72 -1.49 -0.50 -9.87
N ILE A 73 -1.00 -1.72 -9.71
CA ILE A 73 0.37 -1.95 -9.27
C ILE A 73 1.31 -2.13 -10.45
N ASP A 74 2.51 -1.59 -10.34
CA ASP A 74 3.51 -1.70 -11.40
C ASP A 74 4.90 -1.37 -10.88
N ILE A 75 5.83 -2.31 -11.07
CA ILE A 75 7.19 -2.13 -10.61
C ILE A 75 7.72 -0.74 -10.99
N SER A 76 7.79 0.14 -10.00
CA SER A 76 8.27 1.50 -10.23
C SER A 76 9.46 1.50 -11.18
N TYR A 77 9.71 2.65 -11.80
CA TYR A 77 10.83 2.79 -12.74
C TYR A 77 12.14 2.39 -12.08
N SER A 78 12.89 1.52 -12.75
CA SER A 78 14.17 1.05 -12.23
C SER A 78 15.12 2.22 -12.00
N GLU A 79 14.89 3.30 -12.73
CA GLU A 79 15.74 4.49 -12.61
C GLU A 79 15.97 4.84 -11.14
N THR A 80 14.95 4.65 -10.32
CA THR A 80 15.04 4.95 -8.90
C THR A 80 16.04 4.04 -8.20
N LYS A 81 17.13 4.62 -7.72
CA LYS A 81 18.17 3.86 -7.04
C LYS A 81 17.56 2.85 -6.07
N ARG A 82 16.33 3.13 -5.63
CA ARG A 82 15.64 2.24 -4.71
C ARG A 82 15.17 0.98 -5.41
N LYS A 83 15.59 -0.18 -4.90
CA LYS A 83 15.21 -1.45 -5.47
C LYS A 83 13.96 -2.01 -4.79
N ASN A 84 13.54 -3.20 -5.22
CA ASN A 84 12.36 -3.84 -4.65
C ASN A 84 11.28 -2.81 -4.33
N VAL A 85 10.99 -1.96 -5.31
CA VAL A 85 9.96 -0.93 -5.15
C VAL A 85 8.88 -1.05 -6.22
N PHE A 86 7.63 -1.10 -5.78
CA PHE A 86 6.51 -1.21 -6.70
C PHE A 86 5.59 0.00 -6.60
N ARG A 87 5.12 0.49 -7.73
CA ARG A 87 4.24 1.65 -7.77
C ARG A 87 2.78 1.21 -7.71
N LEU A 88 2.02 1.82 -6.81
CA LEU A 88 0.60 1.50 -6.65
C LEU A 88 -0.26 2.75 -6.80
N THR A 89 -1.33 2.63 -7.58
CA THR A 89 -2.23 3.75 -7.80
C THR A 89 -3.66 3.39 -7.41
N THR A 90 -4.26 4.21 -6.55
CA THR A 90 -5.63 3.98 -6.10
C THR A 90 -6.59 5.02 -6.67
N SER A 91 -7.77 4.57 -7.06
CA SER A 91 -8.78 5.46 -7.64
C SER A 91 -8.84 6.78 -6.87
N ASP A 92 -8.55 6.71 -5.58
CA ASP A 92 -8.57 7.90 -4.73
C ASP A 92 -7.30 8.72 -4.90
N CYS A 93 -6.15 8.09 -4.62
CA CYS A 93 -4.87 8.75 -4.75
C CYS A 93 -3.80 7.78 -5.24
N GLU A 94 -2.58 8.29 -5.43
CA GLU A 94 -1.47 7.47 -5.90
C GLU A 94 -0.30 7.53 -4.93
N CYS A 95 0.38 6.41 -4.75
CA CYS A 95 1.52 6.34 -3.85
C CYS A 95 2.44 5.17 -4.23
N LEU A 96 3.70 5.25 -3.78
CA LEU A 96 4.67 4.21 -4.07
C LEU A 96 4.92 3.34 -2.84
N PHE A 97 5.65 2.25 -3.03
CA PHE A 97 5.96 1.34 -1.94
C PHE A 97 7.28 0.62 -2.19
N GLN A 98 8.02 0.33 -1.11
CA GLN A 98 9.30 -0.36 -1.22
C GLN A 98 9.40 -1.48 -0.19
N ALA A 99 10.10 -2.54 -0.55
CA ALA A 99 10.28 -3.69 0.33
C ALA A 99 11.75 -3.88 0.70
N GLU A 100 12.01 -4.76 1.66
CA GLU A 100 13.37 -5.03 2.10
C GLU A 100 14.13 -5.82 1.04
N ASP A 101 13.49 -6.84 0.49
CA ASP A 101 14.11 -7.68 -0.54
C ASP A 101 13.09 -8.05 -1.62
N ARG A 102 13.59 -8.31 -2.83
CA ARG A 102 12.73 -8.68 -3.94
C ARG A 102 11.63 -9.65 -3.49
N ASP A 103 12.06 -10.82 -3.02
CA ASP A 103 11.12 -11.84 -2.56
C ASP A 103 9.96 -11.20 -1.79
N ASP A 104 10.29 -10.50 -0.71
CA ASP A 104 9.28 -9.85 0.11
C ASP A 104 8.35 -8.99 -0.75
N MET A 105 8.92 -8.27 -1.71
CA MET A 105 8.14 -7.43 -2.59
C MET A 105 7.12 -8.25 -3.38
N LEU A 106 7.62 -9.14 -4.22
CA LEU A 106 6.74 -9.99 -5.02
C LEU A 106 5.51 -10.42 -4.23
N ALA A 107 5.72 -10.81 -2.98
CA ALA A 107 4.62 -11.24 -2.12
C ALA A 107 3.55 -10.16 -2.02
N TRP A 108 3.98 -8.95 -1.67
CA TRP A 108 3.06 -7.83 -1.53
C TRP A 108 2.27 -7.61 -2.82
N ILE A 109 2.98 -7.36 -3.91
CA ILE A 109 2.34 -7.13 -5.20
C ILE A 109 1.21 -8.13 -5.43
N LYS A 110 1.49 -9.41 -5.19
CA LYS A 110 0.50 -10.46 -5.36
C LYS A 110 -0.69 -10.25 -4.43
N THR A 111 -0.44 -10.42 -3.13
CA THR A 111 -1.49 -10.25 -2.13
C THR A 111 -2.42 -9.08 -2.49
N ILE A 112 -1.85 -7.89 -2.59
CA ILE A 112 -2.63 -6.71 -2.94
C ILE A 112 -3.42 -6.91 -4.22
N GLN A 113 -2.71 -7.13 -5.32
CA GLN A 113 -3.35 -7.35 -6.61
C GLN A 113 -4.55 -8.28 -6.47
N GLU A 114 -4.37 -9.34 -5.68
CA GLU A 114 -5.43 -10.32 -5.47
C GLU A 114 -6.63 -9.68 -4.77
N SER A 115 -6.34 -8.89 -3.73
CA SER A 115 -7.39 -8.22 -2.97
C SER A 115 -8.25 -7.37 -3.88
N SER A 116 -7.61 -6.50 -4.65
CA SER A 116 -8.32 -5.61 -5.57
C SER A 116 -9.01 -6.41 -6.68
N ASN A 117 -8.25 -7.29 -7.32
CA ASN A 117 -8.78 -8.11 -8.40
C ASN A 117 -9.97 -8.94 -7.91
N LEU A 118 -11.10 -8.80 -8.60
CA LEU A 118 -12.30 -9.54 -8.24
C LEU A 118 -12.38 -10.86 -9.00
N ASN A 119 -13.04 -11.84 -8.38
CA ASN A 119 -13.18 -13.16 -9.00
C ASN A 119 -13.67 -13.04 -10.44
N SER A 120 -13.65 -14.14 -11.17
CA SER A 120 -14.09 -14.16 -12.56
C SER A 120 -13.21 -13.26 -13.42
N GLY A 121 -11.90 -13.33 -13.19
CA GLY A 121 -10.96 -12.52 -13.95
C GLY A 121 -9.75 -13.30 -14.40
N PRO A 122 -9.96 -14.23 -15.34
CA PRO A 122 -8.89 -15.07 -15.88
C PRO A 122 -7.90 -14.28 -16.74
N SER A 123 -6.62 -14.36 -16.40
CA SER A 123 -5.58 -13.64 -17.14
C SER A 123 -5.10 -14.47 -18.32
N SER A 124 -4.46 -13.81 -19.28
CA SER A 124 -3.95 -14.48 -20.47
C SER A 124 -2.51 -14.95 -20.24
N GLY A 125 -2.17 -16.10 -20.82
CA GLY A 125 -0.84 -16.65 -20.66
C GLY A 125 -0.26 -17.13 -21.98
N GLY A 1 -9.62 -18.26 0.65
CA GLY A 1 -8.33 -17.83 1.15
C GLY A 1 -8.41 -16.51 1.91
N SER A 2 -7.28 -15.83 2.03
CA SER A 2 -7.22 -14.56 2.74
C SER A 2 -7.78 -14.70 4.15
N SER A 3 -7.31 -15.71 4.88
CA SER A 3 -7.76 -15.96 6.23
C SER A 3 -6.58 -16.20 7.17
N GLY A 4 -6.73 -15.82 8.43
CA GLY A 4 -5.68 -16.00 9.40
C GLY A 4 -6.20 -16.14 10.82
N SER A 5 -5.31 -16.44 11.75
CA SER A 5 -5.69 -16.61 13.15
C SER A 5 -5.13 -15.48 14.00
N SER A 6 -3.89 -15.08 13.71
CA SER A 6 -3.24 -14.01 14.46
C SER A 6 -3.07 -12.77 13.59
N GLY A 7 -3.65 -11.66 14.02
CA GLY A 7 -3.54 -10.42 13.28
C GLY A 7 -4.37 -10.45 12.01
N ASP A 8 -5.64 -10.05 12.11
CA ASP A 8 -6.53 -10.02 10.97
C ASP A 8 -6.07 -9.00 9.93
N ALA A 9 -5.24 -9.44 8.99
CA ALA A 9 -4.73 -8.56 7.95
C ALA A 9 -4.10 -9.36 6.81
N ALA A 10 -4.70 -9.26 5.63
CA ALA A 10 -4.19 -9.98 4.46
C ALA A 10 -2.67 -10.06 4.48
N LYS A 11 -2.03 -8.94 4.77
CA LYS A 11 -0.57 -8.87 4.82
C LYS A 11 -0.10 -7.70 5.67
N GLU A 12 1.16 -7.74 6.08
CA GLU A 12 1.73 -6.69 6.91
C GLU A 12 3.26 -6.71 6.85
N GLY A 13 3.87 -5.54 7.03
CA GLY A 13 5.31 -5.44 6.99
C GLY A 13 5.80 -4.02 6.83
N TRP A 14 7.01 -3.76 7.30
CA TRP A 14 7.60 -2.42 7.22
C TRP A 14 7.89 -2.06 5.76
N LEU A 15 7.21 -1.03 5.26
CA LEU A 15 7.41 -0.59 3.89
C LEU A 15 7.48 0.94 3.81
N HIS A 16 8.26 1.44 2.87
CA HIS A 16 8.40 2.89 2.69
C HIS A 16 7.30 3.44 1.79
N PHE A 17 6.40 4.21 2.39
CA PHE A 17 5.29 4.80 1.65
C PHE A 17 5.64 6.21 1.19
N ARG A 18 5.63 6.41 -0.13
CA ARG A 18 5.96 7.71 -0.71
C ARG A 18 4.91 8.11 -1.75
N PRO A 19 3.97 8.97 -1.35
CA PRO A 19 2.90 9.45 -2.24
C PRO A 19 3.42 10.39 -3.32
N LEU A 20 2.74 10.40 -4.46
CA LEU A 20 3.14 11.26 -5.57
C LEU A 20 2.54 12.66 -5.43
N VAL A 21 1.21 12.73 -5.48
CA VAL A 21 0.51 14.00 -5.36
C VAL A 21 -0.57 13.93 -4.29
N THR A 22 -0.56 12.86 -3.50
CA THR A 22 -1.53 12.67 -2.44
C THR A 22 -1.95 14.01 -1.84
N ASP A 23 -1.00 14.93 -1.72
CA ASP A 23 -1.26 16.25 -1.16
C ASP A 23 -2.26 17.01 -2.03
N LYS A 24 -3.54 16.87 -1.72
CA LYS A 24 -4.58 17.56 -2.47
C LYS A 24 -5.07 18.81 -1.73
N GLY A 25 -5.61 19.76 -2.48
CA GLY A 25 -6.09 20.99 -1.88
C GLY A 25 -5.27 21.41 -0.69
N LYS A 26 -3.96 21.26 -0.79
CA LYS A 26 -3.05 21.63 0.29
C LYS A 26 -2.40 22.98 0.00
N ARG A 27 -2.24 23.30 -1.28
CA ARG A 27 -1.63 24.56 -1.68
C ARG A 27 -0.28 24.75 -1.00
N VAL A 28 0.61 23.77 -1.16
CA VAL A 28 1.94 23.82 -0.57
C VAL A 28 3.02 23.87 -1.65
N GLY A 29 3.92 24.84 -1.53
CA GLY A 29 5.00 24.97 -2.49
C GLY A 29 5.80 23.69 -2.64
N GLY A 30 7.01 23.68 -2.09
CA GLY A 30 7.86 22.51 -2.18
C GLY A 30 7.35 21.37 -1.33
N SER A 31 6.22 20.80 -1.72
CA SER A 31 5.63 19.69 -0.99
C SER A 31 6.55 18.47 -1.01
N ILE A 32 7.41 18.40 -2.02
CA ILE A 32 8.33 17.29 -2.16
C ILE A 32 8.82 16.80 -0.80
N ARG A 33 8.62 15.52 -0.53
CA ARG A 33 9.03 14.92 0.74
C ARG A 33 9.68 13.56 0.52
N PRO A 34 10.70 13.25 1.33
CA PRO A 34 11.42 11.98 1.25
C PRO A 34 10.58 10.80 1.71
N TRP A 35 10.92 9.61 1.24
CA TRP A 35 10.19 8.40 1.60
C TRP A 35 9.80 8.42 3.07
N LYS A 36 8.77 7.68 3.42
CA LYS A 36 8.29 7.60 4.80
C LYS A 36 8.21 6.16 5.28
N GLN A 37 9.04 5.83 6.27
CA GLN A 37 9.06 4.47 6.82
C GLN A 37 7.99 4.30 7.88
N MET A 38 6.89 3.64 7.52
CA MET A 38 5.80 3.42 8.45
C MET A 38 5.14 2.06 8.19
N TYR A 39 5.08 1.23 9.23
CA TYR A 39 4.49 -0.10 9.11
C TYR A 39 3.20 -0.05 8.30
N VAL A 40 3.21 -0.70 7.14
CA VAL A 40 2.05 -0.73 6.27
C VAL A 40 1.32 -2.07 6.38
N VAL A 41 0.06 -2.02 6.81
CA VAL A 41 -0.75 -3.23 6.96
C VAL A 41 -1.92 -3.23 5.98
N LEU A 42 -2.17 -4.38 5.38
CA LEU A 42 -3.27 -4.51 4.42
C LEU A 42 -4.45 -5.27 5.04
N ARG A 43 -5.54 -4.56 5.27
CA ARG A 43 -6.73 -5.15 5.86
C ARG A 43 -7.93 -5.01 4.93
N GLY A 44 -8.24 -6.08 4.20
CA GLY A 44 -9.36 -6.05 3.28
C GLY A 44 -9.03 -5.32 1.99
N HIS A 45 -9.53 -4.09 1.88
CA HIS A 45 -9.28 -3.28 0.68
C HIS A 45 -8.69 -1.92 1.06
N SER A 46 -8.30 -1.79 2.32
CA SER A 46 -7.73 -0.53 2.81
C SER A 46 -6.32 -0.76 3.36
N LEU A 47 -5.45 0.23 3.17
CA LEU A 47 -4.08 0.14 3.65
C LEU A 47 -3.86 1.03 4.87
N TYR A 48 -3.67 0.40 6.02
CA TYR A 48 -3.44 1.12 7.27
C TYR A 48 -1.96 1.21 7.60
N LEU A 49 -1.41 2.41 7.50
CA LEU A 49 0.00 2.64 7.79
C LEU A 49 0.20 3.14 9.21
N TYR A 50 1.37 2.88 9.77
CA TYR A 50 1.69 3.31 11.12
C TYR A 50 3.18 3.61 11.28
N LYS A 51 3.49 4.64 12.07
CA LYS A 51 4.87 5.03 12.29
C LYS A 51 5.58 4.03 13.21
N ASP A 52 4.85 3.55 14.22
CA ASP A 52 5.41 2.58 15.16
C ASP A 52 4.52 1.35 15.26
N LYS A 53 5.00 0.24 14.70
CA LYS A 53 4.25 -1.01 14.71
C LYS A 53 3.54 -1.20 16.05
N ARG A 54 4.28 -1.02 17.14
CA ARG A 54 3.73 -1.17 18.47
C ARG A 54 2.58 -0.19 18.70
N GLU A 55 1.46 -0.71 19.22
CA GLU A 55 0.30 0.11 19.49
C GLU A 55 -0.33 0.60 18.18
N GLN A 56 -0.55 -0.32 17.25
CA GLN A 56 -1.14 0.02 15.97
C GLN A 56 -2.64 -0.25 15.96
N THR A 57 -3.23 -0.32 17.15
CA THR A 57 -4.65 -0.58 17.28
C THR A 57 -5.47 0.40 16.44
N THR A 58 -5.29 1.69 16.70
CA THR A 58 -6.00 2.73 15.97
C THR A 58 -5.44 2.91 14.56
N PRO A 59 -6.25 3.46 13.65
CA PRO A 59 -5.84 3.70 12.27
C PRO A 59 -4.80 4.80 12.15
N SER A 60 -4.32 5.03 10.93
CA SER A 60 -3.31 6.06 10.69
C SER A 60 -3.54 7.25 11.60
N GLU A 61 -2.64 7.41 12.58
CA GLU A 61 -2.74 8.51 13.53
C GLU A 61 -3.11 9.81 12.82
N GLU A 62 -2.17 10.35 12.06
CA GLU A 62 -2.41 11.58 11.32
C GLU A 62 -2.84 11.30 9.88
N GLU A 63 -2.03 10.53 9.17
CA GLU A 63 -2.34 10.18 7.78
C GLU A 63 -3.72 9.55 7.67
N GLN A 64 -4.13 9.25 6.44
CA GLN A 64 -5.44 8.66 6.20
C GLN A 64 -5.30 7.35 5.43
N PRO A 65 -6.27 6.44 5.63
CA PRO A 65 -6.28 5.13 4.97
C PRO A 65 -6.55 5.25 3.47
N ILE A 66 -5.91 4.39 2.69
CA ILE A 66 -6.08 4.38 1.24
C ILE A 66 -6.81 3.13 0.78
N SER A 67 -7.83 3.32 -0.05
CA SER A 67 -8.62 2.21 -0.57
C SER A 67 -7.96 1.61 -1.81
N VAL A 68 -7.42 0.40 -1.67
CA VAL A 68 -6.76 -0.29 -2.77
C VAL A 68 -7.78 -0.88 -3.74
N ASN A 69 -8.99 -1.11 -3.24
CA ASN A 69 -10.06 -1.68 -4.06
C ASN A 69 -9.96 -1.17 -5.50
N ALA A 70 -9.69 -2.08 -6.43
CA ALA A 70 -9.58 -1.73 -7.84
C ALA A 70 -8.36 -0.84 -8.08
N CYS A 71 -7.23 -1.22 -7.50
CA CYS A 71 -6.00 -0.44 -7.66
C CYS A 71 -5.19 -0.95 -8.85
N LEU A 72 -4.14 -0.21 -9.20
CA LEU A 72 -3.29 -0.58 -10.32
C LEU A 72 -1.83 -0.64 -9.90
N ILE A 73 -1.31 -1.84 -9.69
CA ILE A 73 0.07 -2.04 -9.28
C ILE A 73 0.98 -2.23 -10.50
N ASP A 74 2.20 -1.71 -10.40
CA ASP A 74 3.17 -1.83 -11.48
C ASP A 74 4.58 -1.53 -10.99
N ILE A 75 5.49 -2.47 -11.22
CA ILE A 75 6.88 -2.33 -10.81
C ILE A 75 7.42 -0.94 -11.17
N SER A 76 7.55 -0.08 -10.17
CA SER A 76 8.05 1.27 -10.38
C SER A 76 9.09 1.30 -11.50
N TYR A 77 9.11 2.39 -12.24
CA TYR A 77 10.05 2.54 -13.35
C TYR A 77 11.49 2.25 -12.89
N SER A 78 12.44 2.43 -13.80
CA SER A 78 13.84 2.19 -13.47
C SER A 78 14.44 3.36 -12.71
N GLU A 79 13.98 4.57 -13.04
CA GLU A 79 14.47 5.78 -12.38
C GLU A 79 14.65 5.55 -10.88
N THR A 80 13.65 4.93 -10.27
CA THR A 80 13.69 4.65 -8.84
C THR A 80 15.03 4.03 -8.44
N LYS A 81 15.93 4.87 -7.92
CA LYS A 81 17.25 4.41 -7.50
C LYS A 81 17.13 3.18 -6.60
N ARG A 82 16.24 3.25 -5.62
CA ARG A 82 16.03 2.14 -4.70
C ARG A 82 15.57 0.89 -5.45
N LYS A 83 15.69 -0.25 -4.78
CA LYS A 83 15.29 -1.53 -5.38
C LYS A 83 14.01 -2.05 -4.73
N ASN A 84 13.47 -3.13 -5.29
CA ASN A 84 12.25 -3.74 -4.77
C ASN A 84 11.18 -2.68 -4.51
N VAL A 85 10.93 -1.85 -5.53
CA VAL A 85 9.93 -0.80 -5.43
C VAL A 85 8.79 -1.02 -6.42
N PHE A 86 7.56 -1.07 -5.91
CA PHE A 86 6.38 -1.27 -6.75
C PHE A 86 5.45 -0.07 -6.68
N ARG A 87 5.02 0.40 -7.84
CA ARG A 87 4.12 1.54 -7.93
C ARG A 87 2.66 1.10 -7.84
N LEU A 88 1.94 1.65 -6.87
CA LEU A 88 0.53 1.31 -6.68
C LEU A 88 -0.35 2.55 -6.81
N THR A 89 -1.37 2.46 -7.65
CA THR A 89 -2.29 3.57 -7.86
C THR A 89 -3.68 3.24 -7.34
N THR A 90 -4.19 4.08 -6.44
CA THR A 90 -5.51 3.87 -5.86
C THR A 90 -6.50 4.92 -6.37
N SER A 91 -7.76 4.51 -6.49
CA SER A 91 -8.81 5.41 -6.98
C SER A 91 -8.67 6.79 -6.33
N ASP A 92 -8.10 6.82 -5.14
CA ASP A 92 -7.92 8.07 -4.41
C ASP A 92 -6.69 8.82 -4.92
N CYS A 93 -5.52 8.31 -4.59
CA CYS A 93 -4.26 8.93 -5.01
C CYS A 93 -3.22 7.88 -5.34
N GLU A 94 -2.04 8.32 -5.78
CA GLU A 94 -0.96 7.41 -6.13
C GLU A 94 0.16 7.48 -5.10
N CYS A 95 0.92 6.40 -5.00
CA CYS A 95 2.03 6.32 -4.05
C CYS A 95 2.95 5.16 -4.39
N LEU A 96 4.16 5.19 -3.82
CA LEU A 96 5.14 4.14 -4.05
C LEU A 96 5.30 3.25 -2.82
N PHE A 97 6.03 2.17 -2.97
CA PHE A 97 6.27 1.24 -1.86
C PHE A 97 7.59 0.50 -2.04
N GLN A 98 8.36 0.42 -0.95
CA GLN A 98 9.65 -0.26 -1.00
C GLN A 98 9.69 -1.40 0.02
N ALA A 99 10.22 -2.55 -0.40
CA ALA A 99 10.31 -3.71 0.47
C ALA A 99 11.74 -3.93 0.93
N GLU A 100 11.93 -4.88 1.84
CA GLU A 100 13.25 -5.18 2.37
C GLU A 100 14.08 -5.97 1.36
N ASP A 101 13.44 -6.93 0.71
CA ASP A 101 14.11 -7.76 -0.29
C ASP A 101 13.21 -8.00 -1.49
N ARG A 102 13.83 -8.22 -2.65
CA ARG A 102 13.09 -8.46 -3.88
C ARG A 102 11.94 -9.43 -3.65
N ASP A 103 12.28 -10.66 -3.32
CA ASP A 103 11.28 -11.70 -3.06
C ASP A 103 10.10 -11.13 -2.27
N ASP A 104 10.42 -10.29 -1.29
CA ASP A 104 9.39 -9.68 -0.45
C ASP A 104 8.49 -8.77 -1.28
N MET A 105 9.11 -7.91 -2.09
CA MET A 105 8.35 -6.98 -2.93
C MET A 105 7.34 -7.73 -3.79
N LEU A 106 7.81 -8.78 -4.47
CA LEU A 106 6.95 -9.57 -5.34
C LEU A 106 5.72 -10.06 -4.58
N ALA A 107 5.93 -10.54 -3.35
CA ALA A 107 4.83 -11.03 -2.52
C ALA A 107 3.72 -10.00 -2.43
N TRP A 108 4.00 -8.90 -1.75
CA TRP A 108 3.01 -7.83 -1.58
C TRP A 108 2.15 -7.68 -2.84
N ILE A 109 2.82 -7.42 -3.97
CA ILE A 109 2.13 -7.25 -5.23
C ILE A 109 1.00 -8.26 -5.38
N LYS A 110 1.35 -9.54 -5.33
CA LYS A 110 0.37 -10.62 -5.44
C LYS A 110 -0.76 -10.44 -4.44
N THR A 111 -0.44 -10.62 -3.16
CA THR A 111 -1.44 -10.47 -2.10
C THR A 111 -2.40 -9.33 -2.40
N ILE A 112 -1.87 -8.12 -2.47
CA ILE A 112 -2.68 -6.94 -2.75
C ILE A 112 -3.50 -7.13 -4.02
N GLN A 113 -2.82 -7.40 -5.13
CA GLN A 113 -3.49 -7.60 -6.40
C GLN A 113 -4.68 -8.55 -6.25
N GLU A 114 -4.50 -9.59 -5.45
CA GLU A 114 -5.55 -10.57 -5.22
C GLU A 114 -6.76 -9.92 -4.55
N SER A 115 -6.51 -9.15 -3.50
CA SER A 115 -7.58 -8.48 -2.77
C SER A 115 -8.30 -7.47 -3.67
N SER A 116 -7.52 -6.64 -4.36
CA SER A 116 -8.08 -5.63 -5.26
C SER A 116 -8.30 -6.20 -6.65
N ASN A 117 -8.93 -7.37 -6.71
CA ASN A 117 -9.21 -8.03 -7.98
C ASN A 117 -10.71 -8.18 -8.20
N LEU A 118 -11.19 -7.72 -9.35
CA LEU A 118 -12.61 -7.80 -9.68
C LEU A 118 -12.97 -9.21 -10.15
N ASN A 119 -14.12 -9.70 -9.70
CA ASN A 119 -14.58 -11.02 -10.08
C ASN A 119 -15.92 -10.95 -10.81
N SER A 120 -16.23 -11.99 -11.57
CA SER A 120 -17.48 -12.04 -12.33
C SER A 120 -18.65 -11.62 -11.46
N GLY A 121 -19.75 -11.24 -12.10
CA GLY A 121 -20.93 -10.81 -11.36
C GLY A 121 -22.13 -10.58 -12.27
N PRO A 122 -23.34 -10.77 -11.72
CA PRO A 122 -24.58 -10.59 -12.47
C PRO A 122 -24.86 -9.13 -12.80
N SER A 123 -24.20 -8.23 -12.07
CA SER A 123 -24.37 -6.79 -12.29
C SER A 123 -23.02 -6.11 -12.47
N SER A 124 -22.98 -5.14 -13.38
CA SER A 124 -21.75 -4.41 -13.65
C SER A 124 -21.79 -3.02 -13.04
N GLY A 125 -22.80 -2.24 -13.43
CA GLY A 125 -22.95 -0.89 -12.90
C GLY A 125 -23.34 -0.88 -11.44
N GLY A 1 -7.49 -17.10 -3.62
CA GLY A 1 -6.98 -18.25 -4.34
C GLY A 1 -5.94 -19.02 -3.56
N SER A 2 -4.88 -18.33 -3.15
CA SER A 2 -3.81 -18.96 -2.39
C SER A 2 -3.65 -18.30 -1.03
N SER A 3 -3.80 -19.10 0.03
CA SER A 3 -3.68 -18.59 1.39
C SER A 3 -2.24 -18.71 1.90
N GLY A 4 -1.95 -18.07 3.02
CA GLY A 4 -0.62 -18.12 3.59
C GLY A 4 -0.52 -17.39 4.92
N SER A 5 -0.83 -16.09 4.90
CA SER A 5 -0.78 -15.28 6.11
C SER A 5 -1.86 -15.70 7.10
N SER A 6 -1.70 -15.27 8.35
CA SER A 6 -2.66 -15.61 9.39
C SER A 6 -2.97 -14.38 10.24
N GLY A 7 -4.26 -14.10 10.42
CA GLY A 7 -4.68 -12.96 11.20
C GLY A 7 -5.85 -12.22 10.59
N ASP A 8 -5.87 -10.91 10.78
CA ASP A 8 -6.95 -10.08 10.25
C ASP A 8 -6.41 -9.08 9.23
N ALA A 9 -5.29 -9.43 8.60
CA ALA A 9 -4.68 -8.56 7.61
C ALA A 9 -4.00 -9.39 6.51
N ALA A 10 -4.55 -9.32 5.30
CA ALA A 10 -4.01 -10.05 4.17
C ALA A 10 -2.49 -10.11 4.24
N LYS A 11 -1.86 -8.98 4.53
CA LYS A 11 -0.41 -8.91 4.63
C LYS A 11 0.03 -7.63 5.33
N GLU A 12 1.28 -7.59 5.75
CA GLU A 12 1.83 -6.42 6.44
C GLU A 12 3.34 -6.48 6.49
N GLY A 13 3.97 -5.34 6.79
CA GLY A 13 5.42 -5.28 6.87
C GLY A 13 5.95 -3.86 6.70
N TRP A 14 7.18 -3.64 7.16
CA TRP A 14 7.80 -2.33 7.06
C TRP A 14 8.08 -1.97 5.60
N LEU A 15 7.34 -1.01 5.08
CA LEU A 15 7.52 -0.56 3.69
C LEU A 15 7.54 0.96 3.61
N HIS A 16 8.38 1.47 2.71
CA HIS A 16 8.50 2.92 2.52
C HIS A 16 7.31 3.45 1.73
N PHE A 17 6.45 4.21 2.40
CA PHE A 17 5.27 4.79 1.76
C PHE A 17 5.56 6.21 1.28
N ARG A 18 5.64 6.38 -0.03
CA ARG A 18 5.91 7.69 -0.62
C ARG A 18 4.86 8.04 -1.67
N PRO A 19 3.85 8.80 -1.27
CA PRO A 19 2.77 9.22 -2.17
C PRO A 19 3.24 10.23 -3.22
N LEU A 20 2.72 10.09 -4.43
CA LEU A 20 3.09 10.99 -5.52
C LEU A 20 2.38 12.33 -5.39
N VAL A 21 1.07 12.28 -5.14
CA VAL A 21 0.27 13.49 -4.98
C VAL A 21 -0.73 13.35 -3.84
N THR A 22 -0.99 14.47 -3.16
CA THR A 22 -1.93 14.47 -2.05
C THR A 22 -3.03 15.50 -2.25
N ASP A 23 -2.81 16.40 -3.20
CA ASP A 23 -3.80 17.43 -3.50
C ASP A 23 -4.19 17.39 -4.98
N LYS A 24 -5.49 17.43 -5.23
CA LYS A 24 -6.01 17.40 -6.60
C LYS A 24 -6.87 18.62 -6.89
N GLY A 25 -6.34 19.53 -7.70
CA GLY A 25 -7.08 20.73 -8.04
C GLY A 25 -6.85 21.86 -7.05
N LYS A 26 -5.59 22.15 -6.76
CA LYS A 26 -5.25 23.20 -5.82
C LYS A 26 -3.94 23.89 -6.22
N ARG A 27 -3.58 24.94 -5.49
CA ARG A 27 -2.36 25.68 -5.77
C ARG A 27 -1.48 25.79 -4.53
N VAL A 28 -0.50 24.89 -4.44
CA VAL A 28 0.41 24.88 -3.29
C VAL A 28 1.85 25.13 -3.74
N GLY A 29 2.60 25.87 -2.93
CA GLY A 29 3.98 26.17 -3.26
C GLY A 29 4.95 25.49 -2.32
N GLY A 30 5.10 24.18 -2.46
CA GLY A 30 6.01 23.44 -1.61
C GLY A 30 6.68 22.29 -2.35
N SER A 31 7.47 21.50 -1.62
CA SER A 31 8.17 20.38 -2.20
C SER A 31 7.72 19.06 -1.59
N ILE A 32 7.91 17.96 -2.31
CA ILE A 32 7.52 16.65 -1.83
C ILE A 32 8.55 16.08 -0.87
N ARG A 33 8.09 15.51 0.23
CA ARG A 33 8.98 14.92 1.23
C ARG A 33 9.52 13.58 0.76
N PRO A 34 10.68 13.18 1.30
CA PRO A 34 11.32 11.90 0.95
C PRO A 34 10.54 10.71 1.48
N TRP A 35 10.87 9.52 0.96
CA TRP A 35 10.20 8.29 1.38
C TRP A 35 9.90 8.32 2.87
N LYS A 36 8.76 7.75 3.25
CA LYS A 36 8.34 7.70 4.65
C LYS A 36 8.16 6.27 5.12
N GLN A 37 9.10 5.79 5.93
CA GLN A 37 9.03 4.43 6.44
C GLN A 37 8.02 4.32 7.57
N MET A 38 6.93 3.60 7.31
CA MET A 38 5.88 3.43 8.30
C MET A 38 5.17 2.08 8.12
N TYR A 39 5.12 1.29 9.18
CA TYR A 39 4.48 -0.02 9.13
C TYR A 39 3.22 0.03 8.27
N VAL A 40 3.22 -0.73 7.18
CA VAL A 40 2.08 -0.77 6.28
C VAL A 40 1.34 -2.10 6.39
N VAL A 41 0.07 -2.03 6.81
CA VAL A 41 -0.74 -3.22 6.96
C VAL A 41 -1.89 -3.25 5.95
N LEU A 42 -2.28 -4.45 5.53
CA LEU A 42 -3.35 -4.61 4.55
C LEU A 42 -4.53 -5.35 5.17
N ARG A 43 -5.63 -4.65 5.38
CA ARG A 43 -6.83 -5.25 5.96
C ARG A 43 -8.02 -5.09 5.03
N GLY A 44 -8.41 -6.18 4.37
CA GLY A 44 -9.54 -6.13 3.46
C GLY A 44 -9.20 -5.43 2.15
N HIS A 45 -9.73 -4.21 1.99
CA HIS A 45 -9.48 -3.44 0.78
C HIS A 45 -8.89 -2.07 1.13
N SER A 46 -8.46 -1.92 2.37
CA SER A 46 -7.87 -0.66 2.83
C SER A 46 -6.48 -0.89 3.42
N LEU A 47 -5.56 0.01 3.11
CA LEU A 47 -4.19 -0.09 3.61
C LEU A 47 -3.97 0.86 4.78
N TYR A 48 -3.72 0.28 5.96
CA TYR A 48 -3.50 1.07 7.16
C TYR A 48 -2.00 1.15 7.49
N LEU A 49 -1.45 2.35 7.45
CA LEU A 49 -0.04 2.55 7.74
C LEU A 49 0.16 3.04 9.17
N TYR A 50 1.36 2.87 9.70
CA TYR A 50 1.67 3.29 11.06
C TYR A 50 3.16 3.59 11.21
N LYS A 51 3.47 4.62 12.00
CA LYS A 51 4.86 5.01 12.22
C LYS A 51 5.58 4.00 13.10
N ASP A 52 4.86 3.48 14.10
CA ASP A 52 5.44 2.49 15.01
C ASP A 52 4.69 1.16 14.91
N LYS A 53 5.32 0.10 15.40
CA LYS A 53 4.72 -1.22 15.37
C LYS A 53 4.32 -1.67 16.77
N ARG A 54 3.91 -0.72 17.60
CA ARG A 54 3.51 -1.03 18.98
C ARG A 54 2.00 -0.90 19.14
N GLU A 55 1.47 0.31 18.88
CA GLU A 55 0.05 0.56 19.00
C GLU A 55 -0.76 -0.51 18.27
N GLN A 56 -0.64 -0.54 16.95
CA GLN A 56 -1.36 -1.52 16.13
C GLN A 56 -2.82 -1.63 16.58
N THR A 57 -3.42 -0.48 16.89
CA THR A 57 -4.81 -0.45 17.32
C THR A 57 -5.68 0.35 16.36
N THR A 58 -5.35 1.64 16.21
CA THR A 58 -6.09 2.52 15.33
C THR A 58 -5.72 2.27 13.87
N PRO A 59 -6.62 2.65 12.96
CA PRO A 59 -6.41 2.48 11.51
C PRO A 59 -5.33 3.43 10.97
N SER A 60 -5.19 4.58 11.60
CA SER A 60 -4.21 5.57 11.19
C SER A 60 -4.18 6.75 12.16
N GLU A 61 -3.00 7.04 12.69
CA GLU A 61 -2.84 8.15 13.62
C GLU A 61 -3.13 9.48 12.95
N GLU A 62 -2.24 9.90 12.05
CA GLU A 62 -2.41 11.16 11.33
C GLU A 62 -2.86 10.91 9.90
N GLU A 63 -2.08 10.14 9.16
CA GLU A 63 -2.41 9.83 7.77
C GLU A 63 -3.79 9.19 7.68
N GLN A 64 -4.22 8.93 6.44
CA GLN A 64 -5.53 8.32 6.21
C GLN A 64 -5.40 7.05 5.37
N PRO A 65 -6.37 6.13 5.55
CA PRO A 65 -6.39 4.86 4.82
C PRO A 65 -6.67 5.03 3.34
N ILE A 66 -6.01 4.23 2.51
CA ILE A 66 -6.20 4.30 1.07
C ILE A 66 -6.94 3.07 0.55
N SER A 67 -8.14 3.28 0.02
CA SER A 67 -8.94 2.19 -0.51
C SER A 67 -8.25 1.52 -1.69
N VAL A 68 -7.67 0.35 -1.45
CA VAL A 68 -6.98 -0.39 -2.49
C VAL A 68 -7.91 -1.39 -3.18
N ASN A 69 -9.21 -1.11 -3.10
CA ASN A 69 -10.21 -1.99 -3.71
C ASN A 69 -9.87 -2.26 -5.18
N ALA A 70 -9.59 -1.20 -5.92
CA ALA A 70 -9.24 -1.32 -7.34
C ALA A 70 -8.01 -0.51 -7.68
N CYS A 71 -6.87 -0.90 -7.11
CA CYS A 71 -5.62 -0.21 -7.36
C CYS A 71 -4.82 -0.90 -8.46
N LEU A 72 -4.02 -0.11 -9.19
CA LEU A 72 -3.21 -0.65 -10.27
C LEU A 72 -1.73 -0.65 -9.89
N ILE A 73 -1.21 -1.84 -9.60
CA ILE A 73 0.19 -1.99 -9.23
C ILE A 73 1.08 -2.21 -10.45
N ASP A 74 2.27 -1.64 -10.43
CA ASP A 74 3.21 -1.78 -11.54
C ASP A 74 4.62 -1.43 -11.10
N ILE A 75 5.52 -2.41 -11.17
CA ILE A 75 6.90 -2.21 -10.79
C ILE A 75 7.41 -0.83 -11.19
N SER A 76 7.45 0.08 -10.23
CA SER A 76 7.91 1.44 -10.48
C SER A 76 9.03 1.45 -11.52
N TYR A 77 9.17 2.57 -12.21
CA TYR A 77 10.21 2.72 -13.23
C TYR A 77 11.53 2.12 -12.75
N SER A 78 12.44 1.88 -13.69
CA SER A 78 13.74 1.31 -13.36
C SER A 78 14.83 2.36 -13.43
N GLU A 79 14.59 3.50 -12.79
CA GLU A 79 15.56 4.59 -12.77
C GLU A 79 16.10 4.82 -11.36
N THR A 80 15.20 5.09 -10.42
CA THR A 80 15.59 5.33 -9.04
C THR A 80 16.61 4.30 -8.57
N LYS A 81 17.58 4.76 -7.78
CA LYS A 81 18.61 3.89 -7.26
C LYS A 81 18.10 3.05 -6.09
N ARG A 82 16.95 2.41 -6.29
CA ARG A 82 16.36 1.58 -5.26
C ARG A 82 15.79 0.29 -5.85
N LYS A 83 16.00 -0.82 -5.15
CA LYS A 83 15.51 -2.11 -5.60
C LYS A 83 14.36 -2.60 -4.72
N ASN A 84 13.50 -3.43 -5.30
CA ASN A 84 12.36 -3.97 -4.56
C ASN A 84 11.30 -2.89 -4.32
N VAL A 85 11.06 -2.07 -5.33
CA VAL A 85 10.08 -0.99 -5.23
C VAL A 85 8.99 -1.14 -6.28
N PHE A 86 7.74 -1.04 -5.85
CA PHE A 86 6.61 -1.17 -6.76
C PHE A 86 5.69 0.05 -6.66
N ARG A 87 5.19 0.49 -7.81
CA ARG A 87 4.30 1.66 -7.86
C ARG A 87 2.84 1.23 -7.77
N LEU A 88 2.09 1.92 -6.92
CA LEU A 88 0.67 1.62 -6.75
C LEU A 88 -0.18 2.86 -6.94
N THR A 89 -1.30 2.70 -7.66
CA THR A 89 -2.20 3.82 -7.93
C THR A 89 -3.62 3.48 -7.47
N THR A 90 -4.16 4.33 -6.60
CA THR A 90 -5.52 4.13 -6.08
C THR A 90 -6.46 5.22 -6.58
N SER A 91 -7.71 4.85 -6.83
CA SER A 91 -8.70 5.80 -7.32
C SER A 91 -8.53 7.15 -6.65
N ASP A 92 -8.13 7.14 -5.38
CA ASP A 92 -7.92 8.36 -4.61
C ASP A 92 -6.67 9.10 -5.09
N CYS A 93 -5.51 8.52 -4.82
CA CYS A 93 -4.25 9.12 -5.24
C CYS A 93 -3.22 8.04 -5.57
N GLU A 94 -2.04 8.47 -6.01
CA GLU A 94 -0.98 7.54 -6.37
C GLU A 94 0.13 7.56 -5.31
N CYS A 95 0.86 6.45 -5.22
CA CYS A 95 1.94 6.34 -4.25
C CYS A 95 2.85 5.16 -4.59
N LEU A 96 4.05 5.17 -4.02
CA LEU A 96 5.02 4.10 -4.26
C LEU A 96 5.24 3.27 -3.00
N PHE A 97 5.94 2.14 -3.16
CA PHE A 97 6.22 1.27 -2.03
C PHE A 97 7.53 0.51 -2.25
N GLN A 98 8.34 0.43 -1.21
CA GLN A 98 9.62 -0.27 -1.29
C GLN A 98 9.66 -1.45 -0.33
N ALA A 99 10.50 -2.44 -0.63
CA ALA A 99 10.63 -3.62 0.21
C ALA A 99 12.08 -3.85 0.62
N GLU A 100 12.32 -4.93 1.35
CA GLU A 100 13.66 -5.25 1.81
C GLU A 100 14.36 -6.19 0.82
N ASP A 101 13.64 -7.19 0.34
CA ASP A 101 14.18 -8.15 -0.61
C ASP A 101 13.18 -8.44 -1.72
N ARG A 102 13.70 -8.78 -2.90
CA ARG A 102 12.85 -9.08 -4.05
C ARG A 102 11.65 -9.92 -3.63
N ASP A 103 11.91 -11.09 -3.05
CA ASP A 103 10.85 -11.98 -2.61
C ASP A 103 9.76 -11.20 -1.87
N ASP A 104 10.16 -10.42 -0.88
CA ASP A 104 9.22 -9.62 -0.10
C ASP A 104 8.42 -8.69 -1.00
N MET A 105 9.10 -8.07 -1.96
CA MET A 105 8.45 -7.16 -2.89
C MET A 105 7.39 -7.88 -3.71
N LEU A 106 7.78 -9.00 -4.31
CA LEU A 106 6.86 -9.79 -5.12
C LEU A 106 5.62 -10.19 -4.32
N ALA A 107 5.83 -10.60 -3.08
CA ALA A 107 4.73 -11.01 -2.21
C ALA A 107 3.67 -9.92 -2.13
N TRP A 108 4.01 -8.82 -1.48
CA TRP A 108 3.09 -7.70 -1.32
C TRP A 108 2.27 -7.50 -2.59
N ILE A 109 2.97 -7.28 -3.71
CA ILE A 109 2.30 -7.07 -4.99
C ILE A 109 1.13 -8.05 -5.16
N LYS A 110 1.43 -9.33 -5.08
CA LYS A 110 0.40 -10.36 -5.22
C LYS A 110 -0.73 -10.15 -4.22
N THR A 111 -0.40 -10.19 -2.93
CA THR A 111 -1.38 -9.99 -1.88
C THR A 111 -2.34 -8.85 -2.22
N ILE A 112 -1.78 -7.66 -2.41
CA ILE A 112 -2.58 -6.49 -2.73
C ILE A 112 -3.39 -6.71 -4.01
N GLN A 113 -2.70 -7.08 -5.08
CA GLN A 113 -3.35 -7.32 -6.37
C GLN A 113 -4.53 -8.27 -6.20
N GLU A 114 -4.39 -9.22 -5.27
CA GLU A 114 -5.45 -10.19 -5.02
C GLU A 114 -6.62 -9.55 -4.29
N SER A 115 -6.32 -8.82 -3.21
CA SER A 115 -7.34 -8.16 -2.42
C SER A 115 -8.15 -7.19 -3.28
N SER A 116 -7.47 -6.51 -4.20
CA SER A 116 -8.11 -5.56 -5.09
C SER A 116 -8.94 -6.27 -6.15
N ASN A 117 -8.33 -7.25 -6.82
CA ASN A 117 -9.00 -8.00 -7.86
C ASN A 117 -10.36 -8.49 -7.37
N LEU A 118 -11.13 -9.09 -8.28
CA LEU A 118 -12.46 -9.60 -7.95
C LEU A 118 -12.37 -11.03 -7.40
N ASN A 119 -13.44 -11.47 -6.76
CA ASN A 119 -13.49 -12.82 -6.19
C ASN A 119 -14.35 -13.74 -7.05
N SER A 120 -13.71 -14.38 -8.03
CA SER A 120 -14.42 -15.29 -8.93
C SER A 120 -13.44 -16.02 -9.84
N GLY A 121 -13.56 -17.34 -9.89
CA GLY A 121 -12.68 -18.13 -10.72
C GLY A 121 -12.75 -17.74 -12.18
N PRO A 122 -13.67 -18.39 -12.92
CA PRO A 122 -13.87 -18.12 -14.34
C PRO A 122 -14.49 -16.74 -14.60
N SER A 123 -14.15 -16.15 -15.74
CA SER A 123 -14.66 -14.83 -16.10
C SER A 123 -16.11 -14.93 -16.58
N SER A 124 -17.01 -14.24 -15.89
CA SER A 124 -18.42 -14.25 -16.25
C SER A 124 -18.85 -12.92 -16.84
N GLY A 125 -19.93 -12.93 -17.61
CA GLY A 125 -20.42 -11.71 -18.22
C GLY A 125 -20.48 -11.81 -19.74
N GLY A 1 3.45 -15.26 -1.57
CA GLY A 1 2.81 -16.43 -1.01
C GLY A 1 1.42 -16.67 -1.56
N SER A 2 0.63 -17.47 -0.86
CA SER A 2 -0.72 -17.78 -1.29
C SER A 2 -1.74 -17.34 -0.24
N SER A 3 -1.53 -17.77 1.00
CA SER A 3 -2.42 -17.43 2.09
C SER A 3 -1.96 -16.16 2.81
N GLY A 4 -0.69 -16.16 3.23
CA GLY A 4 -0.14 -15.01 3.91
C GLY A 4 0.20 -15.30 5.35
N SER A 5 -0.50 -14.65 6.27
CA SER A 5 -0.25 -14.84 7.70
C SER A 5 -1.52 -15.30 8.41
N SER A 6 -1.37 -15.72 9.66
CA SER A 6 -2.50 -16.20 10.44
C SER A 6 -3.02 -15.09 11.37
N GLY A 7 -3.09 -13.88 10.83
CA GLY A 7 -3.58 -12.76 11.62
C GLY A 7 -4.83 -12.13 11.04
N ASP A 8 -5.17 -10.95 11.52
CA ASP A 8 -6.36 -10.24 11.05
C ASP A 8 -6.00 -9.22 9.97
N ALA A 9 -4.86 -9.43 9.33
CA ALA A 9 -4.40 -8.53 8.27
C ALA A 9 -3.81 -9.31 7.10
N ALA A 10 -4.48 -9.22 5.96
CA ALA A 10 -4.03 -9.91 4.76
C ALA A 10 -2.50 -9.97 4.70
N LYS A 11 -1.86 -8.84 4.97
CA LYS A 11 -0.40 -8.76 4.95
C LYS A 11 0.08 -7.55 5.75
N GLU A 12 1.29 -7.65 6.29
CA GLU A 12 1.88 -6.58 7.07
C GLU A 12 3.40 -6.58 6.96
N GLY A 13 4.00 -5.40 7.09
CA GLY A 13 5.44 -5.28 7.00
C GLY A 13 5.90 -3.87 6.71
N TRP A 14 7.14 -3.56 7.07
CA TRP A 14 7.70 -2.23 6.85
C TRP A 14 7.86 -1.96 5.36
N LEU A 15 7.41 -0.78 4.92
CA LEU A 15 7.52 -0.40 3.52
C LEU A 15 7.59 1.12 3.38
N HIS A 16 8.38 1.58 2.40
CA HIS A 16 8.55 3.01 2.16
C HIS A 16 7.35 3.56 1.40
N PHE A 17 6.49 4.29 2.09
CA PHE A 17 5.31 4.89 1.48
C PHE A 17 5.59 6.32 1.04
N ARG A 18 5.61 6.54 -0.27
CA ARG A 18 5.87 7.86 -0.81
C ARG A 18 4.76 8.26 -1.79
N PRO A 19 3.78 9.03 -1.30
CA PRO A 19 2.66 9.50 -2.10
C PRO A 19 3.07 10.54 -3.13
N LEU A 20 2.47 10.49 -4.31
CA LEU A 20 2.77 11.43 -5.38
C LEU A 20 2.01 12.73 -5.20
N VAL A 21 0.70 12.68 -5.43
CA VAL A 21 -0.15 13.85 -5.29
C VAL A 21 -1.42 13.52 -4.52
N THR A 22 -1.84 14.45 -3.66
CA THR A 22 -3.04 14.26 -2.85
C THR A 22 -4.00 15.44 -3.01
N ASP A 23 -3.46 16.64 -3.02
CA ASP A 23 -4.26 17.86 -3.16
C ASP A 23 -5.11 17.79 -4.42
N LYS A 24 -6.40 17.54 -4.26
CA LYS A 24 -7.32 17.46 -5.38
C LYS A 24 -7.88 18.84 -5.74
N GLY A 25 -7.96 19.13 -7.03
CA GLY A 25 -8.48 20.41 -7.48
C GLY A 25 -7.54 21.56 -7.14
N LYS A 26 -6.25 21.37 -7.38
CA LYS A 26 -5.26 22.40 -7.10
C LYS A 26 -4.04 22.24 -8.01
N ARG A 27 -3.77 23.27 -8.80
CA ARG A 27 -2.62 23.25 -9.71
C ARG A 27 -1.49 24.11 -9.18
N VAL A 28 -1.13 23.92 -7.92
CA VAL A 28 -0.06 24.68 -7.30
C VAL A 28 1.18 23.81 -7.08
N GLY A 29 1.01 22.51 -7.24
CA GLY A 29 2.13 21.59 -7.06
C GLY A 29 2.74 21.69 -5.68
N GLY A 30 3.74 22.56 -5.53
CA GLY A 30 4.39 22.71 -4.24
C GLY A 30 5.60 21.81 -4.09
N SER A 31 6.10 21.70 -2.86
CA SER A 31 7.27 20.87 -2.58
C SER A 31 6.84 19.42 -2.36
N ILE A 32 7.80 18.50 -2.53
CA ILE A 32 7.53 17.08 -2.36
C ILE A 32 8.21 16.55 -1.10
N ARG A 33 7.60 15.54 -0.49
CA ARG A 33 8.14 14.94 0.73
C ARG A 33 8.87 13.64 0.41
N PRO A 34 9.97 13.38 1.16
CA PRO A 34 10.78 12.18 0.97
C PRO A 34 10.06 10.92 1.42
N TRP A 35 10.53 9.78 0.94
CA TRP A 35 9.92 8.49 1.29
C TRP A 35 9.55 8.46 2.77
N LYS A 36 8.34 8.00 3.06
CA LYS A 36 7.86 7.91 4.43
C LYS A 36 7.81 6.46 4.90
N GLN A 37 8.89 6.03 5.56
CA GLN A 37 8.97 4.66 6.06
C GLN A 37 8.07 4.47 7.27
N MET A 38 6.96 3.75 7.08
CA MET A 38 6.02 3.50 8.17
C MET A 38 5.35 2.13 7.99
N TYR A 39 5.21 1.40 9.09
CA TYR A 39 4.60 0.08 9.06
C TYR A 39 3.28 0.12 8.30
N VAL A 40 3.26 -0.55 7.15
CA VAL A 40 2.05 -0.60 6.32
C VAL A 40 1.32 -1.92 6.50
N VAL A 41 0.04 -1.83 6.88
CA VAL A 41 -0.78 -3.01 7.09
C VAL A 41 -1.94 -3.07 6.10
N LEU A 42 -2.16 -4.25 5.53
CA LEU A 42 -3.25 -4.43 4.56
C LEU A 42 -4.40 -5.21 5.17
N ARG A 43 -5.54 -4.55 5.32
CA ARG A 43 -6.73 -5.18 5.90
C ARG A 43 -7.92 -5.04 4.96
N GLY A 44 -8.24 -6.12 4.24
CA GLY A 44 -9.35 -6.10 3.33
C GLY A 44 -9.05 -5.33 2.06
N HIS A 45 -9.57 -4.11 1.96
CA HIS A 45 -9.35 -3.28 0.78
C HIS A 45 -8.76 -1.92 1.18
N SER A 46 -8.38 -1.80 2.45
CA SER A 46 -7.81 -0.56 2.95
C SER A 46 -6.40 -0.78 3.48
N LEU A 47 -5.54 0.22 3.29
CA LEU A 47 -4.16 0.13 3.74
C LEU A 47 -3.92 1.03 4.95
N TYR A 48 -3.76 0.42 6.11
CA TYR A 48 -3.53 1.16 7.35
C TYR A 48 -2.04 1.18 7.70
N LEU A 49 -1.43 2.36 7.62
CA LEU A 49 -0.02 2.52 7.93
C LEU A 49 0.17 2.90 9.40
N TYR A 50 1.41 2.81 9.87
CA TYR A 50 1.73 3.16 11.24
C TYR A 50 3.18 3.64 11.36
N LYS A 51 3.38 4.68 12.17
CA LYS A 51 4.71 5.24 12.38
C LYS A 51 5.62 4.24 13.06
N ASP A 52 5.08 3.51 14.04
CA ASP A 52 5.84 2.52 14.78
C ASP A 52 5.16 1.16 14.72
N LYS A 53 5.81 0.15 15.29
CA LYS A 53 5.26 -1.20 15.31
C LYS A 53 4.47 -1.45 16.59
N ARG A 54 4.10 -0.37 17.28
CA ARG A 54 3.34 -0.48 18.52
C ARG A 54 2.03 -1.22 18.28
N GLU A 55 1.41 -1.67 19.38
CA GLU A 55 0.15 -2.39 19.30
C GLU A 55 -0.69 -1.90 18.12
N GLN A 56 -1.07 -2.82 17.24
CA GLN A 56 -1.86 -2.49 16.07
C GLN A 56 -3.35 -2.42 16.42
N THR A 57 -3.64 -2.17 17.69
CA THR A 57 -5.02 -2.09 18.16
C THR A 57 -5.67 -0.79 17.71
N THR A 58 -4.91 0.30 17.75
CA THR A 58 -5.42 1.60 17.35
C THR A 58 -5.36 1.77 15.83
N PRO A 59 -6.26 2.62 15.30
CA PRO A 59 -6.32 2.88 13.86
C PRO A 59 -5.12 3.68 13.35
N SER A 60 -5.09 3.92 12.05
CA SER A 60 -3.99 4.66 11.44
C SER A 60 -3.56 5.83 12.34
N GLU A 61 -2.34 6.31 12.11
CA GLU A 61 -1.81 7.42 12.89
C GLU A 61 -1.79 8.71 12.07
N GLU A 62 -2.83 9.53 12.26
CA GLU A 62 -2.94 10.79 11.53
C GLU A 62 -2.71 10.59 10.04
N GLU A 63 -2.97 9.36 9.57
CA GLU A 63 -2.80 9.04 8.16
C GLU A 63 -4.02 8.32 7.62
N GLN A 64 -4.68 8.93 6.63
CA GLN A 64 -5.88 8.34 6.03
C GLN A 64 -5.53 7.05 5.30
N PRO A 65 -6.49 6.12 5.27
CA PRO A 65 -6.31 4.82 4.60
C PRO A 65 -6.25 4.94 3.09
N ILE A 66 -5.66 3.94 2.43
CA ILE A 66 -5.54 3.95 0.99
C ILE A 66 -6.31 2.78 0.37
N SER A 67 -7.52 3.04 -0.10
CA SER A 67 -8.34 2.01 -0.71
C SER A 67 -7.70 1.47 -1.98
N VAL A 68 -7.20 0.24 -1.91
CA VAL A 68 -6.56 -0.39 -3.05
C VAL A 68 -7.58 -0.97 -4.01
N ASN A 69 -8.78 -1.24 -3.50
CA ASN A 69 -9.85 -1.80 -4.32
C ASN A 69 -9.83 -1.21 -5.73
N ALA A 70 -9.44 -2.03 -6.70
CA ALA A 70 -9.37 -1.59 -8.08
C ALA A 70 -8.19 -0.65 -8.31
N CYS A 71 -7.03 -1.04 -7.83
CA CYS A 71 -5.82 -0.23 -7.98
C CYS A 71 -4.97 -0.72 -9.14
N LEU A 72 -3.91 0.03 -9.45
CA LEU A 72 -3.02 -0.33 -10.55
C LEU A 72 -1.57 -0.41 -10.06
N ILE A 73 -1.09 -1.63 -9.87
CA ILE A 73 0.28 -1.83 -9.41
C ILE A 73 1.23 -2.03 -10.60
N ASP A 74 2.42 -1.44 -10.50
CA ASP A 74 3.41 -1.56 -11.56
C ASP A 74 4.81 -1.27 -11.03
N ILE A 75 5.68 -2.27 -11.10
CA ILE A 75 7.05 -2.12 -10.62
C ILE A 75 7.61 -0.74 -10.97
N SER A 76 7.53 0.19 -10.02
CA SER A 76 8.03 1.55 -10.23
C SER A 76 9.28 1.53 -11.09
N TYR A 77 9.53 2.64 -11.79
CA TYR A 77 10.70 2.76 -12.64
C TYR A 77 11.97 2.33 -11.90
N SER A 78 12.90 1.74 -12.64
CA SER A 78 14.15 1.28 -12.06
C SER A 78 15.14 2.43 -11.88
N GLU A 79 15.02 3.43 -12.75
CA GLU A 79 15.89 4.60 -12.69
C GLU A 79 16.25 4.94 -11.25
N THR A 80 15.25 4.87 -10.38
CA THR A 80 15.46 5.18 -8.96
C THR A 80 16.45 4.21 -8.33
N LYS A 81 17.34 4.76 -7.49
CA LYS A 81 18.35 3.95 -6.82
C LYS A 81 17.70 2.81 -6.03
N ARG A 82 16.61 3.13 -5.33
CA ARG A 82 15.91 2.15 -4.53
C ARG A 82 15.51 0.94 -5.38
N LYS A 83 15.55 -0.24 -4.78
CA LYS A 83 15.19 -1.47 -5.48
C LYS A 83 13.88 -2.04 -4.95
N ASN A 84 13.46 -3.16 -5.51
CA ASN A 84 12.22 -3.81 -5.09
C ASN A 84 11.15 -2.77 -4.74
N VAL A 85 10.94 -1.82 -5.64
CA VAL A 85 9.95 -0.77 -5.44
C VAL A 85 8.81 -0.89 -6.43
N PHE A 86 7.60 -1.09 -5.92
CA PHE A 86 6.42 -1.22 -6.76
C PHE A 86 5.54 0.02 -6.66
N ARG A 87 5.10 0.52 -7.81
CA ARG A 87 4.25 1.70 -7.85
C ARG A 87 2.77 1.31 -7.82
N LEU A 88 2.06 1.77 -6.79
CA LEU A 88 0.65 1.48 -6.65
C LEU A 88 -0.19 2.75 -6.76
N THR A 89 -1.25 2.69 -7.58
CA THR A 89 -2.13 3.83 -7.77
C THR A 89 -3.56 3.50 -7.35
N THR A 90 -4.11 4.33 -6.46
CA THR A 90 -5.47 4.13 -5.99
C THR A 90 -6.41 5.20 -6.52
N SER A 91 -7.66 4.81 -6.78
CA SER A 91 -8.65 5.74 -7.30
C SER A 91 -8.62 7.06 -6.52
N ASP A 92 -8.10 7.00 -5.31
CA ASP A 92 -8.02 8.19 -4.46
C ASP A 92 -6.75 8.99 -4.77
N CYS A 93 -5.61 8.37 -4.51
CA CYS A 93 -4.32 9.02 -4.76
C CYS A 93 -3.27 8.00 -5.19
N GLU A 94 -2.09 8.50 -5.55
CA GLU A 94 -1.00 7.63 -6.00
C GLU A 94 0.13 7.61 -4.97
N CYS A 95 0.86 6.50 -4.92
CA CYS A 95 1.97 6.35 -3.99
C CYS A 95 2.88 5.19 -4.40
N LEU A 96 4.02 5.09 -3.74
CA LEU A 96 4.98 4.03 -4.04
C LEU A 96 5.21 3.15 -2.82
N PHE A 97 5.89 2.02 -3.03
CA PHE A 97 6.18 1.09 -1.94
C PHE A 97 7.48 0.33 -2.19
N GLN A 98 8.25 0.12 -1.14
CA GLN A 98 9.52 -0.59 -1.27
C GLN A 98 9.62 -1.71 -0.23
N ALA A 99 10.14 -2.86 -0.66
CA ALA A 99 10.29 -4.00 0.23
C ALA A 99 11.75 -4.21 0.62
N GLU A 100 11.98 -5.15 1.54
CA GLU A 100 13.33 -5.44 2.00
C GLU A 100 14.08 -6.30 0.97
N ASP A 101 13.44 -7.37 0.53
CA ASP A 101 14.04 -8.27 -0.45
C ASP A 101 13.04 -8.62 -1.54
N ARG A 102 13.54 -8.84 -2.75
CA ARG A 102 12.70 -9.18 -3.88
C ARG A 102 11.53 -10.06 -3.44
N ASP A 103 11.85 -11.24 -2.92
CA ASP A 103 10.83 -12.16 -2.45
C ASP A 103 9.70 -11.43 -1.75
N ASP A 104 10.06 -10.57 -0.80
CA ASP A 104 9.07 -9.80 -0.04
C ASP A 104 8.29 -8.88 -0.97
N MET A 105 9.00 -8.20 -1.86
CA MET A 105 8.37 -7.28 -2.80
C MET A 105 7.20 -7.96 -3.52
N LEU A 106 7.49 -9.07 -4.18
CA LEU A 106 6.47 -9.81 -4.91
C LEU A 106 5.30 -10.17 -3.99
N ALA A 107 5.63 -10.65 -2.80
CA ALA A 107 4.60 -11.03 -1.83
C ALA A 107 3.54 -9.95 -1.70
N TRP A 108 3.97 -8.70 -1.64
CA TRP A 108 3.05 -7.57 -1.51
C TRP A 108 2.23 -7.40 -2.79
N ILE A 109 2.92 -7.21 -3.91
CA ILE A 109 2.26 -7.04 -5.19
C ILE A 109 1.14 -8.06 -5.38
N LYS A 110 1.45 -9.33 -5.11
CA LYS A 110 0.48 -10.40 -5.25
C LYS A 110 -0.68 -10.21 -4.28
N THR A 111 -0.40 -10.33 -2.99
CA THR A 111 -1.43 -10.16 -1.96
C THR A 111 -2.33 -8.98 -2.28
N ILE A 112 -1.73 -7.80 -2.45
CA ILE A 112 -2.49 -6.60 -2.77
C ILE A 112 -3.32 -6.78 -4.03
N GLN A 113 -2.66 -7.19 -5.11
CA GLN A 113 -3.34 -7.40 -6.38
C GLN A 113 -4.55 -8.31 -6.21
N GLU A 114 -4.42 -9.30 -5.33
CA GLU A 114 -5.50 -10.25 -5.08
C GLU A 114 -6.72 -9.53 -4.49
N SER A 115 -6.48 -8.72 -3.47
CA SER A 115 -7.56 -7.99 -2.81
C SER A 115 -8.28 -7.09 -3.81
N SER A 116 -7.53 -6.26 -4.51
CA SER A 116 -8.10 -5.34 -5.49
C SER A 116 -8.88 -6.10 -6.55
N ASN A 117 -8.26 -7.17 -7.08
CA ASN A 117 -8.90 -7.99 -8.10
C ASN A 117 -10.38 -8.19 -7.80
N LEU A 118 -11.21 -8.02 -8.83
CA LEU A 118 -12.65 -8.19 -8.66
C LEU A 118 -13.13 -9.47 -9.34
N ASN A 119 -12.44 -10.57 -9.06
CA ASN A 119 -12.78 -11.86 -9.64
C ASN A 119 -12.90 -12.92 -8.56
N SER A 120 -14.14 -13.29 -8.22
CA SER A 120 -14.38 -14.31 -7.20
C SER A 120 -15.42 -15.32 -7.67
N GLY A 121 -15.68 -16.32 -6.84
CA GLY A 121 -16.65 -17.35 -7.19
C GLY A 121 -17.81 -17.41 -6.22
N PRO A 122 -17.81 -18.46 -5.39
CA PRO A 122 -18.87 -18.67 -4.38
C PRO A 122 -18.80 -17.64 -3.25
N SER A 123 -19.89 -16.91 -3.06
CA SER A 123 -19.95 -15.90 -2.01
C SER A 123 -20.51 -16.49 -0.72
N SER A 124 -21.68 -17.10 -0.81
CA SER A 124 -22.32 -17.70 0.35
C SER A 124 -22.45 -19.21 0.19
N GLY A 125 -21.67 -19.95 0.96
CA GLY A 125 -21.70 -21.41 0.88
C GLY A 125 -22.75 -22.00 1.79
N GLY A 1 -17.97 -12.40 -3.52
CA GLY A 1 -16.85 -12.17 -2.62
C GLY A 1 -17.06 -10.95 -1.74
N SER A 2 -17.09 -11.18 -0.43
CA SER A 2 -17.29 -10.09 0.53
C SER A 2 -16.20 -10.10 1.59
N SER A 3 -16.08 -11.21 2.30
CA SER A 3 -15.08 -11.35 3.36
C SER A 3 -14.33 -12.67 3.23
N GLY A 4 -13.13 -12.72 3.80
CA GLY A 4 -12.34 -13.94 3.74
C GLY A 4 -10.87 -13.68 4.02
N SER A 5 -10.35 -14.28 5.08
CA SER A 5 -8.95 -14.11 5.46
C SER A 5 -8.59 -15.00 6.64
N SER A 6 -7.31 -15.31 6.77
CA SER A 6 -6.84 -16.16 7.86
C SER A 6 -6.53 -15.33 9.10
N GLY A 7 -5.81 -14.22 8.90
CA GLY A 7 -5.47 -13.36 10.02
C GLY A 7 -6.29 -12.09 10.04
N ASP A 8 -5.88 -11.14 10.88
CA ASP A 8 -6.59 -9.87 11.00
C ASP A 8 -6.11 -8.88 9.94
N ALA A 9 -5.18 -9.32 9.09
CA ALA A 9 -4.65 -8.48 8.04
C ALA A 9 -3.94 -9.31 6.96
N ALA A 10 -4.54 -9.35 5.77
CA ALA A 10 -3.97 -10.11 4.66
C ALA A 10 -2.45 -10.10 4.71
N LYS A 11 -1.87 -8.90 4.75
CA LYS A 11 -0.42 -8.75 4.79
C LYS A 11 -0.02 -7.58 5.69
N GLU A 12 1.24 -7.55 6.09
CA GLU A 12 1.75 -6.49 6.95
C GLU A 12 3.28 -6.47 6.95
N GLY A 13 3.85 -5.33 7.32
CA GLY A 13 5.29 -5.20 7.35
C GLY A 13 5.75 -3.77 7.15
N TRP A 14 7.01 -3.50 7.47
CA TRP A 14 7.57 -2.17 7.31
C TRP A 14 7.86 -1.87 5.85
N LEU A 15 7.29 -0.77 5.36
CA LEU A 15 7.48 -0.37 3.97
C LEU A 15 7.50 1.14 3.83
N HIS A 16 8.29 1.64 2.89
CA HIS A 16 8.40 3.07 2.67
C HIS A 16 7.22 3.58 1.83
N PHE A 17 6.33 4.33 2.47
CA PHE A 17 5.17 4.89 1.79
C PHE A 17 5.44 6.30 1.28
N ARG A 18 5.52 6.44 -0.03
CA ARG A 18 5.78 7.73 -0.65
C ARG A 18 4.70 8.08 -1.67
N PRO A 19 3.73 8.92 -1.25
CA PRO A 19 2.63 9.35 -2.11
C PRO A 19 3.09 10.28 -3.23
N LEU A 20 2.49 10.13 -4.40
CA LEU A 20 2.83 10.96 -5.55
C LEU A 20 1.99 12.22 -5.58
N VAL A 21 0.68 12.06 -5.48
CA VAL A 21 -0.24 13.19 -5.49
C VAL A 21 -1.23 13.11 -4.35
N THR A 22 -0.82 13.58 -3.18
CA THR A 22 -1.68 13.55 -2.00
C THR A 22 -1.95 14.96 -1.48
N ASP A 23 -0.94 15.82 -1.57
CA ASP A 23 -1.07 17.19 -1.10
C ASP A 23 -0.78 18.17 -2.24
N LYS A 24 -1.35 17.90 -3.41
CA LYS A 24 -1.16 18.77 -4.57
C LYS A 24 -1.09 20.23 -4.16
N GLY A 25 -2.24 20.78 -3.76
CA GLY A 25 -2.29 22.18 -3.35
C GLY A 25 -2.68 22.33 -1.90
N LYS A 26 -1.73 22.13 -1.00
CA LYS A 26 -1.99 22.26 0.43
C LYS A 26 -0.78 22.87 1.15
N ARG A 27 -0.99 23.28 2.39
CA ARG A 27 0.07 23.87 3.18
C ARG A 27 0.40 23.01 4.40
N VAL A 28 0.46 21.70 4.19
CA VAL A 28 0.76 20.76 5.26
C VAL A 28 2.27 20.50 5.36
N GLY A 29 2.79 20.53 6.57
CA GLY A 29 4.20 20.29 6.78
C GLY A 29 5.06 20.97 5.73
N GLY A 30 4.82 22.26 5.51
CA GLY A 30 5.59 22.99 4.51
C GLY A 30 5.89 22.16 3.28
N SER A 31 7.10 22.31 2.75
CA SER A 31 7.51 21.58 1.56
C SER A 31 7.14 20.10 1.68
N ILE A 32 7.31 19.36 0.58
CA ILE A 32 6.99 17.94 0.57
C ILE A 32 8.19 17.11 1.02
N ARG A 33 7.95 16.16 1.93
CA ARG A 33 9.01 15.31 2.44
C ARG A 33 9.14 14.04 1.59
N PRO A 34 10.35 13.47 1.59
CA PRO A 34 10.64 12.25 0.82
C PRO A 34 9.94 11.02 1.38
N TRP A 35 10.28 9.85 0.86
CA TRP A 35 9.69 8.61 1.33
C TRP A 35 9.46 8.63 2.83
N LYS A 36 8.37 8.02 3.27
CA LYS A 36 8.04 7.97 4.69
C LYS A 36 7.92 6.53 5.17
N GLN A 37 8.90 6.08 5.94
CA GLN A 37 8.91 4.72 6.46
C GLN A 37 7.88 4.57 7.58
N MET A 38 6.86 3.76 7.33
CA MET A 38 5.81 3.53 8.33
C MET A 38 5.15 2.18 8.10
N TYR A 39 5.11 1.37 9.16
CA TYR A 39 4.50 0.04 9.08
C TYR A 39 3.21 0.08 8.27
N VAL A 40 3.21 -0.61 7.13
CA VAL A 40 2.04 -0.67 6.27
C VAL A 40 1.32 -2.01 6.39
N VAL A 41 0.04 -1.95 6.74
CA VAL A 41 -0.76 -3.17 6.89
C VAL A 41 -1.93 -3.18 5.92
N LEU A 42 -2.23 -4.35 5.36
CA LEU A 42 -3.32 -4.50 4.41
C LEU A 42 -4.49 -5.24 5.04
N ARG A 43 -5.57 -4.52 5.32
CA ARG A 43 -6.75 -5.12 5.92
C ARG A 43 -7.98 -4.90 5.04
N GLY A 44 -8.42 -5.95 4.36
CA GLY A 44 -9.57 -5.86 3.48
C GLY A 44 -9.25 -5.18 2.17
N HIS A 45 -9.77 -3.97 1.98
CA HIS A 45 -9.53 -3.22 0.75
C HIS A 45 -8.89 -1.87 1.05
N SER A 46 -8.43 -1.70 2.29
CA SER A 46 -7.80 -0.46 2.71
C SER A 46 -6.42 -0.73 3.30
N LEU A 47 -5.49 0.20 3.07
CA LEU A 47 -4.13 0.06 3.59
C LEU A 47 -3.91 0.95 4.80
N TYR A 48 -3.83 0.34 5.98
CA TYR A 48 -3.63 1.08 7.21
C TYR A 48 -2.15 1.18 7.55
N LEU A 49 -1.62 2.40 7.53
CA LEU A 49 -0.21 2.63 7.84
C LEU A 49 -0.04 3.05 9.29
N TYR A 50 1.21 2.97 9.78
CA TYR A 50 1.51 3.34 11.16
C TYR A 50 2.96 3.76 11.30
N LYS A 51 3.20 4.81 12.08
CA LYS A 51 4.54 5.32 12.30
C LYS A 51 5.31 4.43 13.27
N ASP A 52 4.58 3.68 14.09
CA ASP A 52 5.19 2.77 15.05
C ASP A 52 4.59 1.38 14.96
N LYS A 53 5.44 0.37 14.97
CA LYS A 53 5.00 -1.02 14.88
C LYS A 53 4.87 -1.64 16.27
N ARG A 54 5.44 -0.97 17.27
CA ARG A 54 5.38 -1.45 18.64
C ARG A 54 3.98 -1.92 18.99
N GLU A 55 2.99 -1.07 18.74
CA GLU A 55 1.60 -1.39 19.02
C GLU A 55 0.66 -0.70 18.05
N GLN A 56 -0.27 -1.45 17.48
CA GLN A 56 -1.23 -0.90 16.54
C GLN A 56 -2.65 -0.96 17.09
N THR A 57 -2.75 -0.91 18.42
CA THR A 57 -4.05 -0.95 19.08
C THR A 57 -5.01 0.08 18.48
N THR A 58 -4.45 1.18 17.99
CA THR A 58 -5.26 2.23 17.40
C THR A 58 -4.99 2.36 15.90
N PRO A 59 -5.96 2.90 15.17
CA PRO A 59 -5.86 3.09 13.72
C PRO A 59 -4.84 4.17 13.35
N SER A 60 -4.79 4.50 12.05
CA SER A 60 -3.86 5.51 11.57
C SER A 60 -3.69 6.63 12.59
N GLU A 61 -2.45 7.09 12.76
CA GLU A 61 -2.15 8.15 13.71
C GLU A 61 -2.26 9.52 13.05
N GLU A 62 -1.50 9.72 11.98
CA GLU A 62 -1.51 10.99 11.25
C GLU A 62 -1.92 10.78 9.80
N GLU A 63 -1.48 9.67 9.21
CA GLU A 63 -1.79 9.35 7.83
C GLU A 63 -3.24 8.90 7.69
N GLN A 64 -3.68 8.71 6.45
CA GLN A 64 -5.05 8.29 6.18
C GLN A 64 -5.07 6.98 5.39
N PRO A 65 -6.13 6.18 5.59
CA PRO A 65 -6.28 4.89 4.90
C PRO A 65 -6.56 5.06 3.42
N ILE A 66 -6.03 4.14 2.62
CA ILE A 66 -6.23 4.19 1.17
C ILE A 66 -6.92 2.92 0.67
N SER A 67 -8.04 3.11 -0.02
CA SER A 67 -8.81 1.99 -0.54
C SER A 67 -8.15 1.43 -1.81
N VAL A 68 -7.50 0.28 -1.67
CA VAL A 68 -6.83 -0.36 -2.80
C VAL A 68 -7.84 -0.93 -3.78
N ASN A 69 -9.07 -1.15 -3.31
CA ASN A 69 -10.12 -1.69 -4.15
C ASN A 69 -10.06 -1.11 -5.56
N ALA A 70 -9.73 -1.96 -6.53
CA ALA A 70 -9.64 -1.53 -7.91
C ALA A 70 -8.40 -0.67 -8.13
N CYS A 71 -7.27 -1.13 -7.64
CA CYS A 71 -6.01 -0.40 -7.78
C CYS A 71 -5.19 -0.95 -8.94
N LEU A 72 -4.11 -0.24 -9.29
CA LEU A 72 -3.25 -0.66 -10.38
C LEU A 72 -1.79 -0.62 -9.95
N ILE A 73 -1.23 -1.80 -9.67
CA ILE A 73 0.16 -1.91 -9.25
C ILE A 73 1.07 -2.15 -10.44
N ASP A 74 2.30 -1.64 -10.36
CA ASP A 74 3.27 -1.81 -11.44
C ASP A 74 4.68 -1.51 -10.95
N ILE A 75 5.59 -2.46 -11.15
CA ILE A 75 6.97 -2.29 -10.73
C ILE A 75 7.51 -0.91 -11.11
N SER A 76 7.59 -0.02 -10.14
CA SER A 76 8.09 1.34 -10.37
C SER A 76 9.19 1.33 -11.42
N TYR A 77 9.29 2.44 -12.16
CA TYR A 77 10.30 2.57 -13.21
C TYR A 77 11.66 2.10 -12.70
N SER A 78 12.58 1.85 -13.64
CA SER A 78 13.91 1.40 -13.30
C SER A 78 14.91 2.54 -13.38
N GLU A 79 14.63 3.62 -12.66
CA GLU A 79 15.50 4.79 -12.65
C GLU A 79 15.74 5.29 -11.23
N THR A 80 14.72 5.15 -10.38
CA THR A 80 14.80 5.59 -8.99
C THR A 80 15.98 4.93 -8.29
N LYS A 81 16.44 5.55 -7.21
CA LYS A 81 17.57 5.03 -6.44
C LYS A 81 17.09 4.02 -5.39
N ARG A 82 15.94 3.42 -5.65
CA ARG A 82 15.37 2.44 -4.73
C ARG A 82 14.99 1.16 -5.46
N LYS A 83 15.48 0.03 -4.96
CA LYS A 83 15.20 -1.27 -5.57
C LYS A 83 14.07 -1.98 -4.83
N ASN A 84 13.38 -2.88 -5.53
CA ASN A 84 12.28 -3.63 -4.94
C ASN A 84 11.10 -2.70 -4.62
N VAL A 85 11.00 -1.61 -5.38
CA VAL A 85 9.92 -0.64 -5.18
C VAL A 85 8.83 -0.83 -6.23
N PHE A 86 7.59 -0.97 -5.76
CA PHE A 86 6.46 -1.13 -6.67
C PHE A 86 5.54 0.09 -6.63
N ARG A 87 5.06 0.49 -7.81
CA ARG A 87 4.19 1.64 -7.91
C ARG A 87 2.72 1.21 -7.87
N LEU A 88 1.98 1.76 -6.91
CA LEU A 88 0.56 1.42 -6.76
C LEU A 88 -0.31 2.66 -7.00
N THR A 89 -1.39 2.47 -7.74
CA THR A 89 -2.31 3.55 -8.05
C THR A 89 -3.71 3.25 -7.54
N THR A 90 -4.28 4.19 -6.78
CA THR A 90 -5.62 4.02 -6.24
C THR A 90 -6.56 5.12 -6.73
N SER A 91 -7.86 4.83 -6.73
CA SER A 91 -8.85 5.78 -7.19
C SER A 91 -8.74 7.10 -6.42
N ASP A 92 -8.07 7.04 -5.26
CA ASP A 92 -7.88 8.23 -4.44
C ASP A 92 -6.66 9.02 -4.88
N CYS A 93 -5.48 8.43 -4.70
CA CYS A 93 -4.23 9.09 -5.07
C CYS A 93 -3.16 8.05 -5.40
N GLU A 94 -2.05 8.52 -5.97
CA GLU A 94 -0.94 7.63 -6.33
C GLU A 94 0.11 7.61 -5.23
N CYS A 95 0.87 6.52 -5.16
CA CYS A 95 1.91 6.37 -4.16
C CYS A 95 2.82 5.19 -4.49
N LEU A 96 4.00 5.17 -3.87
CA LEU A 96 4.96 4.10 -4.11
C LEU A 96 5.24 3.33 -2.83
N PHE A 97 5.91 2.19 -2.96
CA PHE A 97 6.23 1.34 -1.82
C PHE A 97 7.51 0.56 -2.06
N GLN A 98 8.50 0.74 -1.18
CA GLN A 98 9.77 0.05 -1.31
C GLN A 98 9.79 -1.22 -0.45
N ALA A 99 10.40 -2.27 -0.97
CA ALA A 99 10.50 -3.53 -0.26
C ALA A 99 11.95 -3.89 0.07
N GLU A 100 12.14 -4.60 1.17
CA GLU A 100 13.48 -5.00 1.59
C GLU A 100 14.16 -5.86 0.53
N ASP A 101 13.61 -7.05 0.29
CA ASP A 101 14.16 -7.96 -0.70
C ASP A 101 13.11 -8.31 -1.76
N ARG A 102 13.59 -8.69 -2.94
CA ARG A 102 12.69 -9.04 -4.03
C ARG A 102 11.53 -9.90 -3.54
N ASP A 103 11.85 -11.10 -3.05
CA ASP A 103 10.83 -12.01 -2.55
C ASP A 103 9.69 -11.24 -1.87
N ASP A 104 10.04 -10.50 -0.82
CA ASP A 104 9.05 -9.72 -0.08
C ASP A 104 8.28 -8.80 -1.02
N MET A 105 9.02 -8.11 -1.89
CA MET A 105 8.41 -7.18 -2.83
C MET A 105 7.30 -7.87 -3.63
N LEU A 106 7.66 -8.92 -4.34
CA LEU A 106 6.70 -9.67 -5.15
C LEU A 106 5.49 -10.07 -4.32
N ALA A 107 5.75 -10.68 -3.17
CA ALA A 107 4.69 -11.12 -2.28
C ALA A 107 3.60 -10.06 -2.15
N TRP A 108 3.99 -8.88 -1.67
CA TRP A 108 3.05 -7.77 -1.50
C TRP A 108 2.19 -7.60 -2.75
N ILE A 109 2.84 -7.29 -3.86
CA ILE A 109 2.13 -7.08 -5.13
C ILE A 109 1.06 -8.15 -5.33
N LYS A 110 1.46 -9.41 -5.19
CA LYS A 110 0.54 -10.53 -5.34
C LYS A 110 -0.66 -10.39 -4.41
N THR A 111 -0.40 -10.44 -3.12
CA THR A 111 -1.45 -10.32 -2.11
C THR A 111 -2.42 -9.19 -2.47
N ILE A 112 -1.90 -7.98 -2.56
CA ILE A 112 -2.73 -6.82 -2.89
C ILE A 112 -3.47 -7.04 -4.20
N GLN A 113 -2.71 -7.17 -5.28
CA GLN A 113 -3.31 -7.38 -6.60
C GLN A 113 -4.48 -8.34 -6.52
N GLU A 114 -4.31 -9.41 -5.74
CA GLU A 114 -5.36 -10.41 -5.59
C GLU A 114 -6.58 -9.82 -4.88
N SER A 115 -6.34 -9.12 -3.78
CA SER A 115 -7.41 -8.51 -3.00
C SER A 115 -8.20 -7.52 -3.86
N SER A 116 -7.48 -6.80 -4.73
CA SER A 116 -8.11 -5.82 -5.61
C SER A 116 -8.80 -6.51 -6.79
N ASN A 117 -8.51 -7.79 -6.97
CA ASN A 117 -9.09 -8.57 -8.07
C ASN A 117 -10.35 -9.31 -7.59
N LEU A 118 -11.48 -9.01 -8.21
CA LEU A 118 -12.74 -9.64 -7.86
C LEU A 118 -12.72 -11.12 -8.22
N ASN A 119 -12.33 -11.96 -7.26
CA ASN A 119 -12.27 -13.40 -7.48
C ASN A 119 -13.05 -14.15 -6.40
N SER A 120 -13.39 -15.39 -6.68
CA SER A 120 -14.14 -16.21 -5.74
C SER A 120 -13.21 -17.15 -4.99
N GLY A 121 -13.48 -17.31 -3.69
CA GLY A 121 -12.65 -18.19 -2.86
C GLY A 121 -11.17 -17.97 -3.09
N PRO A 122 -10.60 -16.93 -2.47
CA PRO A 122 -9.18 -16.60 -2.59
C PRO A 122 -8.29 -17.63 -1.92
N SER A 123 -8.88 -18.46 -1.06
CA SER A 123 -8.13 -19.48 -0.34
C SER A 123 -8.05 -20.76 -1.16
N SER A 124 -9.18 -21.20 -1.69
CA SER A 124 -9.24 -22.40 -2.50
C SER A 124 -8.43 -22.25 -3.78
N GLY A 125 -8.86 -21.31 -4.62
CA GLY A 125 -8.15 -21.07 -5.87
C GLY A 125 -7.83 -19.61 -6.08
N GLY A 1 -25.97 -2.44 3.16
CA GLY A 1 -24.59 -2.39 3.58
C GLY A 1 -23.87 -3.72 3.40
N SER A 2 -22.88 -3.74 2.52
CA SER A 2 -22.12 -4.95 2.26
C SER A 2 -21.13 -5.23 3.39
N SER A 3 -21.34 -6.35 4.09
CA SER A 3 -20.48 -6.72 5.19
C SER A 3 -19.24 -7.48 4.69
N GLY A 4 -18.06 -7.02 5.11
CA GLY A 4 -16.83 -7.66 4.69
C GLY A 4 -15.75 -7.60 5.76
N SER A 5 -14.50 -7.49 5.32
CA SER A 5 -13.39 -7.43 6.25
C SER A 5 -13.29 -8.69 7.10
N SER A 6 -13.46 -9.84 6.45
CA SER A 6 -13.42 -11.12 7.14
C SER A 6 -12.04 -11.76 7.00
N GLY A 7 -11.33 -11.88 8.12
CA GLY A 7 -10.00 -12.47 8.10
C GLY A 7 -8.94 -11.52 8.61
N ASP A 8 -7.77 -12.06 8.93
CA ASP A 8 -6.66 -11.25 9.44
C ASP A 8 -6.12 -10.34 8.34
N ALA A 9 -5.21 -9.45 8.73
CA ALA A 9 -4.61 -8.52 7.78
C ALA A 9 -3.98 -9.25 6.61
N ALA A 10 -4.55 -9.07 5.42
CA ALA A 10 -4.04 -9.72 4.22
C ALA A 10 -2.51 -9.81 4.25
N LYS A 11 -1.87 -8.70 4.59
CA LYS A 11 -0.42 -8.66 4.66
C LYS A 11 0.05 -7.53 5.57
N GLU A 12 1.32 -7.57 5.95
CA GLU A 12 1.90 -6.54 6.82
C GLU A 12 3.42 -6.57 6.76
N GLY A 13 4.03 -5.39 6.92
CA GLY A 13 5.47 -5.30 6.88
C GLY A 13 5.96 -3.88 6.66
N TRP A 14 7.20 -3.61 7.05
CA TRP A 14 7.78 -2.28 6.89
C TRP A 14 7.99 -1.96 5.41
N LEU A 15 7.36 -0.88 4.95
CA LEU A 15 7.48 -0.46 3.56
C LEU A 15 7.53 1.06 3.46
N HIS A 16 8.21 1.55 2.43
CA HIS A 16 8.35 2.99 2.21
C HIS A 16 7.17 3.52 1.41
N PHE A 17 6.25 4.20 2.09
CA PHE A 17 5.08 4.76 1.44
C PHE A 17 5.31 6.21 1.04
N ARG A 18 5.39 6.46 -0.27
CA ARG A 18 5.62 7.81 -0.78
C ARG A 18 4.49 8.23 -1.71
N PRO A 19 3.51 8.98 -1.16
CA PRO A 19 2.37 9.47 -1.93
C PRO A 19 2.76 10.54 -2.95
N LEU A 20 2.21 10.42 -4.15
CA LEU A 20 2.50 11.38 -5.22
C LEU A 20 1.61 12.62 -5.10
N VAL A 21 0.31 12.38 -4.97
CA VAL A 21 -0.65 13.48 -4.85
C VAL A 21 -1.92 13.01 -4.14
N THR A 22 -2.42 13.84 -3.22
CA THR A 22 -3.62 13.52 -2.47
C THR A 22 -4.77 14.46 -2.84
N ASP A 23 -4.44 15.73 -3.01
CA ASP A 23 -5.43 16.74 -3.36
C ASP A 23 -5.00 17.53 -4.58
N LYS A 24 -5.92 18.28 -5.16
CA LYS A 24 -5.64 19.09 -6.34
C LYS A 24 -4.84 20.34 -5.96
N GLY A 25 -5.48 21.24 -5.21
CA GLY A 25 -4.81 22.46 -4.79
C GLY A 25 -5.59 23.22 -3.73
N LYS A 26 -5.70 22.62 -2.55
CA LYS A 26 -6.41 23.23 -1.44
C LYS A 26 -5.45 23.89 -0.45
N ARG A 27 -4.76 23.06 0.32
CA ARG A 27 -3.80 23.56 1.30
C ARG A 27 -2.44 22.89 1.12
N VAL A 28 -1.88 23.01 -0.09
CA VAL A 28 -0.58 22.43 -0.39
C VAL A 28 0.42 23.51 -0.79
N GLY A 29 1.70 23.26 -0.50
CA GLY A 29 2.73 24.21 -0.83
C GLY A 29 3.38 23.93 -2.17
N GLY A 30 4.61 23.41 -2.14
CA GLY A 30 5.31 23.10 -3.37
C GLY A 30 6.18 21.85 -3.24
N SER A 31 7.21 21.93 -2.42
CA SER A 31 8.12 20.81 -2.21
C SER A 31 7.41 19.66 -1.51
N ILE A 32 8.17 18.63 -1.17
CA ILE A 32 7.62 17.46 -0.49
C ILE A 32 8.72 16.57 0.06
N ARG A 33 8.48 15.97 1.23
CA ARG A 33 9.46 15.10 1.85
C ARG A 33 9.63 13.81 1.04
N PRO A 34 10.82 13.20 1.15
CA PRO A 34 11.13 11.95 0.45
C PRO A 34 10.36 10.75 1.00
N TRP A 35 10.59 9.59 0.41
CA TRP A 35 9.92 8.36 0.86
C TRP A 35 9.69 8.39 2.36
N LYS A 36 8.56 7.84 2.79
CA LYS A 36 8.23 7.79 4.20
C LYS A 36 8.21 6.36 4.71
N GLN A 37 9.13 6.04 5.61
CA GLN A 37 9.22 4.69 6.18
C GLN A 37 8.21 4.51 7.31
N MET A 38 7.18 3.71 7.04
CA MET A 38 6.14 3.45 8.03
C MET A 38 5.53 2.07 7.83
N TYR A 39 5.30 1.36 8.94
CA TYR A 39 4.72 0.02 8.87
C TYR A 39 3.41 0.04 8.10
N VAL A 40 3.41 -0.60 6.94
CA VAL A 40 2.22 -0.67 6.09
C VAL A 40 1.47 -1.99 6.31
N VAL A 41 0.21 -1.89 6.70
CA VAL A 41 -0.61 -3.07 6.94
C VAL A 41 -1.83 -3.08 6.02
N LEU A 42 -2.03 -4.20 5.33
CA LEU A 42 -3.16 -4.35 4.42
C LEU A 42 -4.30 -5.11 5.09
N ARG A 43 -5.39 -4.39 5.37
CA ARG A 43 -6.55 -5.00 6.00
C ARG A 43 -7.79 -4.87 5.11
N GLY A 44 -8.33 -6.01 4.70
CA GLY A 44 -9.50 -6.00 3.84
C GLY A 44 -9.26 -5.32 2.51
N HIS A 45 -9.80 -4.11 2.36
CA HIS A 45 -9.63 -3.35 1.13
C HIS A 45 -9.03 -1.98 1.42
N SER A 46 -8.50 -1.81 2.62
CA SER A 46 -7.90 -0.55 3.03
C SER A 46 -6.48 -0.76 3.54
N LEU A 47 -5.62 0.21 3.30
CA LEU A 47 -4.23 0.13 3.73
C LEU A 47 -3.99 1.00 4.96
N TYR A 48 -3.67 0.36 6.09
CA TYR A 48 -3.43 1.07 7.34
C TYR A 48 -1.93 1.11 7.65
N LEU A 49 -1.32 2.27 7.44
CA LEU A 49 0.10 2.45 7.71
C LEU A 49 0.33 2.92 9.14
N TYR A 50 1.59 2.88 9.57
CA TYR A 50 1.95 3.31 10.92
C TYR A 50 3.42 3.68 11.00
N LYS A 51 3.71 4.83 11.62
CA LYS A 51 5.07 5.30 11.76
C LYS A 51 5.97 4.21 12.36
N ASP A 52 5.48 3.56 13.40
CA ASP A 52 6.24 2.49 14.05
C ASP A 52 5.34 1.28 14.33
N LYS A 53 5.96 0.11 14.43
CA LYS A 53 5.22 -1.12 14.69
C LYS A 53 5.02 -1.33 16.19
N ARG A 54 4.91 -0.22 16.93
CA ARG A 54 4.72 -0.27 18.36
C ARG A 54 3.35 -0.86 18.71
N GLU A 55 2.32 -0.41 17.99
CA GLU A 55 0.97 -0.88 18.22
C GLU A 55 0.15 -0.83 16.93
N GLN A 56 -0.78 -1.78 16.78
CA GLN A 56 -1.62 -1.84 15.60
C GLN A 56 -3.05 -1.45 15.94
N THR A 57 -3.61 -2.08 16.96
CA THR A 57 -4.98 -1.79 17.39
C THR A 57 -5.32 -0.32 17.20
N THR A 58 -4.51 0.55 17.82
CA THR A 58 -4.73 1.99 17.71
C THR A 58 -4.84 2.43 16.26
N PRO A 59 -5.55 3.54 16.03
CA PRO A 59 -5.74 4.10 14.69
C PRO A 59 -4.46 4.68 14.11
N SER A 60 -4.39 4.75 12.78
CA SER A 60 -3.22 5.29 12.11
C SER A 60 -2.80 6.63 12.71
N GLU A 61 -1.73 7.20 12.18
CA GLU A 61 -1.23 8.48 12.66
C GLU A 61 -1.60 9.61 11.70
N GLU A 62 -2.70 10.30 12.00
CA GLU A 62 -3.17 11.39 11.17
C GLU A 62 -3.03 11.06 9.69
N GLU A 63 -3.03 9.76 9.38
CA GLU A 63 -2.89 9.30 8.00
C GLU A 63 -4.08 8.43 7.61
N GLN A 64 -4.96 8.97 6.77
CA GLN A 64 -6.13 8.25 6.32
C GLN A 64 -5.74 7.03 5.50
N PRO A 65 -6.61 6.00 5.51
CA PRO A 65 -6.36 4.76 4.77
C PRO A 65 -6.45 4.95 3.26
N ILE A 66 -5.83 4.04 2.51
CA ILE A 66 -5.83 4.11 1.05
C ILE A 66 -6.54 2.90 0.45
N SER A 67 -7.81 3.08 0.09
CA SER A 67 -8.59 2.00 -0.49
C SER A 67 -7.87 1.40 -1.71
N VAL A 68 -7.58 0.11 -1.63
CA VAL A 68 -6.90 -0.59 -2.71
C VAL A 68 -7.86 -1.45 -3.51
N ASN A 69 -9.08 -1.62 -2.99
CA ASN A 69 -10.09 -2.42 -3.66
C ASN A 69 -9.98 -2.29 -5.17
N ALA A 70 -9.72 -1.07 -5.64
CA ALA A 70 -9.59 -0.81 -7.07
C ALA A 70 -8.30 -0.04 -7.37
N CYS A 71 -7.17 -0.66 -7.06
CA CYS A 71 -5.87 -0.03 -7.30
C CYS A 71 -5.11 -0.76 -8.41
N LEU A 72 -3.96 -0.22 -8.77
CA LEU A 72 -3.13 -0.82 -9.83
C LEU A 72 -1.66 -0.76 -9.46
N ILE A 73 -1.06 -1.91 -9.19
CA ILE A 73 0.35 -1.99 -8.82
C ILE A 73 1.22 -2.10 -10.07
N ASP A 74 2.44 -1.57 -9.99
CA ASP A 74 3.37 -1.60 -11.10
C ASP A 74 4.79 -1.30 -10.64
N ILE A 75 5.70 -2.24 -10.88
CA ILE A 75 7.10 -2.06 -10.47
C ILE A 75 7.57 -0.64 -10.74
N SER A 76 7.65 0.16 -9.68
CA SER A 76 8.09 1.54 -9.80
C SER A 76 9.10 1.70 -10.93
N TYR A 77 9.03 2.84 -11.62
CA TYR A 77 9.93 3.11 -12.73
C TYR A 77 11.37 2.83 -12.34
N SER A 78 12.05 2.01 -13.14
CA SER A 78 13.44 1.66 -12.88
C SER A 78 14.25 2.90 -12.53
N GLU A 79 13.80 4.05 -13.00
CA GLU A 79 14.49 5.31 -12.75
C GLU A 79 15.01 5.36 -11.32
N THR A 80 14.12 5.14 -10.36
CA THR A 80 14.49 5.16 -8.95
C THR A 80 15.60 4.15 -8.66
N LYS A 81 16.40 4.44 -7.64
CA LYS A 81 17.49 3.55 -7.25
C LYS A 81 17.00 2.45 -6.32
N ARG A 82 16.07 2.80 -5.45
CA ARG A 82 15.50 1.84 -4.50
C ARG A 82 15.20 0.52 -5.20
N LYS A 83 15.72 -0.58 -4.65
CA LYS A 83 15.50 -1.90 -5.21
C LYS A 83 14.30 -2.57 -4.55
N ASN A 84 13.61 -3.43 -5.32
CA ASN A 84 12.45 -4.15 -4.81
C ASN A 84 11.33 -3.17 -4.43
N VAL A 85 11.09 -2.20 -5.32
CA VAL A 85 10.05 -1.21 -5.08
C VAL A 85 8.91 -1.35 -6.09
N PHE A 86 7.68 -1.25 -5.60
CA PHE A 86 6.51 -1.36 -6.47
C PHE A 86 5.62 -0.14 -6.35
N ARG A 87 5.20 0.40 -7.48
CA ARG A 87 4.35 1.58 -7.51
C ARG A 87 2.87 1.18 -7.50
N LEU A 88 2.15 1.65 -6.48
CA LEU A 88 0.73 1.35 -6.35
C LEU A 88 -0.12 2.60 -6.57
N THR A 89 -1.18 2.47 -7.35
CA THR A 89 -2.07 3.59 -7.63
C THR A 89 -3.52 3.24 -7.30
N THR A 90 -4.12 4.00 -6.39
CA THR A 90 -5.50 3.77 -5.99
C THR A 90 -6.41 4.85 -6.54
N SER A 91 -7.61 4.44 -6.96
CA SER A 91 -8.58 5.37 -7.52
C SER A 91 -8.64 6.65 -6.68
N ASP A 92 -8.39 6.51 -5.39
CA ASP A 92 -8.41 7.66 -4.48
C ASP A 92 -7.18 8.53 -4.67
N CYS A 93 -6.01 7.93 -4.55
CA CYS A 93 -4.75 8.64 -4.70
C CYS A 93 -3.63 7.70 -5.14
N GLU A 94 -2.45 8.26 -5.37
CA GLU A 94 -1.30 7.47 -5.80
C GLU A 94 -0.22 7.47 -4.72
N CYS A 95 0.57 6.40 -4.69
CA CYS A 95 1.64 6.27 -3.72
C CYS A 95 2.57 5.12 -4.07
N LEU A 96 3.82 5.19 -3.60
CA LEU A 96 4.80 4.15 -3.87
C LEU A 96 4.97 3.23 -2.66
N PHE A 97 5.69 2.14 -2.86
CA PHE A 97 5.93 1.18 -1.78
C PHE A 97 7.22 0.40 -2.03
N GLN A 98 8.11 0.43 -1.04
CA GLN A 98 9.39 -0.27 -1.15
C GLN A 98 9.47 -1.41 -0.15
N ALA A 99 10.04 -2.54 -0.57
CA ALA A 99 10.18 -3.70 0.30
C ALA A 99 11.64 -3.90 0.71
N GLU A 100 11.89 -4.96 1.47
CA GLU A 100 13.24 -5.27 1.94
C GLU A 100 13.89 -6.32 1.04
N ASP A 101 13.30 -7.51 1.02
CA ASP A 101 13.82 -8.61 0.20
C ASP A 101 13.00 -8.78 -1.07
N ARG A 102 13.69 -9.03 -2.18
CA ARG A 102 13.01 -9.23 -3.46
C ARG A 102 11.77 -10.10 -3.30
N ASP A 103 11.95 -11.30 -2.77
CA ASP A 103 10.85 -12.22 -2.56
C ASP A 103 9.68 -11.53 -1.87
N ASP A 104 9.99 -10.78 -0.82
CA ASP A 104 8.96 -10.06 -0.07
C ASP A 104 8.21 -9.10 -0.97
N MET A 105 8.94 -8.36 -1.80
CA MET A 105 8.35 -7.39 -2.72
C MET A 105 7.32 -8.08 -3.63
N LEU A 106 7.76 -9.12 -4.32
CA LEU A 106 6.88 -9.85 -5.23
C LEU A 106 5.60 -10.29 -4.51
N ALA A 107 5.75 -10.72 -3.27
CA ALA A 107 4.61 -11.16 -2.47
C ALA A 107 3.57 -10.05 -2.34
N TRP A 108 4.01 -8.90 -1.84
CA TRP A 108 3.11 -7.77 -1.65
C TRP A 108 2.31 -7.49 -2.92
N ILE A 109 3.01 -7.39 -4.05
CA ILE A 109 2.36 -7.14 -5.33
C ILE A 109 1.17 -8.07 -5.54
N LYS A 110 1.42 -9.37 -5.42
CA LYS A 110 0.37 -10.37 -5.60
C LYS A 110 -0.74 -10.16 -4.58
N THR A 111 -0.40 -10.28 -3.30
CA THR A 111 -1.37 -10.11 -2.23
C THR A 111 -2.33 -8.96 -2.53
N ILE A 112 -1.77 -7.75 -2.62
CA ILE A 112 -2.57 -6.57 -2.90
C ILE A 112 -3.36 -6.72 -4.20
N GLN A 113 -2.62 -6.92 -5.30
CA GLN A 113 -3.24 -7.09 -6.60
C GLN A 113 -4.46 -8.00 -6.52
N GLU A 114 -4.38 -9.02 -5.68
CA GLU A 114 -5.47 -9.96 -5.51
C GLU A 114 -6.65 -9.31 -4.79
N SER A 115 -6.36 -8.65 -3.67
CA SER A 115 -7.40 -7.98 -2.88
C SER A 115 -8.18 -7.00 -3.75
N SER A 116 -7.47 -6.35 -4.69
CA SER A 116 -8.10 -5.37 -5.57
C SER A 116 -8.84 -6.08 -6.71
N ASN A 117 -8.33 -7.25 -7.11
CA ASN A 117 -8.93 -8.02 -8.18
C ASN A 117 -10.32 -8.52 -7.78
N LEU A 118 -11.17 -8.76 -8.77
CA LEU A 118 -12.52 -9.23 -8.52
C LEU A 118 -12.58 -10.76 -8.57
N ASN A 119 -11.57 -11.40 -8.00
CA ASN A 119 -11.50 -12.85 -7.98
C ASN A 119 -12.66 -13.44 -7.20
N SER A 120 -13.68 -13.92 -7.92
CA SER A 120 -14.86 -14.50 -7.29
C SER A 120 -15.27 -15.78 -8.00
N GLY A 121 -15.60 -16.81 -7.21
CA GLY A 121 -16.01 -18.08 -7.79
C GLY A 121 -17.50 -18.14 -8.05
N PRO A 122 -18.25 -18.71 -7.10
CA PRO A 122 -19.71 -18.84 -7.20
C PRO A 122 -20.42 -17.50 -7.10
N SER A 123 -21.04 -17.07 -8.21
CA SER A 123 -21.76 -15.80 -8.25
C SER A 123 -23.22 -15.99 -7.85
N SER A 124 -23.94 -16.79 -8.63
CA SER A 124 -25.35 -17.05 -8.36
C SER A 124 -25.52 -18.35 -7.57
N GLY A 125 -26.32 -18.27 -6.51
CA GLY A 125 -26.56 -19.45 -5.69
C GLY A 125 -25.27 -20.11 -5.23
N GLY A 1 -21.70 -0.39 -3.10
CA GLY A 1 -20.50 -0.63 -3.89
C GLY A 1 -19.30 -1.00 -3.03
N SER A 2 -19.49 -2.00 -2.17
CA SER A 2 -18.42 -2.45 -1.29
C SER A 2 -18.38 -3.97 -1.22
N SER A 3 -17.21 -4.54 -1.50
CA SER A 3 -17.03 -5.98 -1.48
C SER A 3 -15.75 -6.36 -0.73
N GLY A 4 -15.93 -6.90 0.48
CA GLY A 4 -14.79 -7.30 1.29
C GLY A 4 -15.19 -7.76 2.66
N SER A 5 -15.27 -9.08 2.83
CA SER A 5 -15.65 -9.66 4.11
C SER A 5 -14.65 -9.29 5.20
N SER A 6 -15.15 -9.09 6.42
CA SER A 6 -14.31 -8.72 7.54
C SER A 6 -13.36 -9.86 7.90
N GLY A 7 -12.43 -9.58 8.81
CA GLY A 7 -11.47 -10.58 9.22
C GLY A 7 -10.16 -9.99 9.68
N ASP A 8 -9.08 -10.75 9.55
CA ASP A 8 -7.75 -10.29 9.95
C ASP A 8 -7.05 -9.62 8.77
N ALA A 9 -6.02 -8.82 9.09
CA ALA A 9 -5.27 -8.12 8.07
C ALA A 9 -4.69 -9.09 7.05
N ALA A 10 -4.94 -8.80 5.77
CA ALA A 10 -4.45 -9.65 4.69
C ALA A 10 -2.93 -9.79 4.74
N LYS A 11 -2.25 -8.67 4.91
CA LYS A 11 -0.79 -8.67 4.98
C LYS A 11 -0.29 -7.51 5.84
N GLU A 12 0.98 -7.59 6.24
CA GLU A 12 1.58 -6.54 7.06
C GLU A 12 3.09 -6.58 6.97
N GLY A 13 3.72 -5.40 7.02
CA GLY A 13 5.17 -5.33 6.94
C GLY A 13 5.67 -3.92 6.75
N TRP A 14 6.93 -3.68 7.12
CA TRP A 14 7.52 -2.35 7.00
C TRP A 14 7.87 -2.05 5.55
N LEU A 15 7.32 -0.96 5.03
CA LEU A 15 7.57 -0.55 3.65
C LEU A 15 7.66 0.97 3.54
N HIS A 16 8.46 1.45 2.59
CA HIS A 16 8.63 2.88 2.37
C HIS A 16 7.45 3.45 1.60
N PHE A 17 6.63 4.26 2.28
CA PHE A 17 5.48 4.88 1.66
C PHE A 17 5.81 6.27 1.13
N ARG A 18 5.72 6.44 -0.20
CA ARG A 18 6.02 7.71 -0.83
C ARG A 18 4.95 8.06 -1.86
N PRO A 19 3.97 8.88 -1.44
CA PRO A 19 2.87 9.31 -2.31
C PRO A 19 3.34 10.28 -3.39
N LEU A 20 2.76 10.13 -4.58
CA LEU A 20 3.13 10.98 -5.71
C LEU A 20 2.54 12.38 -5.54
N VAL A 21 1.24 12.44 -5.27
CA VAL A 21 0.55 13.71 -5.07
C VAL A 21 -0.85 13.51 -4.52
N THR A 22 -1.23 14.36 -3.57
CA THR A 22 -2.55 14.27 -2.95
C THR A 22 -3.46 15.40 -3.42
N ASP A 23 -2.90 16.59 -3.54
CA ASP A 23 -3.66 17.76 -3.98
C ASP A 23 -3.07 18.33 -5.28
N LYS A 24 -3.56 17.85 -6.40
CA LYS A 24 -3.08 18.31 -7.70
C LYS A 24 -3.58 19.72 -7.99
N GLY A 25 -4.90 19.91 -7.91
CA GLY A 25 -5.47 21.22 -8.16
C GLY A 25 -4.80 22.31 -7.35
N LYS A 26 -4.59 22.06 -6.07
CA LYS A 26 -3.96 23.02 -5.19
C LYS A 26 -2.44 23.04 -5.38
N ARG A 27 -1.82 24.16 -5.06
CA ARG A 27 -0.38 24.30 -5.19
C ARG A 27 0.35 23.62 -4.04
N VAL A 28 1.25 22.70 -4.37
CA VAL A 28 2.01 21.98 -3.36
C VAL A 28 3.46 21.77 -3.81
N GLY A 29 4.39 22.33 -3.05
CA GLY A 29 5.80 22.19 -3.38
C GLY A 29 6.27 20.75 -3.33
N GLY A 30 7.58 20.55 -3.47
CA GLY A 30 8.13 19.21 -3.44
C GLY A 30 7.94 18.53 -2.10
N SER A 31 7.66 17.23 -2.13
CA SER A 31 7.44 16.47 -0.91
C SER A 31 8.41 16.92 0.18
N ILE A 32 7.86 17.54 1.22
CA ILE A 32 8.67 18.03 2.34
C ILE A 32 9.84 17.07 2.62
N ARG A 33 9.51 15.79 2.78
CA ARG A 33 10.53 14.79 3.05
C ARG A 33 10.44 13.64 2.05
N PRO A 34 11.55 12.92 1.86
CA PRO A 34 11.63 11.79 0.94
C PRO A 34 10.83 10.59 1.44
N TRP A 35 11.08 9.43 0.84
CA TRP A 35 10.38 8.20 1.21
C TRP A 35 10.08 8.20 2.71
N LYS A 36 8.84 7.84 3.05
CA LYS A 36 8.43 7.79 4.45
C LYS A 36 8.27 6.34 4.92
N GLN A 37 9.26 5.87 5.66
CA GLN A 37 9.23 4.49 6.17
C GLN A 37 8.27 4.37 7.35
N MET A 38 7.14 3.70 7.12
CA MET A 38 6.14 3.52 8.16
C MET A 38 5.43 2.18 7.99
N TYR A 39 5.23 1.47 9.11
CA TYR A 39 4.57 0.17 9.08
C TYR A 39 3.28 0.24 8.26
N VAL A 40 3.27 -0.44 7.12
CA VAL A 40 2.09 -0.46 6.25
C VAL A 40 1.30 -1.74 6.44
N VAL A 41 0.03 -1.60 6.78
CA VAL A 41 -0.84 -2.75 6.98
C VAL A 41 -1.93 -2.82 5.92
N LEU A 42 -2.19 -4.02 5.42
CA LEU A 42 -3.21 -4.21 4.39
C LEU A 42 -4.40 -4.98 4.96
N ARG A 43 -5.54 -4.30 5.06
CA ARG A 43 -6.75 -4.92 5.57
C ARG A 43 -7.88 -4.86 4.54
N GLY A 44 -8.09 -5.96 3.84
CA GLY A 44 -9.13 -6.02 2.83
C GLY A 44 -8.82 -5.15 1.62
N HIS A 45 -9.36 -3.94 1.61
CA HIS A 45 -9.13 -3.03 0.50
C HIS A 45 -8.59 -1.70 1.00
N SER A 46 -8.18 -1.67 2.27
CA SER A 46 -7.65 -0.45 2.88
C SER A 46 -6.22 -0.70 3.39
N LEU A 47 -5.38 0.33 3.29
CA LEU A 47 -4.01 0.23 3.76
C LEU A 47 -3.75 1.18 4.91
N TYR A 48 -3.60 0.63 6.11
CA TYR A 48 -3.35 1.43 7.30
C TYR A 48 -1.86 1.51 7.60
N LEU A 49 -1.31 2.72 7.50
CA LEU A 49 0.11 2.93 7.76
C LEU A 49 0.34 3.39 9.20
N TYR A 50 1.55 3.19 9.70
CA TYR A 50 1.89 3.58 11.06
C TYR A 50 3.39 3.85 11.19
N LYS A 51 3.74 4.95 11.84
CA LYS A 51 5.13 5.32 12.04
C LYS A 51 5.87 4.24 12.83
N ASP A 52 5.22 3.72 13.86
CA ASP A 52 5.81 2.68 14.70
C ASP A 52 4.82 1.54 14.94
N LYS A 53 5.27 0.32 14.69
CA LYS A 53 4.43 -0.85 14.88
C LYS A 53 4.27 -1.18 16.37
N ARG A 54 5.37 -1.12 17.10
CA ARG A 54 5.35 -1.41 18.53
C ARG A 54 4.06 -0.90 19.17
N GLU A 55 3.59 0.26 18.72
CA GLU A 55 2.37 0.85 19.25
C GLU A 55 1.73 1.78 18.23
N GLN A 56 0.44 1.60 17.99
CA GLN A 56 -0.28 2.43 17.04
C GLN A 56 -0.77 3.72 17.68
N THR A 57 0.06 4.26 18.58
CA THR A 57 -0.28 5.49 19.28
C THR A 57 0.32 6.70 18.58
N THR A 58 1.37 6.47 17.80
CA THR A 58 2.04 7.54 17.07
C THR A 58 1.05 8.61 16.63
N PRO A 59 1.52 9.86 16.52
CA PRO A 59 0.68 10.99 16.09
C PRO A 59 0.29 10.89 14.63
N SER A 60 1.14 10.26 13.82
CA SER A 60 0.87 10.11 12.39
C SER A 60 -0.11 8.97 12.15
N GLU A 61 -0.38 8.19 13.19
CA GLU A 61 -1.30 7.06 13.07
C GLU A 61 -2.62 7.50 12.44
N GLU A 62 -2.93 8.79 12.57
CA GLU A 62 -4.17 9.33 12.01
C GLU A 62 -4.22 9.13 10.50
N GLU A 63 -3.06 9.14 9.87
CA GLU A 63 -2.97 8.96 8.42
C GLU A 63 -4.06 8.03 7.93
N GLN A 64 -5.02 8.59 7.20
CA GLN A 64 -6.14 7.80 6.67
C GLN A 64 -5.63 6.72 5.72
N PRO A 65 -6.37 5.61 5.63
CA PRO A 65 -6.02 4.49 4.76
C PRO A 65 -6.20 4.82 3.28
N ILE A 66 -5.61 4.00 2.42
CA ILE A 66 -5.70 4.21 0.98
C ILE A 66 -6.47 3.09 0.31
N SER A 67 -7.74 3.35 -0.03
CA SER A 67 -8.58 2.36 -0.68
C SER A 67 -7.92 1.83 -1.95
N VAL A 68 -7.44 0.58 -1.88
CA VAL A 68 -6.78 -0.05 -3.02
C VAL A 68 -7.81 -0.55 -4.03
N ASN A 69 -9.03 -0.76 -3.57
CA ASN A 69 -10.11 -1.25 -4.43
C ASN A 69 -10.01 -0.63 -5.83
N ALA A 70 -9.75 -1.46 -6.82
CA ALA A 70 -9.63 -1.00 -8.20
C ALA A 70 -8.35 -0.21 -8.40
N CYS A 71 -7.25 -0.72 -7.86
CA CYS A 71 -5.95 -0.05 -7.98
C CYS A 71 -5.15 -0.63 -9.14
N LEU A 72 -3.95 -0.11 -9.33
CA LEU A 72 -3.08 -0.57 -10.41
C LEU A 72 -1.62 -0.60 -9.96
N ILE A 73 -1.08 -1.81 -9.83
CA ILE A 73 0.31 -1.98 -9.41
C ILE A 73 1.22 -2.19 -10.61
N ASP A 74 2.44 -1.66 -10.53
CA ASP A 74 3.41 -1.79 -11.60
C ASP A 74 4.82 -1.47 -11.12
N ILE A 75 5.70 -2.46 -11.20
CA ILE A 75 7.09 -2.26 -10.76
C ILE A 75 7.62 -0.92 -11.21
N SER A 76 7.63 0.05 -10.30
CA SER A 76 8.12 1.39 -10.61
C SER A 76 9.31 1.32 -11.56
N TYR A 77 9.45 2.37 -12.38
CA TYR A 77 10.55 2.43 -13.34
C TYR A 77 11.82 1.83 -12.76
N SER A 78 12.57 1.13 -13.61
CA SER A 78 13.81 0.50 -13.17
C SER A 78 14.99 1.47 -13.31
N GLU A 79 14.83 2.65 -12.74
CA GLU A 79 15.87 3.67 -12.80
C GLU A 79 16.26 4.13 -11.39
N THR A 80 15.26 4.38 -10.56
CA THR A 80 15.49 4.83 -9.19
C THR A 80 16.43 3.89 -8.46
N LYS A 81 17.55 4.43 -7.99
CA LYS A 81 18.55 3.64 -7.27
C LYS A 81 17.88 2.62 -6.36
N ARG A 82 16.78 3.02 -5.73
CA ARG A 82 16.05 2.14 -4.84
C ARG A 82 15.59 0.88 -5.58
N LYS A 83 15.80 -0.28 -4.95
CA LYS A 83 15.42 -1.55 -5.54
C LYS A 83 14.11 -2.05 -4.94
N ASN A 84 13.57 -3.12 -5.53
CA ASN A 84 12.32 -3.70 -5.05
C ASN A 84 11.27 -2.61 -4.81
N VAL A 85 11.08 -1.74 -5.81
CA VAL A 85 10.12 -0.65 -5.71
C VAL A 85 8.95 -0.88 -6.66
N PHE A 86 7.75 -0.94 -6.11
CA PHE A 86 6.54 -1.14 -6.90
C PHE A 86 5.62 0.08 -6.82
N ARG A 87 5.17 0.55 -7.99
CA ARG A 87 4.30 1.70 -8.05
C ARG A 87 2.84 1.28 -8.02
N LEU A 88 2.08 1.83 -7.07
CA LEU A 88 0.67 1.50 -6.91
C LEU A 88 -0.19 2.75 -7.10
N THR A 89 -1.26 2.61 -7.90
CA THR A 89 -2.16 3.72 -8.16
C THR A 89 -3.57 3.40 -7.68
N THR A 90 -4.11 4.25 -6.81
CA THR A 90 -5.45 4.05 -6.28
C THR A 90 -6.43 5.07 -6.86
N SER A 91 -7.64 4.62 -7.16
CA SER A 91 -8.66 5.48 -7.72
C SER A 91 -8.64 6.86 -7.07
N ASP A 92 -8.15 6.91 -5.84
CA ASP A 92 -8.06 8.16 -5.10
C ASP A 92 -6.82 8.95 -5.50
N CYS A 93 -5.65 8.36 -5.26
CA CYS A 93 -4.38 9.01 -5.59
C CYS A 93 -3.32 7.97 -5.93
N GLU A 94 -2.15 8.45 -6.32
CA GLU A 94 -1.04 7.57 -6.68
C GLU A 94 0.10 7.68 -5.67
N CYS A 95 0.76 6.55 -5.40
CA CYS A 95 1.86 6.53 -4.45
C CYS A 95 2.87 5.43 -4.80
N LEU A 96 3.93 5.33 -4.02
CA LEU A 96 4.96 4.32 -4.26
C LEU A 96 5.18 3.46 -3.01
N PHE A 97 5.87 2.34 -3.19
CA PHE A 97 6.15 1.44 -2.08
C PHE A 97 7.45 0.67 -2.31
N GLN A 98 8.15 0.37 -1.22
CA GLN A 98 9.41 -0.35 -1.30
C GLN A 98 9.46 -1.48 -0.28
N ALA A 99 10.12 -2.58 -0.64
CA ALA A 99 10.25 -3.72 0.26
C ALA A 99 11.70 -3.93 0.68
N GLU A 100 11.91 -4.86 1.61
CA GLU A 100 13.25 -5.15 2.10
C GLU A 100 14.03 -6.00 1.10
N ASP A 101 13.35 -7.00 0.54
CA ASP A 101 13.97 -7.90 -0.43
C ASP A 101 12.97 -8.28 -1.53
N ARG A 102 13.50 -8.58 -2.71
CA ARG A 102 12.66 -8.96 -3.85
C ARG A 102 11.50 -9.84 -3.39
N ASP A 103 11.83 -11.01 -2.85
CA ASP A 103 10.81 -11.94 -2.38
C ASP A 103 9.68 -11.20 -1.66
N ASP A 104 10.04 -10.40 -0.67
CA ASP A 104 9.06 -9.64 0.09
C ASP A 104 8.27 -8.71 -0.82
N MET A 105 8.97 -8.05 -1.74
CA MET A 105 8.33 -7.13 -2.68
C MET A 105 7.20 -7.83 -3.43
N LEU A 106 7.52 -8.93 -4.09
CA LEU A 106 6.52 -9.69 -4.83
C LEU A 106 5.35 -10.10 -3.95
N ALA A 107 5.68 -10.69 -2.80
CA ALA A 107 4.65 -11.13 -1.85
C ALA A 107 3.58 -10.07 -1.68
N TRP A 108 3.99 -8.82 -1.59
CA TRP A 108 3.05 -7.71 -1.43
C TRP A 108 2.21 -7.52 -2.68
N ILE A 109 2.88 -7.28 -3.80
CA ILE A 109 2.17 -7.08 -5.07
C ILE A 109 1.09 -8.12 -5.27
N LYS A 110 1.43 -9.39 -5.06
CA LYS A 110 0.48 -10.48 -5.21
C LYS A 110 -0.71 -10.30 -4.27
N THR A 111 -0.44 -10.42 -2.97
CA THR A 111 -1.49 -10.27 -1.96
C THR A 111 -2.42 -9.12 -2.30
N ILE A 112 -1.86 -7.91 -2.37
CA ILE A 112 -2.64 -6.73 -2.68
C ILE A 112 -3.42 -6.91 -3.97
N GLN A 113 -2.71 -7.06 -5.09
CA GLN A 113 -3.35 -7.25 -6.38
C GLN A 113 -4.54 -8.19 -6.27
N GLU A 114 -4.38 -9.25 -5.49
CA GLU A 114 -5.44 -10.23 -5.30
C GLU A 114 -6.58 -9.65 -4.47
N SER A 115 -6.23 -9.01 -3.36
CA SER A 115 -7.21 -8.40 -2.48
C SER A 115 -8.07 -7.39 -3.22
N SER A 116 -7.42 -6.57 -4.06
CA SER A 116 -8.12 -5.56 -4.83
C SER A 116 -8.56 -6.11 -6.19
N ASN A 117 -9.09 -7.32 -6.18
CA ASN A 117 -9.56 -7.96 -7.40
C ASN A 117 -10.94 -8.58 -7.21
N LEU A 118 -11.92 -8.05 -7.95
CA LEU A 118 -13.29 -8.53 -7.87
C LEU A 118 -13.33 -10.06 -7.92
N ASN A 119 -13.94 -10.66 -6.91
CA ASN A 119 -14.05 -12.12 -6.84
C ASN A 119 -15.46 -12.57 -7.22
N SER A 120 -15.71 -12.72 -8.51
CA SER A 120 -17.02 -13.15 -9.00
C SER A 120 -17.62 -14.20 -8.07
N GLY A 121 -16.82 -15.21 -7.73
CA GLY A 121 -17.30 -16.26 -6.85
C GLY A 121 -16.17 -17.10 -6.28
N PRO A 122 -16.33 -17.57 -5.04
CA PRO A 122 -15.33 -18.40 -4.37
C PRO A 122 -15.21 -19.79 -4.98
N SER A 123 -14.19 -19.98 -5.82
CA SER A 123 -13.99 -21.26 -6.47
C SER A 123 -13.72 -22.36 -5.44
N SER A 124 -12.79 -22.10 -4.53
CA SER A 124 -12.45 -23.07 -3.50
C SER A 124 -12.50 -22.43 -2.11
N GLY A 125 -13.17 -23.10 -1.18
CA GLY A 125 -13.30 -22.58 0.17
C GLY A 125 -12.45 -23.35 1.17
N GLY A 1 -13.26 -24.97 13.54
CA GLY A 1 -13.11 -24.38 12.23
C GLY A 1 -12.90 -25.41 11.14
N SER A 2 -13.92 -25.64 10.34
CA SER A 2 -13.84 -26.62 9.26
C SER A 2 -13.12 -26.03 8.04
N SER A 3 -13.50 -24.81 7.66
CA SER A 3 -12.90 -24.14 6.52
C SER A 3 -11.83 -23.15 6.98
N GLY A 4 -12.24 -22.21 7.83
CA GLY A 4 -11.31 -21.22 8.33
C GLY A 4 -12.00 -19.99 8.86
N SER A 5 -11.37 -18.83 8.70
CA SER A 5 -11.93 -17.57 9.17
C SER A 5 -11.29 -16.38 8.47
N SER A 6 -11.81 -15.19 8.72
CA SER A 6 -11.28 -13.98 8.12
C SER A 6 -10.94 -12.94 9.18
N GLY A 7 -9.78 -12.31 9.04
CA GLY A 7 -9.36 -11.31 9.99
C GLY A 7 -7.87 -10.99 9.89
N ASP A 8 -7.05 -12.02 10.01
CA ASP A 8 -5.61 -11.85 9.93
C ASP A 8 -5.22 -11.01 8.73
N ALA A 9 -4.80 -9.77 8.98
CA ALA A 9 -4.40 -8.85 7.92
C ALA A 9 -3.75 -9.60 6.77
N ALA A 10 -4.34 -9.50 5.59
CA ALA A 10 -3.81 -10.17 4.40
C ALA A 10 -2.28 -10.21 4.44
N LYS A 11 -1.66 -9.06 4.70
CA LYS A 11 -0.21 -8.98 4.78
C LYS A 11 0.21 -7.75 5.58
N GLU A 12 1.42 -7.82 6.15
CA GLU A 12 1.95 -6.73 6.95
C GLU A 12 3.47 -6.66 6.85
N GLY A 13 4.02 -5.47 7.04
CA GLY A 13 5.46 -5.29 6.97
C GLY A 13 5.86 -3.84 6.77
N TRP A 14 7.01 -3.46 7.31
CA TRP A 14 7.50 -2.10 7.20
C TRP A 14 7.86 -1.77 5.75
N LEU A 15 7.21 -0.75 5.20
CA LEU A 15 7.48 -0.33 3.83
C LEU A 15 7.48 1.19 3.71
N HIS A 16 8.29 1.70 2.78
CA HIS A 16 8.38 3.15 2.57
C HIS A 16 7.22 3.65 1.73
N PHE A 17 6.32 4.39 2.35
CA PHE A 17 5.16 4.93 1.66
C PHE A 17 5.43 6.35 1.16
N ARG A 18 5.59 6.49 -0.14
CA ARG A 18 5.86 7.80 -0.74
C ARG A 18 4.75 8.19 -1.71
N PRO A 19 3.81 9.02 -1.24
CA PRO A 19 2.69 9.49 -2.05
C PRO A 19 3.12 10.45 -3.16
N LEU A 20 2.50 10.33 -4.32
CA LEU A 20 2.82 11.18 -5.46
C LEU A 20 2.06 12.50 -5.39
N VAL A 21 0.76 12.41 -5.17
CA VAL A 21 -0.08 13.60 -5.08
C VAL A 21 -1.08 13.48 -3.92
N THR A 22 -1.63 14.61 -3.51
CA THR A 22 -2.59 14.64 -2.40
C THR A 22 -3.79 15.51 -2.75
N ASP A 23 -3.52 16.74 -3.18
CA ASP A 23 -4.58 17.67 -3.55
C ASP A 23 -5.62 17.00 -4.45
N LYS A 24 -6.83 17.54 -4.45
CA LYS A 24 -7.91 16.99 -5.26
C LYS A 24 -7.60 17.14 -6.75
N GLY A 25 -7.38 18.38 -7.18
CA GLY A 25 -7.07 18.64 -8.57
C GLY A 25 -6.38 19.97 -8.79
N LYS A 26 -5.05 19.96 -8.72
CA LYS A 26 -4.28 21.18 -8.90
C LYS A 26 -2.97 20.88 -9.63
N ARG A 27 -2.25 21.93 -10.01
CA ARG A 27 -0.99 21.78 -10.72
C ARG A 27 0.13 22.55 -10.01
N VAL A 28 0.20 22.38 -8.69
CA VAL A 28 1.22 23.04 -7.88
C VAL A 28 2.53 22.26 -7.90
N GLY A 29 3.64 23.00 -7.89
CA GLY A 29 4.94 22.36 -7.90
C GLY A 29 5.68 22.49 -6.58
N GLY A 30 5.78 21.38 -5.85
CA GLY A 30 6.46 21.41 -4.56
C GLY A 30 5.53 21.11 -3.41
N SER A 31 5.91 21.53 -2.21
CA SER A 31 5.10 21.30 -1.02
C SER A 31 4.84 19.80 -0.83
N ILE A 32 5.89 19.01 -0.94
CA ILE A 32 5.77 17.56 -0.78
C ILE A 32 6.97 17.00 0.00
N ARG A 33 6.72 15.93 0.75
CA ARG A 33 7.77 15.29 1.54
C ARG A 33 8.20 13.98 0.90
N PRO A 34 9.47 13.58 1.15
CA PRO A 34 10.03 12.34 0.61
C PRO A 34 9.42 11.10 1.25
N TRP A 35 9.90 9.93 0.84
CA TRP A 35 9.40 8.67 1.38
C TRP A 35 9.08 8.80 2.86
N LYS A 36 8.11 8.01 3.32
CA LYS A 36 7.72 8.04 4.73
C LYS A 36 7.64 6.62 5.29
N GLN A 37 8.73 6.17 5.90
CA GLN A 37 8.79 4.84 6.49
C GLN A 37 7.76 4.69 7.60
N MET A 38 6.75 3.86 7.36
CA MET A 38 5.70 3.62 8.34
C MET A 38 5.07 2.24 8.16
N TYR A 39 4.93 1.52 9.26
CA TYR A 39 4.35 0.17 9.21
C TYR A 39 3.08 0.17 8.36
N VAL A 40 3.11 -0.59 7.28
CA VAL A 40 1.96 -0.68 6.38
C VAL A 40 1.28 -2.04 6.51
N VAL A 41 0.00 -2.02 6.87
CA VAL A 41 -0.77 -3.26 7.03
C VAL A 41 -1.93 -3.31 6.04
N LEU A 42 -2.11 -4.47 5.43
CA LEU A 42 -3.19 -4.66 4.46
C LEU A 42 -4.34 -5.46 5.07
N ARG A 43 -5.50 -4.82 5.16
CA ARG A 43 -6.68 -5.47 5.72
C ARG A 43 -7.89 -5.28 4.82
N GLY A 44 -8.21 -6.31 4.05
CA GLY A 44 -9.34 -6.23 3.14
C GLY A 44 -9.01 -5.53 1.84
N HIS A 45 -9.51 -4.30 1.68
CA HIS A 45 -9.26 -3.53 0.48
C HIS A 45 -8.71 -2.14 0.83
N SER A 46 -8.32 -1.97 2.10
CA SER A 46 -7.78 -0.70 2.56
C SER A 46 -6.43 -0.91 3.26
N LEU A 47 -5.51 0.03 3.05
CA LEU A 47 -4.19 -0.04 3.65
C LEU A 47 -4.10 0.86 4.87
N TYR A 48 -3.82 0.26 6.03
CA TYR A 48 -3.70 1.02 7.27
C TYR A 48 -2.24 1.20 7.67
N LEU A 49 -1.72 2.40 7.42
CA LEU A 49 -0.34 2.71 7.76
C LEU A 49 -0.20 3.16 9.21
N TYR A 50 0.98 2.95 9.78
CA TYR A 50 1.23 3.34 11.17
C TYR A 50 2.67 3.84 11.34
N LYS A 51 2.82 4.90 12.11
CA LYS A 51 4.14 5.48 12.36
C LYS A 51 4.96 4.57 13.28
N ASP A 52 4.27 3.78 14.10
CA ASP A 52 4.94 2.87 15.02
C ASP A 52 4.13 1.59 15.20
N LYS A 53 4.79 0.45 15.06
CA LYS A 53 4.13 -0.84 15.21
C LYS A 53 4.07 -1.25 16.68
N ARG A 54 3.75 -0.29 17.54
CA ARG A 54 3.66 -0.54 18.98
C ARG A 54 2.21 -0.74 19.39
N GLU A 55 1.43 0.34 19.35
CA GLU A 55 0.02 0.28 19.74
C GLU A 55 -0.77 -0.56 18.74
N GLN A 56 -0.33 -0.55 17.49
CA GLN A 56 -1.01 -1.31 16.43
C GLN A 56 -2.50 -1.48 16.75
N THR A 57 -3.13 -0.40 17.18
CA THR A 57 -4.55 -0.43 17.53
C THR A 57 -5.35 0.46 16.59
N THR A 58 -5.26 1.78 16.78
CA THR A 58 -5.97 2.73 15.96
C THR A 58 -5.73 2.47 14.47
N PRO A 59 -6.70 2.86 13.63
CA PRO A 59 -6.61 2.68 12.18
C PRO A 59 -5.55 3.59 11.55
N SER A 60 -5.19 4.66 12.26
CA SER A 60 -4.19 5.60 11.76
C SER A 60 -3.87 6.64 12.82
N GLU A 61 -2.61 7.05 12.88
CA GLU A 61 -2.17 8.04 13.85
C GLU A 61 -2.20 9.44 13.24
N GLU A 62 -1.66 9.56 12.02
CA GLU A 62 -1.63 10.85 11.33
C GLU A 62 -2.15 10.71 9.91
N GLU A 63 -1.49 9.88 9.11
CA GLU A 63 -1.88 9.67 7.73
C GLU A 63 -3.30 9.10 7.65
N GLN A 64 -3.74 8.79 6.44
CA GLN A 64 -5.08 8.24 6.23
C GLN A 64 -5.01 6.97 5.39
N PRO A 65 -6.00 6.09 5.59
CA PRO A 65 -6.10 4.82 4.86
C PRO A 65 -6.41 5.01 3.39
N ILE A 66 -5.81 4.19 2.54
CA ILE A 66 -6.03 4.27 1.10
C ILE A 66 -6.77 3.04 0.59
N SER A 67 -7.89 3.26 -0.08
CA SER A 67 -8.70 2.18 -0.62
C SER A 67 -8.04 1.58 -1.87
N VAL A 68 -7.35 0.47 -1.69
CA VAL A 68 -6.68 -0.21 -2.80
C VAL A 68 -7.68 -0.88 -3.72
N ASN A 69 -8.90 -1.07 -3.23
CA ASN A 69 -9.95 -1.70 -4.01
C ASN A 69 -9.94 -1.20 -5.45
N ALA A 70 -9.56 -2.07 -6.38
CA ALA A 70 -9.52 -1.71 -7.79
C ALA A 70 -8.32 -0.80 -8.08
N CYS A 71 -7.17 -1.15 -7.53
CA CYS A 71 -5.95 -0.36 -7.74
C CYS A 71 -5.15 -0.89 -8.92
N LEU A 72 -4.07 -0.20 -9.25
CA LEU A 72 -3.21 -0.60 -10.36
C LEU A 72 -1.75 -0.65 -9.93
N ILE A 73 -1.25 -1.87 -9.72
CA ILE A 73 0.14 -2.06 -9.31
C ILE A 73 1.03 -2.29 -10.52
N ASP A 74 2.25 -1.76 -10.45
CA ASP A 74 3.22 -1.91 -11.54
C ASP A 74 4.64 -1.61 -11.04
N ILE A 75 5.53 -2.57 -11.23
CA ILE A 75 6.92 -2.42 -10.81
C ILE A 75 7.45 -1.03 -11.15
N SER A 76 7.53 -0.18 -10.13
CA SER A 76 8.00 1.19 -10.33
C SER A 76 9.13 1.22 -11.35
N TYR A 77 9.31 2.38 -11.98
CA TYR A 77 10.36 2.54 -12.99
C TYR A 77 11.71 2.06 -12.47
N SER A 78 12.72 2.17 -13.31
CA SER A 78 14.07 1.74 -12.93
C SER A 78 14.86 2.89 -12.32
N GLU A 79 14.59 4.11 -12.79
CA GLU A 79 15.27 5.29 -12.30
C GLU A 79 14.70 5.72 -10.93
N THR A 80 14.67 4.78 -9.99
CA THR A 80 14.16 5.05 -8.66
C THR A 80 15.25 4.90 -7.60
N LYS A 81 16.43 4.46 -8.03
CA LYS A 81 17.55 4.27 -7.13
C LYS A 81 17.13 3.45 -5.90
N ARG A 82 16.11 2.62 -6.08
CA ARG A 82 15.61 1.78 -4.99
C ARG A 82 15.27 0.38 -5.49
N LYS A 83 15.64 -0.63 -4.71
CA LYS A 83 15.38 -2.01 -5.07
C LYS A 83 14.12 -2.53 -4.38
N ASN A 84 13.47 -3.51 -5.00
CA ASN A 84 12.25 -4.09 -4.42
C ASN A 84 11.17 -3.03 -4.26
N VAL A 85 11.08 -2.13 -5.24
CA VAL A 85 10.08 -1.07 -5.20
C VAL A 85 8.97 -1.32 -6.21
N PHE A 86 7.72 -1.10 -5.79
CA PHE A 86 6.58 -1.30 -6.66
C PHE A 86 5.67 -0.07 -6.67
N ARG A 87 5.16 0.28 -7.85
CA ARG A 87 4.28 1.43 -7.99
C ARG A 87 2.82 1.03 -7.83
N LEU A 88 2.09 1.80 -7.04
CA LEU A 88 0.67 1.52 -6.80
C LEU A 88 -0.17 2.78 -7.00
N THR A 89 -1.29 2.63 -7.69
CA THR A 89 -2.19 3.75 -7.95
C THR A 89 -3.62 3.42 -7.53
N THR A 90 -4.15 4.22 -6.61
CA THR A 90 -5.51 4.01 -6.12
C THR A 90 -6.47 5.03 -6.72
N SER A 91 -7.77 4.75 -6.63
CA SER A 91 -8.79 5.64 -7.17
C SER A 91 -8.65 7.04 -6.58
N ASP A 92 -8.22 7.11 -5.32
CA ASP A 92 -8.05 8.39 -4.64
C ASP A 92 -6.78 9.09 -5.12
N CYS A 93 -5.64 8.44 -4.90
CA CYS A 93 -4.36 9.01 -5.31
C CYS A 93 -3.33 7.91 -5.56
N GLU A 94 -2.14 8.30 -6.00
CA GLU A 94 -1.08 7.34 -6.29
C GLU A 94 0.06 7.48 -5.27
N CYS A 95 0.87 6.43 -5.16
CA CYS A 95 1.99 6.43 -4.24
C CYS A 95 2.99 5.33 -4.59
N LEU A 96 4.11 5.29 -3.86
CA LEU A 96 5.13 4.29 -4.09
C LEU A 96 5.34 3.42 -2.86
N PHE A 97 6.01 2.28 -3.04
CA PHE A 97 6.28 1.37 -1.94
C PHE A 97 7.57 0.59 -2.18
N GLN A 98 8.34 0.39 -1.11
CA GLN A 98 9.60 -0.32 -1.21
C GLN A 98 9.68 -1.44 -0.17
N ALA A 99 10.19 -2.60 -0.58
CA ALA A 99 10.31 -3.73 0.32
C ALA A 99 11.76 -3.95 0.75
N GLU A 100 11.98 -4.94 1.61
CA GLU A 100 13.32 -5.24 2.09
C GLU A 100 14.06 -6.16 1.12
N ASP A 101 13.31 -7.09 0.52
CA ASP A 101 13.89 -8.03 -0.43
C ASP A 101 12.95 -8.27 -1.61
N ARG A 102 13.51 -8.62 -2.75
CA ARG A 102 12.72 -8.89 -3.95
C ARG A 102 11.55 -9.83 -3.63
N ASP A 103 11.85 -10.93 -2.96
CA ASP A 103 10.84 -11.90 -2.60
C ASP A 103 9.70 -11.25 -1.83
N ASP A 104 10.06 -10.38 -0.87
CA ASP A 104 9.08 -9.69 -0.06
C ASP A 104 8.20 -8.79 -0.93
N MET A 105 8.82 -8.07 -1.86
CA MET A 105 8.09 -7.18 -2.74
C MET A 105 7.04 -7.95 -3.54
N LEU A 106 7.47 -9.02 -4.20
CA LEU A 106 6.57 -9.84 -4.99
C LEU A 106 5.34 -10.25 -4.19
N ALA A 107 5.57 -10.62 -2.93
CA ALA A 107 4.47 -11.02 -2.05
C ALA A 107 3.44 -9.93 -1.91
N TRP A 108 3.91 -8.69 -1.74
CA TRP A 108 3.01 -7.55 -1.59
C TRP A 108 2.22 -7.31 -2.87
N ILE A 109 2.93 -7.17 -3.98
CA ILE A 109 2.29 -6.94 -5.27
C ILE A 109 1.14 -7.92 -5.50
N LYS A 110 1.42 -9.21 -5.34
CA LYS A 110 0.41 -10.25 -5.53
C LYS A 110 -0.69 -10.13 -4.49
N THR A 111 -0.31 -10.28 -3.21
CA THR A 111 -1.27 -10.17 -2.12
C THR A 111 -2.27 -9.05 -2.35
N ILE A 112 -1.76 -7.83 -2.52
CA ILE A 112 -2.60 -6.68 -2.76
C ILE A 112 -3.42 -6.84 -4.03
N GLN A 113 -2.73 -7.09 -5.15
CA GLN A 113 -3.39 -7.27 -6.43
C GLN A 113 -4.54 -8.28 -6.32
N GLU A 114 -4.37 -9.26 -5.43
CA GLU A 114 -5.38 -10.28 -5.24
C GLU A 114 -6.63 -9.69 -4.60
N SER A 115 -6.44 -8.93 -3.53
CA SER A 115 -7.56 -8.31 -2.82
C SER A 115 -8.33 -7.38 -3.75
N SER A 116 -7.61 -6.55 -4.49
CA SER A 116 -8.23 -5.61 -5.41
C SER A 116 -8.96 -6.35 -6.53
N ASN A 117 -8.27 -7.28 -7.17
CA ASN A 117 -8.84 -8.06 -8.26
C ASN A 117 -9.88 -9.05 -7.72
N LEU A 118 -11.13 -8.87 -8.11
CA LEU A 118 -12.20 -9.76 -7.67
C LEU A 118 -11.93 -11.19 -8.11
N ASN A 119 -11.56 -11.36 -9.37
CA ASN A 119 -11.27 -12.68 -9.91
C ASN A 119 -10.10 -13.33 -9.17
N SER A 120 -10.41 -14.32 -8.34
CA SER A 120 -9.39 -15.03 -7.58
C SER A 120 -8.83 -16.20 -8.37
N GLY A 121 -8.58 -15.98 -9.66
CA GLY A 121 -8.05 -17.03 -10.50
C GLY A 121 -8.67 -17.04 -11.88
N PRO A 122 -8.36 -18.08 -12.68
CA PRO A 122 -8.89 -18.22 -14.03
C PRO A 122 -10.38 -18.52 -14.05
N SER A 123 -10.99 -18.55 -12.87
CA SER A 123 -12.41 -18.83 -12.76
C SER A 123 -13.18 -18.27 -13.94
N SER A 124 -13.80 -19.16 -14.72
CA SER A 124 -14.55 -18.75 -15.90
C SER A 124 -15.80 -17.97 -15.49
N GLY A 125 -16.59 -18.54 -14.61
CA GLY A 125 -17.80 -17.88 -14.15
C GLY A 125 -17.74 -17.51 -12.67
N GLY A 1 -19.03 -22.81 3.95
CA GLY A 1 -19.04 -21.36 3.92
C GLY A 1 -17.71 -20.77 4.35
N SER A 2 -16.72 -20.83 3.48
CA SER A 2 -15.40 -20.29 3.78
C SER A 2 -14.81 -19.57 2.57
N SER A 3 -14.37 -18.34 2.79
CA SER A 3 -13.79 -17.54 1.71
C SER A 3 -12.36 -17.13 2.05
N GLY A 4 -11.40 -18.01 1.77
CA GLY A 4 -10.02 -17.72 2.06
C GLY A 4 -9.78 -17.37 3.51
N SER A 5 -9.45 -16.11 3.77
CA SER A 5 -9.19 -15.65 5.14
C SER A 5 -10.48 -15.18 5.80
N SER A 6 -10.70 -15.63 7.04
CA SER A 6 -11.90 -15.28 7.78
C SER A 6 -11.95 -13.77 8.01
N GLY A 7 -10.85 -13.20 8.50
CA GLY A 7 -10.80 -11.77 8.75
C GLY A 7 -9.50 -11.35 9.40
N ASP A 8 -8.39 -11.65 8.73
CA ASP A 8 -7.07 -11.29 9.24
C ASP A 8 -6.30 -10.45 8.23
N ALA A 9 -5.41 -9.59 8.73
CA ALA A 9 -4.61 -8.73 7.86
C ALA A 9 -3.96 -9.54 6.75
N ALA A 10 -4.38 -9.30 5.52
CA ALA A 10 -3.82 -9.99 4.37
C ALA A 10 -2.31 -10.04 4.42
N LYS A 11 -1.69 -8.91 4.76
CA LYS A 11 -0.24 -8.82 4.85
C LYS A 11 0.18 -7.59 5.66
N GLU A 12 1.40 -7.62 6.18
CA GLU A 12 1.92 -6.51 6.96
C GLU A 12 3.44 -6.49 6.95
N GLY A 13 4.02 -5.33 7.21
CA GLY A 13 5.47 -5.20 7.22
C GLY A 13 5.94 -3.78 6.98
N TRP A 14 7.20 -3.51 7.27
CA TRP A 14 7.76 -2.18 7.08
C TRP A 14 8.04 -1.91 5.60
N LEU A 15 7.47 -0.82 5.09
CA LEU A 15 7.66 -0.45 3.70
C LEU A 15 7.76 1.06 3.54
N HIS A 16 8.45 1.50 2.49
CA HIS A 16 8.63 2.93 2.24
C HIS A 16 7.48 3.48 1.40
N PHE A 17 6.62 4.28 2.02
CA PHE A 17 5.48 4.87 1.33
C PHE A 17 5.82 6.27 0.83
N ARG A 18 5.82 6.43 -0.50
CA ARG A 18 6.12 7.72 -1.10
C ARG A 18 4.98 8.15 -2.04
N PRO A 19 4.12 9.05 -1.53
CA PRO A 19 2.99 9.58 -2.30
C PRO A 19 3.43 10.48 -3.45
N LEU A 20 2.79 10.33 -4.60
CA LEU A 20 3.12 11.13 -5.77
C LEU A 20 2.53 12.54 -5.65
N VAL A 21 1.23 12.62 -5.41
CA VAL A 21 0.56 13.90 -5.26
C VAL A 21 -0.43 13.88 -4.10
N THR A 22 -0.41 14.93 -3.30
CA THR A 22 -1.30 15.03 -2.14
C THR A 22 -2.24 16.22 -2.28
N ASP A 23 -1.73 17.31 -2.84
CA ASP A 23 -2.53 18.52 -3.02
C ASP A 23 -3.50 18.35 -4.19
N LYS A 24 -4.33 19.37 -4.42
CA LYS A 24 -5.31 19.34 -5.50
C LYS A 24 -4.72 19.91 -6.78
N GLY A 25 -4.33 21.19 -6.74
CA GLY A 25 -3.76 21.82 -7.91
C GLY A 25 -2.69 22.84 -7.55
N LYS A 26 -1.69 22.39 -6.79
CA LYS A 26 -0.61 23.27 -6.37
C LYS A 26 0.73 22.77 -6.92
N ARG A 27 1.75 23.63 -6.86
CA ARG A 27 3.07 23.28 -7.35
C ARG A 27 3.62 22.06 -6.59
N VAL A 28 3.59 20.91 -7.24
CA VAL A 28 4.09 19.68 -6.63
C VAL A 28 5.49 19.34 -7.14
N GLY A 29 6.48 19.42 -6.26
CA GLY A 29 7.84 19.12 -6.64
C GLY A 29 8.85 19.90 -5.82
N GLY A 30 9.66 19.17 -5.05
CA GLY A 30 10.67 19.81 -4.22
C GLY A 30 10.11 20.29 -2.89
N SER A 31 8.86 20.73 -2.91
CA SER A 31 8.21 21.22 -1.70
C SER A 31 7.54 20.08 -0.94
N ILE A 32 7.90 18.86 -1.30
CA ILE A 32 7.33 17.67 -0.65
C ILE A 32 8.43 16.76 -0.12
N ARG A 33 8.15 16.11 1.01
CA ARG A 33 9.11 15.21 1.62
C ARG A 33 9.23 13.91 0.83
N PRO A 34 10.42 13.30 0.86
CA PRO A 34 10.69 12.05 0.15
C PRO A 34 9.96 10.86 0.77
N TRP A 35 10.31 9.66 0.32
CA TRP A 35 9.67 8.45 0.82
C TRP A 35 9.35 8.58 2.31
N LYS A 36 8.33 7.85 2.76
CA LYS A 36 7.92 7.88 4.14
C LYS A 36 7.91 6.48 4.75
N GLN A 37 9.03 6.09 5.35
CA GLN A 37 9.14 4.77 5.96
C GLN A 37 8.18 4.63 7.13
N MET A 38 7.18 3.78 6.97
CA MET A 38 6.19 3.55 8.02
C MET A 38 5.52 2.19 7.85
N TYR A 39 5.43 1.45 8.95
CA TYR A 39 4.82 0.12 8.92
C TYR A 39 3.50 0.15 8.16
N VAL A 40 3.46 -0.51 7.02
CA VAL A 40 2.26 -0.57 6.20
C VAL A 40 1.55 -1.91 6.34
N VAL A 41 0.26 -1.86 6.66
CA VAL A 41 -0.53 -3.07 6.83
C VAL A 41 -1.71 -3.10 5.86
N LEU A 42 -1.94 -4.26 5.25
CA LEU A 42 -3.04 -4.42 4.30
C LEU A 42 -4.19 -5.19 4.92
N ARG A 43 -5.28 -4.50 5.21
CA ARG A 43 -6.46 -5.13 5.81
C ARG A 43 -7.67 -4.96 4.92
N GLY A 44 -8.06 -6.02 4.23
CA GLY A 44 -9.20 -5.97 3.35
C GLY A 44 -8.93 -5.20 2.08
N HIS A 45 -9.47 -3.98 1.99
CA HIS A 45 -9.27 -3.14 0.82
C HIS A 45 -8.72 -1.76 1.22
N SER A 46 -8.25 -1.67 2.46
CA SER A 46 -7.69 -0.41 2.96
C SER A 46 -6.26 -0.61 3.46
N LEU A 47 -5.40 0.34 3.16
CA LEU A 47 -4.00 0.28 3.58
C LEU A 47 -3.75 1.17 4.79
N TYR A 48 -3.58 0.55 5.95
CA TYR A 48 -3.34 1.29 7.19
C TYR A 48 -1.84 1.44 7.45
N LEU A 49 -1.36 2.67 7.37
CA LEU A 49 0.06 2.95 7.60
C LEU A 49 0.31 3.33 9.06
N TYR A 50 1.51 3.03 9.54
CA TYR A 50 1.88 3.35 10.92
C TYR A 50 3.37 3.65 11.02
N LYS A 51 3.70 4.67 11.81
CA LYS A 51 5.08 5.07 12.01
C LYS A 51 5.83 4.06 12.87
N ASP A 52 5.13 3.50 13.86
CA ASP A 52 5.72 2.51 14.75
C ASP A 52 4.98 1.19 14.67
N LYS A 53 5.67 0.10 14.99
CA LYS A 53 5.08 -1.22 14.95
C LYS A 53 4.29 -1.51 16.23
N ARG A 54 4.73 -0.92 17.33
CA ARG A 54 4.06 -1.11 18.61
C ARG A 54 2.56 -0.86 18.49
N GLU A 55 1.86 -0.94 19.61
CA GLU A 55 0.41 -0.73 19.63
C GLU A 55 0.01 0.32 18.60
N GLN A 56 -1.18 0.14 18.01
CA GLN A 56 -1.68 1.08 17.02
C GLN A 56 -2.18 2.36 17.67
N THR A 57 -1.31 3.01 18.44
CA THR A 57 -1.66 4.25 19.12
C THR A 57 -0.63 5.33 18.85
N THR A 58 -0.49 5.71 17.58
CA THR A 58 0.46 6.74 17.19
C THR A 58 -0.26 8.00 16.70
N PRO A 59 0.45 9.14 16.72
CA PRO A 59 -0.10 10.42 16.28
C PRO A 59 -0.33 10.47 14.79
N SER A 60 0.54 9.80 14.03
CA SER A 60 0.43 9.77 12.58
C SER A 60 -0.77 8.96 12.14
N GLU A 61 -1.27 8.11 13.03
CA GLU A 61 -2.42 7.27 12.73
C GLU A 61 -3.50 8.06 12.00
N GLU A 62 -3.62 9.34 12.34
CA GLU A 62 -4.61 10.21 11.69
C GLU A 62 -4.67 9.95 10.20
N GLU A 63 -3.51 9.74 9.59
CA GLU A 63 -3.43 9.49 8.15
C GLU A 63 -4.53 8.53 7.71
N GLN A 64 -5.56 9.07 7.07
CA GLN A 64 -6.68 8.26 6.61
C GLN A 64 -6.19 7.09 5.76
N PRO A 65 -6.95 5.99 5.77
CA PRO A 65 -6.61 4.78 5.01
C PRO A 65 -6.74 4.99 3.50
N ILE A 66 -6.01 4.19 2.73
CA ILE A 66 -6.05 4.29 1.28
C ILE A 66 -6.73 3.07 0.67
N SER A 67 -7.96 3.26 0.18
CA SER A 67 -8.72 2.18 -0.43
C SER A 67 -8.01 1.65 -1.67
N VAL A 68 -7.50 0.43 -1.59
CA VAL A 68 -6.79 -0.18 -2.70
C VAL A 68 -7.79 -0.78 -3.70
N ASN A 69 -8.98 -1.10 -3.23
CA ASN A 69 -10.02 -1.67 -4.08
C ASN A 69 -9.98 -1.06 -5.48
N ALA A 70 -9.67 -1.89 -6.47
CA ALA A 70 -9.59 -1.44 -7.85
C ALA A 70 -8.35 -0.59 -8.08
N CYS A 71 -7.22 -1.02 -7.53
CA CYS A 71 -5.97 -0.30 -7.68
C CYS A 71 -5.14 -0.86 -8.83
N LEU A 72 -4.07 -0.15 -9.18
CA LEU A 72 -3.20 -0.59 -10.27
C LEU A 72 -1.74 -0.58 -9.82
N ILE A 73 -1.18 -1.78 -9.63
CA ILE A 73 0.20 -1.91 -9.22
C ILE A 73 1.13 -2.08 -10.42
N ASP A 74 2.36 -1.60 -10.28
CA ASP A 74 3.34 -1.71 -11.36
C ASP A 74 4.75 -1.52 -10.82
N ILE A 75 5.64 -2.44 -11.19
CA ILE A 75 7.03 -2.38 -10.75
C ILE A 75 7.65 -1.02 -11.05
N SER A 76 7.76 -0.18 -10.03
CA SER A 76 8.32 1.15 -10.19
C SER A 76 9.39 1.16 -11.27
N TYR A 77 9.39 2.20 -12.10
CA TYR A 77 10.36 2.34 -13.18
C TYR A 77 11.73 1.80 -12.75
N SER A 78 12.32 0.96 -13.59
CA SER A 78 13.62 0.38 -13.30
C SER A 78 14.73 1.41 -13.52
N GLU A 79 14.53 2.62 -13.00
CA GLU A 79 15.52 3.68 -13.15
C GLU A 79 16.01 4.15 -11.80
N THR A 80 15.08 4.32 -10.86
CA THR A 80 15.42 4.77 -9.52
C THR A 80 16.63 4.01 -8.97
N LYS A 81 17.18 4.50 -7.86
CA LYS A 81 18.33 3.86 -7.24
C LYS A 81 17.91 2.63 -6.45
N ARG A 82 16.88 2.78 -5.63
CA ARG A 82 16.37 1.67 -4.81
C ARG A 82 15.79 0.57 -5.70
N LYS A 83 15.91 -0.67 -5.24
CA LYS A 83 15.39 -1.81 -5.98
C LYS A 83 14.19 -2.43 -5.28
N ASN A 84 13.70 -3.55 -5.80
CA ASN A 84 12.56 -4.24 -5.21
C ASN A 84 11.46 -3.24 -4.83
N VAL A 85 11.44 -2.11 -5.52
CA VAL A 85 10.45 -1.07 -5.26
C VAL A 85 9.29 -1.16 -6.25
N PHE A 86 8.07 -1.27 -5.72
CA PHE A 86 6.88 -1.36 -6.56
C PHE A 86 6.02 -0.11 -6.43
N ARG A 87 5.23 0.17 -7.45
CA ARG A 87 4.36 1.34 -7.45
C ARG A 87 2.90 0.93 -7.31
N LEU A 88 2.09 1.82 -6.76
CA LEU A 88 0.66 1.56 -6.56
C LEU A 88 -0.17 2.82 -6.79
N THR A 89 -1.32 2.67 -7.41
CA THR A 89 -2.21 3.79 -7.67
C THR A 89 -3.62 3.53 -7.15
N THR A 90 -4.09 4.43 -6.30
CA THR A 90 -5.42 4.29 -5.71
C THR A 90 -6.34 5.42 -6.17
N SER A 91 -7.62 5.11 -6.34
CA SER A 91 -8.60 6.10 -6.78
C SER A 91 -8.44 7.41 -5.99
N ASP A 92 -7.83 7.31 -4.81
CA ASP A 92 -7.61 8.48 -3.97
C ASP A 92 -6.38 9.26 -4.43
N CYS A 93 -5.20 8.66 -4.24
CA CYS A 93 -3.96 9.30 -4.64
C CYS A 93 -2.93 8.27 -5.06
N GLU A 94 -1.78 8.75 -5.54
CA GLU A 94 -0.71 7.85 -5.99
C GLU A 94 0.42 7.81 -4.96
N CYS A 95 1.18 6.72 -4.97
CA CYS A 95 2.29 6.54 -4.05
C CYS A 95 3.16 5.36 -4.46
N LEU A 96 4.26 5.16 -3.74
CA LEU A 96 5.18 4.06 -4.02
C LEU A 96 5.35 3.17 -2.80
N PHE A 97 5.97 2.01 -3.00
CA PHE A 97 6.21 1.06 -1.92
C PHE A 97 7.46 0.24 -2.18
N GLN A 98 8.36 0.20 -1.21
CA GLN A 98 9.60 -0.55 -1.33
C GLN A 98 9.64 -1.71 -0.34
N ALA A 99 10.20 -2.83 -0.76
CA ALA A 99 10.30 -4.02 0.09
C ALA A 99 11.75 -4.27 0.50
N GLU A 100 11.94 -5.18 1.45
CA GLU A 100 13.26 -5.51 1.94
C GLU A 100 14.01 -6.40 0.94
N ASP A 101 13.32 -7.43 0.45
CA ASP A 101 13.92 -8.34 -0.51
C ASP A 101 12.99 -8.57 -1.69
N ARG A 102 13.56 -9.02 -2.81
CA ARG A 102 12.79 -9.26 -4.02
C ARG A 102 11.55 -10.09 -3.71
N ASP A 103 11.77 -11.28 -3.14
CA ASP A 103 10.66 -12.18 -2.79
C ASP A 103 9.62 -11.45 -1.96
N ASP A 104 10.08 -10.75 -0.91
CA ASP A 104 9.18 -10.02 -0.03
C ASP A 104 8.32 -9.04 -0.83
N MET A 105 8.88 -8.50 -1.89
CA MET A 105 8.16 -7.56 -2.74
C MET A 105 7.08 -8.26 -3.56
N LEU A 106 7.49 -9.28 -4.30
CA LEU A 106 6.56 -10.04 -5.13
C LEU A 106 5.32 -10.44 -4.33
N ALA A 107 5.53 -10.78 -3.06
CA ALA A 107 4.43 -11.17 -2.19
C ALA A 107 3.41 -10.05 -2.05
N TRP A 108 3.90 -8.86 -1.72
CA TRP A 108 3.02 -7.70 -1.55
C TRP A 108 2.18 -7.46 -2.80
N ILE A 109 2.86 -7.35 -3.94
CA ILE A 109 2.17 -7.12 -5.21
C ILE A 109 1.00 -8.07 -5.38
N LYS A 110 1.30 -9.37 -5.39
CA LYS A 110 0.27 -10.39 -5.54
C LYS A 110 -0.85 -10.20 -4.51
N THR A 111 -0.48 -10.33 -3.23
CA THR A 111 -1.44 -10.18 -2.15
C THR A 111 -2.37 -8.99 -2.39
N ILE A 112 -1.79 -7.80 -2.45
CA ILE A 112 -2.56 -6.59 -2.69
C ILE A 112 -3.40 -6.70 -3.96
N GLN A 113 -2.72 -6.87 -5.09
CA GLN A 113 -3.40 -7.00 -6.38
C GLN A 113 -4.59 -7.93 -6.26
N GLU A 114 -4.44 -8.99 -5.49
CA GLU A 114 -5.52 -9.97 -5.30
C GLU A 114 -6.67 -9.36 -4.50
N SER A 115 -6.35 -8.74 -3.37
CA SER A 115 -7.36 -8.12 -2.53
C SER A 115 -8.21 -7.14 -3.32
N SER A 116 -7.54 -6.28 -4.10
CA SER A 116 -8.23 -5.28 -4.91
C SER A 116 -9.14 -5.96 -5.94
N ASN A 117 -8.62 -6.99 -6.59
CA ASN A 117 -9.38 -7.71 -7.61
C ASN A 117 -10.62 -8.35 -6.99
N LEU A 118 -11.50 -8.86 -7.85
CA LEU A 118 -12.73 -9.50 -7.40
C LEU A 118 -12.49 -10.96 -7.04
N ASN A 119 -13.41 -11.54 -6.27
CA ASN A 119 -13.29 -12.93 -5.86
C ASN A 119 -14.61 -13.66 -6.05
N SER A 120 -14.64 -14.61 -6.97
CA SER A 120 -15.85 -15.38 -7.26
C SER A 120 -15.49 -16.72 -7.91
N GLY A 121 -16.45 -17.64 -7.89
CA GLY A 121 -16.22 -18.94 -8.49
C GLY A 121 -17.52 -19.66 -8.82
N PRO A 122 -17.50 -20.45 -9.91
CA PRO A 122 -18.69 -21.20 -10.35
C PRO A 122 -19.01 -22.36 -9.41
N SER A 123 -20.21 -22.30 -8.83
CA SER A 123 -20.65 -23.34 -7.91
C SER A 123 -21.91 -24.04 -8.43
N SER A 124 -21.87 -25.36 -8.47
CA SER A 124 -23.00 -26.14 -8.95
C SER A 124 -23.26 -27.35 -8.05
N GLY A 125 -24.53 -27.65 -7.82
CA GLY A 125 -24.88 -28.78 -6.98
C GLY A 125 -24.69 -30.11 -7.69
N GLY A 1 -15.45 -4.78 -8.47
CA GLY A 1 -14.86 -6.10 -8.39
C GLY A 1 -14.11 -6.33 -7.09
N SER A 2 -14.84 -6.60 -6.02
CA SER A 2 -14.24 -6.82 -4.72
C SER A 2 -14.16 -8.32 -4.41
N SER A 3 -13.08 -8.71 -3.73
CA SER A 3 -12.89 -10.12 -3.38
C SER A 3 -13.71 -10.49 -2.14
N GLY A 4 -13.84 -11.79 -1.90
CA GLY A 4 -14.60 -12.25 -0.76
C GLY A 4 -13.72 -12.60 0.43
N SER A 5 -12.70 -11.78 0.66
CA SER A 5 -11.78 -11.99 1.76
C SER A 5 -11.69 -10.76 2.65
N SER A 6 -12.32 -10.83 3.82
CA SER A 6 -12.31 -9.72 4.77
C SER A 6 -12.07 -10.22 6.19
N GLY A 7 -11.15 -9.56 6.89
CA GLY A 7 -10.84 -9.94 8.25
C GLY A 7 -9.35 -9.87 8.55
N ASP A 8 -8.72 -11.03 8.67
CA ASP A 8 -7.29 -11.10 8.95
C ASP A 8 -6.49 -10.26 7.95
N ALA A 9 -5.54 -9.50 8.46
CA ALA A 9 -4.70 -8.65 7.61
C ALA A 9 -4.02 -9.48 6.52
N ALA A 10 -4.45 -9.29 5.28
CA ALA A 10 -3.87 -10.00 4.15
C ALA A 10 -2.35 -10.06 4.25
N LYS A 11 -1.74 -8.93 4.60
CA LYS A 11 -0.29 -8.85 4.73
C LYS A 11 0.11 -7.62 5.56
N GLU A 12 1.35 -7.62 6.03
CA GLU A 12 1.86 -6.51 6.83
C GLU A 12 3.38 -6.52 6.88
N GLY A 13 3.97 -5.36 7.13
CA GLY A 13 5.42 -5.27 7.19
C GLY A 13 5.92 -3.86 6.96
N TRP A 14 7.18 -3.61 7.29
CA TRP A 14 7.77 -2.29 7.12
C TRP A 14 7.98 -1.97 5.65
N LEU A 15 7.56 -0.78 5.24
CA LEU A 15 7.71 -0.35 3.85
C LEU A 15 7.79 1.17 3.76
N HIS A 16 8.39 1.65 2.68
CA HIS A 16 8.53 3.10 2.46
C HIS A 16 7.35 3.64 1.66
N PHE A 17 6.47 4.36 2.35
CA PHE A 17 5.29 4.93 1.70
C PHE A 17 5.57 6.37 1.26
N ARG A 18 5.64 6.59 -0.05
CA ARG A 18 5.90 7.91 -0.60
C ARG A 18 4.81 8.31 -1.59
N PRO A 19 3.81 9.06 -1.10
CA PRO A 19 2.70 9.53 -1.93
C PRO A 19 3.11 10.58 -2.94
N LEU A 20 2.53 10.51 -4.14
CA LEU A 20 2.85 11.46 -5.20
C LEU A 20 2.04 12.75 -5.03
N VAL A 21 0.72 12.60 -5.01
CA VAL A 21 -0.16 13.75 -4.85
C VAL A 21 -1.24 13.49 -3.80
N THR A 22 -1.68 14.55 -3.14
CA THR A 22 -2.71 14.44 -2.11
C THR A 22 -3.85 15.41 -2.36
N ASP A 23 -3.55 16.53 -3.01
CA ASP A 23 -4.55 17.54 -3.31
C ASP A 23 -4.74 17.68 -4.82
N LYS A 24 -5.90 18.19 -5.21
CA LYS A 24 -6.21 18.39 -6.63
C LYS A 24 -6.22 19.86 -6.98
N GLY A 25 -5.12 20.35 -7.53
CA GLY A 25 -5.03 21.76 -7.91
C GLY A 25 -4.93 22.67 -6.70
N LYS A 26 -3.80 22.63 -6.01
CA LYS A 26 -3.59 23.46 -4.83
C LYS A 26 -2.16 23.33 -4.32
N ARG A 27 -1.44 24.45 -4.28
CA ARG A 27 -0.06 24.45 -3.81
C ARG A 27 -0.01 24.60 -2.29
N VAL A 28 0.76 23.72 -1.65
CA VAL A 28 0.91 23.76 -0.19
C VAL A 28 2.36 23.99 0.21
N GLY A 29 3.27 23.86 -0.75
CA GLY A 29 4.68 24.06 -0.48
C GLY A 29 5.51 24.14 -1.75
N GLY A 30 6.72 23.58 -1.69
CA GLY A 30 7.60 23.61 -2.85
C GLY A 30 7.95 22.22 -3.34
N SER A 31 9.00 21.64 -2.77
CA SER A 31 9.44 20.30 -3.16
C SER A 31 8.73 19.23 -2.33
N ILE A 32 8.37 18.13 -2.97
CA ILE A 32 7.69 17.03 -2.30
C ILE A 32 8.59 16.39 -1.25
N ARG A 33 7.98 15.90 -0.17
CA ARG A 33 8.73 15.25 0.90
C ARG A 33 9.24 13.89 0.47
N PRO A 34 10.37 13.45 1.07
CA PRO A 34 10.98 12.17 0.76
C PRO A 34 10.15 10.99 1.26
N TRP A 35 10.60 9.78 0.96
CA TRP A 35 9.90 8.57 1.37
C TRP A 35 9.56 8.63 2.85
N LYS A 36 8.55 7.86 3.25
CA LYS A 36 8.11 7.83 4.65
C LYS A 36 7.97 6.39 5.13
N GLN A 37 9.02 5.87 5.77
CA GLN A 37 9.00 4.51 6.28
C GLN A 37 8.05 4.39 7.48
N MET A 38 6.97 3.64 7.30
CA MET A 38 5.99 3.44 8.36
C MET A 38 5.25 2.12 8.17
N TYR A 39 5.24 1.30 9.22
CA TYR A 39 4.57 0.02 9.17
C TYR A 39 3.28 0.10 8.35
N VAL A 40 3.24 -0.62 7.24
CA VAL A 40 2.08 -0.62 6.37
C VAL A 40 1.32 -1.94 6.48
N VAL A 41 0.05 -1.85 6.86
CA VAL A 41 -0.80 -3.03 7.00
C VAL A 41 -1.87 -3.08 5.92
N LEU A 42 -2.15 -4.28 5.42
CA LEU A 42 -3.16 -4.46 4.38
C LEU A 42 -4.31 -5.32 4.89
N ARG A 43 -5.49 -4.71 5.03
CA ARG A 43 -6.67 -5.42 5.50
C ARG A 43 -7.81 -5.31 4.49
N GLY A 44 -7.93 -6.30 3.63
CA GLY A 44 -8.99 -6.30 2.63
C GLY A 44 -8.69 -5.36 1.48
N HIS A 45 -9.29 -4.17 1.52
CA HIS A 45 -9.08 -3.18 0.47
C HIS A 45 -8.65 -1.84 1.07
N SER A 46 -8.26 -1.86 2.34
CA SER A 46 -7.83 -0.65 3.03
C SER A 46 -6.42 -0.81 3.58
N LEU A 47 -5.57 0.18 3.35
CA LEU A 47 -4.19 0.16 3.82
C LEU A 47 -4.03 1.02 5.07
N TYR A 48 -3.66 0.38 6.18
CA TYR A 48 -3.47 1.09 7.44
C TYR A 48 -1.99 1.18 7.79
N LEU A 49 -1.44 2.39 7.70
CA LEU A 49 -0.03 2.61 8.00
C LEU A 49 0.15 3.02 9.46
N TYR A 50 1.38 2.88 9.97
CA TYR A 50 1.68 3.24 11.35
C TYR A 50 3.13 3.68 11.48
N LYS A 51 3.35 4.73 12.28
CA LYS A 51 4.68 5.26 12.51
C LYS A 51 5.55 4.24 13.26
N ASP A 52 4.91 3.47 14.12
CA ASP A 52 5.62 2.46 14.90
C ASP A 52 4.74 1.23 15.12
N LYS A 53 5.26 0.07 14.73
CA LYS A 53 4.53 -1.19 14.88
C LYS A 53 4.39 -1.57 16.35
N ARG A 54 4.98 -0.76 17.22
CA ARG A 54 4.93 -1.01 18.66
C ARG A 54 3.48 -1.20 19.11
N GLU A 55 2.59 -0.38 18.58
CA GLU A 55 1.18 -0.48 18.93
C GLU A 55 0.31 -0.60 17.68
N GLN A 56 0.05 -1.84 17.28
CA GLN A 56 -0.77 -2.10 16.09
C GLN A 56 -2.24 -1.81 16.38
N THR A 57 -2.69 -2.18 17.58
CA THR A 57 -4.08 -1.97 17.96
C THR A 57 -4.54 -0.58 17.59
N THR A 58 -3.92 0.44 18.18
CA THR A 58 -4.27 1.82 17.90
C THR A 58 -4.45 2.06 16.41
N PRO A 59 -5.30 3.04 16.05
CA PRO A 59 -5.57 3.39 14.65
C PRO A 59 -4.37 4.05 13.98
N SER A 60 -4.56 4.46 12.73
CA SER A 60 -3.49 5.10 11.97
C SER A 60 -2.95 6.31 12.71
N GLU A 61 -1.97 6.98 12.12
CA GLU A 61 -1.37 8.15 12.72
C GLU A 61 -1.54 9.38 11.83
N GLU A 62 -2.47 10.26 12.21
CA GLU A 62 -2.73 11.47 11.45
C GLU A 62 -2.70 11.18 9.95
N GLU A 63 -2.97 9.93 9.59
CA GLU A 63 -2.98 9.52 8.18
C GLU A 63 -4.24 8.72 7.86
N GLN A 64 -4.88 9.08 6.75
CA GLN A 64 -6.10 8.39 6.33
C GLN A 64 -5.76 7.12 5.55
N PRO A 65 -6.66 6.13 5.61
CA PRO A 65 -6.48 4.85 4.91
C PRO A 65 -6.59 4.99 3.40
N ILE A 66 -5.79 4.22 2.68
CA ILE A 66 -5.80 4.25 1.22
C ILE A 66 -6.52 3.04 0.65
N SER A 67 -7.75 3.25 0.20
CA SER A 67 -8.56 2.18 -0.38
C SER A 67 -7.90 1.64 -1.64
N VAL A 68 -7.40 0.40 -1.57
CA VAL A 68 -6.76 -0.23 -2.71
C VAL A 68 -7.78 -0.88 -3.63
N ASN A 69 -9.02 -0.36 -3.60
CA ASN A 69 -10.08 -0.89 -4.44
C ASN A 69 -9.78 -0.66 -5.92
N ALA A 70 -9.60 -1.76 -6.65
CA ALA A 70 -9.31 -1.68 -8.08
C ALA A 70 -8.07 -0.84 -8.34
N CYS A 71 -6.99 -1.16 -7.64
CA CYS A 71 -5.73 -0.44 -7.79
C CYS A 71 -4.85 -1.09 -8.85
N LEU A 72 -4.07 -0.29 -9.55
CA LEU A 72 -3.18 -0.78 -10.59
C LEU A 72 -1.73 -0.79 -10.12
N ILE A 73 -1.21 -1.98 -9.85
CA ILE A 73 0.16 -2.12 -9.38
C ILE A 73 1.11 -2.41 -10.55
N ASP A 74 2.32 -1.89 -10.46
CA ASP A 74 3.32 -2.09 -11.50
C ASP A 74 4.72 -1.76 -10.99
N ILE A 75 5.65 -2.69 -11.20
CA ILE A 75 7.03 -2.50 -10.76
C ILE A 75 7.56 -1.13 -11.18
N SER A 76 7.58 -0.20 -10.23
CA SER A 76 8.06 1.16 -10.51
C SER A 76 9.31 1.12 -11.39
N TYR A 77 9.63 2.26 -12.00
CA TYR A 77 10.80 2.36 -12.87
C TYR A 77 12.04 1.80 -12.18
N SER A 78 13.16 1.81 -12.91
CA SER A 78 14.41 1.30 -12.37
C SER A 78 15.36 2.44 -12.02
N GLU A 79 15.19 3.57 -12.71
CA GLU A 79 16.03 4.74 -12.47
C GLU A 79 16.40 4.86 -10.99
N THR A 80 15.38 4.89 -10.14
CA THR A 80 15.59 5.00 -8.70
C THR A 80 16.44 3.84 -8.18
N LYS A 81 17.41 4.16 -7.33
CA LYS A 81 18.29 3.15 -6.76
C LYS A 81 17.50 2.13 -5.95
N ARG A 82 16.70 2.62 -5.01
CA ARG A 82 15.89 1.76 -4.17
C ARG A 82 15.41 0.53 -4.94
N LYS A 83 15.76 -0.65 -4.46
CA LYS A 83 15.37 -1.89 -5.11
C LYS A 83 14.10 -2.46 -4.48
N ASN A 84 13.55 -3.49 -5.11
CA ASN A 84 12.33 -4.13 -4.60
C ASN A 84 11.23 -3.09 -4.39
N VAL A 85 11.12 -2.14 -5.32
CA VAL A 85 10.11 -1.10 -5.23
C VAL A 85 9.01 -1.32 -6.27
N PHE A 86 7.77 -1.10 -5.85
CA PHE A 86 6.62 -1.27 -6.74
C PHE A 86 5.73 -0.03 -6.74
N ARG A 87 5.18 0.30 -7.90
CA ARG A 87 4.32 1.46 -8.03
C ARG A 87 2.84 1.06 -7.94
N LEU A 88 2.12 1.72 -7.05
CA LEU A 88 0.70 1.44 -6.85
C LEU A 88 -0.14 2.69 -7.05
N THR A 89 -1.36 2.50 -7.54
CA THR A 89 -2.27 3.62 -7.78
C THR A 89 -3.67 3.31 -7.27
N THR A 90 -4.17 4.16 -6.38
CA THR A 90 -5.50 3.99 -5.81
C THR A 90 -6.47 5.03 -6.35
N SER A 91 -7.70 4.59 -6.62
CA SER A 91 -8.73 5.48 -7.15
C SER A 91 -8.67 6.84 -6.45
N ASP A 92 -8.16 6.85 -5.23
CA ASP A 92 -8.05 8.08 -4.46
C ASP A 92 -6.80 8.87 -4.86
N CYS A 93 -5.64 8.28 -4.65
CA CYS A 93 -4.37 8.92 -4.99
C CYS A 93 -3.32 7.89 -5.39
N GLU A 94 -2.15 8.37 -5.76
CA GLU A 94 -1.06 7.49 -6.17
C GLU A 94 0.14 7.64 -5.24
N CYS A 95 0.73 6.52 -4.84
CA CYS A 95 1.88 6.53 -3.96
C CYS A 95 2.90 5.46 -4.38
N LEU A 96 4.02 5.41 -3.66
CA LEU A 96 5.06 4.44 -3.95
C LEU A 96 5.37 3.58 -2.73
N PHE A 97 5.88 2.37 -2.98
CA PHE A 97 6.22 1.45 -1.90
C PHE A 97 7.55 0.75 -2.18
N GLN A 98 8.23 0.36 -1.11
CA GLN A 98 9.52 -0.32 -1.24
C GLN A 98 9.61 -1.50 -0.28
N ALA A 99 10.17 -2.60 -0.75
CA ALA A 99 10.31 -3.80 0.06
C ALA A 99 11.78 -4.02 0.46
N GLU A 100 12.01 -4.97 1.37
CA GLU A 100 13.35 -5.26 1.83
C GLU A 100 14.08 -6.16 0.83
N ASP A 101 13.39 -7.19 0.35
CA ASP A 101 13.97 -8.11 -0.61
C ASP A 101 13.06 -8.29 -1.82
N ARG A 102 13.60 -8.88 -2.88
CA ARG A 102 12.83 -9.10 -4.11
C ARG A 102 11.58 -9.93 -3.82
N ASP A 103 11.76 -11.02 -3.07
CA ASP A 103 10.65 -11.90 -2.72
C ASP A 103 9.62 -11.17 -1.87
N ASP A 104 10.10 -10.40 -0.90
CA ASP A 104 9.23 -9.65 -0.01
C ASP A 104 8.29 -8.74 -0.81
N MET A 105 8.84 -8.09 -1.83
CA MET A 105 8.06 -7.20 -2.68
C MET A 105 7.02 -7.98 -3.49
N LEU A 106 7.48 -8.98 -4.21
CA LEU A 106 6.61 -9.81 -5.03
C LEU A 106 5.38 -10.25 -4.23
N ALA A 107 5.61 -10.69 -3.01
CA ALA A 107 4.53 -11.14 -2.14
C ALA A 107 3.47 -10.05 -1.98
N TRP A 108 3.92 -8.83 -1.74
CA TRP A 108 3.01 -7.70 -1.58
C TRP A 108 2.19 -7.46 -2.84
N ILE A 109 2.89 -7.27 -3.96
CA ILE A 109 2.23 -7.04 -5.24
C ILE A 109 1.10 -8.04 -5.46
N LYS A 110 1.41 -9.32 -5.35
CA LYS A 110 0.43 -10.37 -5.54
C LYS A 110 -0.70 -10.25 -4.53
N THR A 111 -0.37 -10.36 -3.25
CA THR A 111 -1.35 -10.26 -2.18
C THR A 111 -2.33 -9.13 -2.45
N ILE A 112 -1.82 -7.91 -2.52
CA ILE A 112 -2.66 -6.73 -2.77
C ILE A 112 -3.47 -6.91 -4.05
N GLN A 113 -2.77 -7.15 -5.15
CA GLN A 113 -3.43 -7.34 -6.44
C GLN A 113 -4.59 -8.31 -6.32
N GLU A 114 -4.41 -9.35 -5.51
CA GLU A 114 -5.44 -10.36 -5.32
C GLU A 114 -6.68 -9.74 -4.64
N SER A 115 -6.44 -8.94 -3.60
CA SER A 115 -7.53 -8.30 -2.88
C SER A 115 -8.30 -7.35 -3.78
N SER A 116 -7.58 -6.50 -4.51
CA SER A 116 -8.19 -5.54 -5.41
C SER A 116 -8.78 -6.25 -6.63
N ASN A 117 -8.22 -7.39 -6.97
CA ASN A 117 -8.68 -8.17 -8.12
C ASN A 117 -10.06 -8.76 -7.86
N LEU A 118 -10.74 -9.19 -8.92
CA LEU A 118 -12.06 -9.77 -8.80
C LEU A 118 -11.98 -11.28 -8.63
N ASN A 119 -10.98 -11.73 -7.87
CA ASN A 119 -10.78 -13.16 -7.64
C ASN A 119 -12.12 -13.88 -7.50
N SER A 120 -12.51 -14.60 -8.55
CA SER A 120 -13.76 -15.35 -8.55
C SER A 120 -14.08 -15.88 -7.16
N GLY A 121 -15.20 -15.43 -6.61
CA GLY A 121 -15.60 -15.88 -5.28
C GLY A 121 -15.56 -17.39 -5.14
N PRO A 122 -16.57 -18.07 -5.70
CA PRO A 122 -16.67 -19.52 -5.65
C PRO A 122 -15.62 -20.21 -6.52
N SER A 123 -14.49 -20.55 -5.89
CA SER A 123 -13.40 -21.20 -6.61
C SER A 123 -13.63 -22.71 -6.69
N SER A 124 -13.86 -23.34 -5.53
CA SER A 124 -14.09 -24.77 -5.47
C SER A 124 -15.10 -25.20 -6.53
N GLY A 125 -14.63 -25.98 -7.51
CA GLY A 125 -15.51 -26.45 -8.56
C GLY A 125 -14.75 -27.16 -9.67
N GLY A 1 -20.36 -4.45 -1.64
CA GLY A 1 -20.39 -5.33 -0.49
C GLY A 1 -19.32 -4.99 0.54
N SER A 2 -19.23 -5.82 1.57
CA SER A 2 -18.25 -5.61 2.63
C SER A 2 -18.04 -6.87 3.46
N SER A 3 -16.94 -6.91 4.20
CA SER A 3 -16.63 -8.07 5.04
C SER A 3 -17.56 -8.13 6.25
N GLY A 4 -17.95 -9.35 6.63
CA GLY A 4 -18.83 -9.53 7.76
C GLY A 4 -18.16 -10.26 8.91
N SER A 5 -17.38 -11.28 8.58
CA SER A 5 -16.69 -12.06 9.59
C SER A 5 -15.31 -11.47 9.90
N SER A 6 -14.67 -11.99 10.94
CA SER A 6 -13.36 -11.50 11.34
C SER A 6 -12.27 -11.99 10.38
N GLY A 7 -11.56 -11.06 9.78
CA GLY A 7 -10.51 -11.40 8.84
C GLY A 7 -9.16 -10.81 9.22
N ASP A 8 -8.16 -11.66 9.38
CA ASP A 8 -6.82 -11.22 9.75
C ASP A 8 -6.20 -10.39 8.63
N ALA A 9 -5.35 -9.43 9.01
CA ALA A 9 -4.68 -8.58 8.04
C ALA A 9 -4.01 -9.40 6.94
N ALA A 10 -4.53 -9.30 5.73
CA ALA A 10 -3.98 -10.03 4.58
C ALA A 10 -2.46 -10.06 4.65
N LYS A 11 -1.85 -8.90 4.88
CA LYS A 11 -0.41 -8.81 4.96
C LYS A 11 0.02 -7.58 5.76
N GLU A 12 1.24 -7.60 6.28
CA GLU A 12 1.76 -6.49 7.06
C GLU A 12 3.28 -6.51 7.10
N GLY A 13 3.87 -5.32 7.23
CA GLY A 13 5.32 -5.23 7.27
C GLY A 13 5.83 -3.81 7.05
N TRP A 14 7.08 -3.56 7.40
CA TRP A 14 7.67 -2.24 7.23
C TRP A 14 7.89 -1.93 5.74
N LEU A 15 7.23 -0.88 5.26
CA LEU A 15 7.37 -0.48 3.87
C LEU A 15 7.49 1.03 3.74
N HIS A 16 8.21 1.49 2.73
CA HIS A 16 8.40 2.92 2.50
C HIS A 16 7.25 3.49 1.68
N PHE A 17 6.37 4.24 2.34
CA PHE A 17 5.23 4.84 1.67
C PHE A 17 5.55 6.27 1.24
N ARG A 18 5.57 6.49 -0.07
CA ARG A 18 5.87 7.81 -0.62
C ARG A 18 4.80 8.23 -1.64
N PRO A 19 3.85 9.07 -1.18
CA PRO A 19 2.77 9.56 -2.04
C PRO A 19 3.25 10.52 -3.10
N LEU A 20 2.69 10.42 -4.30
CA LEU A 20 3.07 11.29 -5.41
C LEU A 20 2.38 12.64 -5.30
N VAL A 21 1.06 12.62 -5.40
CA VAL A 21 0.26 13.85 -5.32
C VAL A 21 -0.69 13.80 -4.13
N THR A 22 -0.70 14.88 -3.35
CA THR A 22 -1.56 14.97 -2.18
C THR A 22 -2.36 16.27 -2.18
N ASP A 23 -1.66 17.39 -2.09
CA ASP A 23 -2.30 18.70 -2.08
C ASP A 23 -3.35 18.79 -3.18
N LYS A 24 -4.42 19.53 -2.91
CA LYS A 24 -5.50 19.70 -3.88
C LYS A 24 -5.48 21.11 -4.47
N GLY A 25 -4.65 21.31 -5.48
CA GLY A 25 -4.54 22.61 -6.11
C GLY A 25 -4.04 23.69 -5.17
N LYS A 26 -2.89 23.43 -4.54
CA LYS A 26 -2.31 24.36 -3.60
C LYS A 26 -0.82 24.57 -3.90
N ARG A 27 -0.41 25.83 -3.98
CA ARG A 27 0.99 26.15 -4.25
C ARG A 27 1.78 26.30 -2.96
N VAL A 28 1.54 25.39 -2.01
CA VAL A 28 2.22 25.42 -0.73
C VAL A 28 3.45 24.51 -0.74
N GLY A 29 4.35 24.73 0.22
CA GLY A 29 5.55 23.92 0.30
C GLY A 29 6.38 24.00 -0.97
N GLY A 30 7.41 23.15 -1.04
CA GLY A 30 8.27 23.14 -2.21
C GLY A 30 8.52 21.74 -2.74
N SER A 31 9.66 21.17 -2.38
CA SER A 31 10.03 19.83 -2.84
C SER A 31 9.42 18.78 -1.91
N ILE A 32 8.77 17.78 -2.51
CA ILE A 32 8.16 16.70 -1.75
C ILE A 32 9.18 15.95 -0.91
N ARG A 33 8.87 15.76 0.37
CA ARG A 33 9.78 15.05 1.27
C ARG A 33 10.12 13.68 0.73
N PRO A 34 11.24 13.11 1.22
CA PRO A 34 11.71 11.79 0.79
C PRO A 34 10.80 10.67 1.29
N TRP A 35 11.15 9.43 0.94
CA TRP A 35 10.37 8.27 1.34
C TRP A 35 10.02 8.34 2.83
N LYS A 36 8.82 7.90 3.18
CA LYS A 36 8.36 7.91 4.56
C LYS A 36 8.16 6.49 5.08
N GLN A 37 9.22 5.92 5.63
CA GLN A 37 9.16 4.57 6.17
C GLN A 37 8.17 4.49 7.34
N MET A 38 7.12 3.68 7.16
CA MET A 38 6.11 3.51 8.18
C MET A 38 5.40 2.18 8.04
N TYR A 39 5.23 1.47 9.15
CA TYR A 39 4.58 0.17 9.14
C TYR A 39 3.29 0.21 8.31
N VAL A 40 3.27 -0.55 7.23
CA VAL A 40 2.10 -0.59 6.34
C VAL A 40 1.34 -1.90 6.51
N VAL A 41 0.06 -1.79 6.87
CA VAL A 41 -0.78 -2.97 7.06
C VAL A 41 -1.87 -3.05 6.00
N LEU A 42 -2.12 -4.26 5.52
CA LEU A 42 -3.14 -4.47 4.49
C LEU A 42 -4.32 -5.24 5.05
N ARG A 43 -5.47 -4.57 5.13
CA ARG A 43 -6.68 -5.19 5.65
C ARG A 43 -7.80 -5.14 4.62
N GLY A 44 -7.96 -6.22 3.86
CA GLY A 44 -8.99 -6.28 2.85
C GLY A 44 -8.68 -5.40 1.64
N HIS A 45 -9.30 -4.23 1.60
CA HIS A 45 -9.08 -3.29 0.50
C HIS A 45 -8.62 -1.93 1.02
N SER A 46 -8.22 -1.90 2.29
CA SER A 46 -7.76 -0.66 2.90
C SER A 46 -6.35 -0.82 3.47
N LEU A 47 -5.49 0.15 3.19
CA LEU A 47 -4.11 0.13 3.68
C LEU A 47 -3.91 1.07 4.86
N TYR A 48 -3.65 0.51 6.02
CA TYR A 48 -3.44 1.31 7.23
C TYR A 48 -1.96 1.40 7.58
N LEU A 49 -1.42 2.61 7.53
CA LEU A 49 -0.01 2.84 7.84
C LEU A 49 0.15 3.38 9.26
N TYR A 50 1.35 3.21 9.82
CA TYR A 50 1.63 3.68 11.16
C TYR A 50 3.09 4.12 11.29
N LYS A 51 3.30 5.35 11.76
CA LYS A 51 4.64 5.89 11.92
C LYS A 51 5.57 4.84 12.53
N ASP A 52 5.03 4.02 13.42
CA ASP A 52 5.82 2.97 14.07
C ASP A 52 4.96 1.73 14.31
N LYS A 53 5.57 0.71 14.91
CA LYS A 53 4.88 -0.54 15.20
C LYS A 53 4.34 -0.54 16.62
N ARG A 54 4.07 0.65 17.16
CA ARG A 54 3.55 0.78 18.51
C ARG A 54 2.04 1.04 18.50
N GLU A 55 1.33 0.37 19.40
CA GLU A 55 -0.12 0.54 19.48
C GLU A 55 -0.77 0.39 18.11
N GLN A 56 -0.50 -0.73 17.46
CA GLN A 56 -1.05 -0.99 16.13
C GLN A 56 -2.48 -1.53 16.24
N THR A 57 -3.24 -0.99 17.18
CA THR A 57 -4.62 -1.41 17.38
C THR A 57 -5.58 -0.56 16.56
N THR A 58 -5.31 0.74 16.51
CA THR A 58 -6.16 1.67 15.76
C THR A 58 -5.62 1.88 14.35
N PRO A 59 -6.53 2.26 13.42
CA PRO A 59 -6.17 2.49 12.02
C PRO A 59 -5.32 3.75 11.85
N SER A 60 -4.91 4.00 10.61
CA SER A 60 -4.08 5.17 10.31
C SER A 60 -4.42 6.32 11.25
N GLU A 61 -3.42 6.79 11.99
CA GLU A 61 -3.60 7.89 12.93
C GLU A 61 -3.22 9.22 12.27
N GLU A 62 -1.97 9.33 11.84
CA GLU A 62 -1.49 10.54 11.21
C GLU A 62 -1.98 10.65 9.77
N GLU A 63 -1.82 9.57 9.01
CA GLU A 63 -2.26 9.54 7.63
C GLU A 63 -3.68 8.97 7.51
N GLN A 64 -4.19 8.94 6.28
CA GLN A 64 -5.53 8.43 6.04
C GLN A 64 -5.49 7.10 5.29
N PRO A 65 -6.52 6.27 5.48
CA PRO A 65 -6.61 4.96 4.83
C PRO A 65 -6.85 5.08 3.33
N ILE A 66 -6.21 4.19 2.57
CA ILE A 66 -6.36 4.19 1.12
C ILE A 66 -7.15 2.98 0.65
N SER A 67 -8.18 3.24 -0.16
CA SER A 67 -9.03 2.16 -0.67
C SER A 67 -8.35 1.44 -1.84
N VAL A 68 -7.59 0.40 -1.53
CA VAL A 68 -6.88 -0.36 -2.55
C VAL A 68 -7.78 -1.42 -3.18
N ASN A 69 -9.09 -1.14 -3.17
CA ASN A 69 -10.06 -2.06 -3.75
C ASN A 69 -9.79 -2.29 -5.23
N ALA A 70 -9.49 -1.21 -5.95
CA ALA A 70 -9.22 -1.30 -7.38
C ALA A 70 -7.96 -0.50 -7.74
N CYS A 71 -6.86 -0.80 -7.05
CA CYS A 71 -5.60 -0.11 -7.30
C CYS A 71 -4.78 -0.85 -8.37
N LEU A 72 -4.08 -0.09 -9.19
CA LEU A 72 -3.25 -0.67 -10.25
C LEU A 72 -1.77 -0.63 -9.87
N ILE A 73 -1.23 -1.79 -9.52
CA ILE A 73 0.17 -1.89 -9.14
C ILE A 73 1.05 -2.15 -10.35
N ASP A 74 2.28 -1.65 -10.29
CA ASP A 74 3.23 -1.83 -11.39
C ASP A 74 4.66 -1.60 -10.92
N ILE A 75 5.53 -2.56 -11.22
CA ILE A 75 6.93 -2.46 -10.82
C ILE A 75 7.50 -1.09 -11.18
N SER A 76 7.43 -0.16 -10.23
CA SER A 76 7.95 1.19 -10.44
C SER A 76 9.21 1.16 -11.30
N TYR A 77 9.44 2.24 -12.04
CA TYR A 77 10.61 2.34 -12.91
C TYR A 77 11.85 1.80 -12.21
N SER A 78 12.86 1.46 -12.99
CA SER A 78 14.11 0.93 -12.45
C SER A 78 15.12 2.05 -12.23
N GLU A 79 14.99 3.12 -12.99
CA GLU A 79 15.90 4.25 -12.86
C GLU A 79 16.34 4.45 -11.42
N THR A 80 15.37 4.41 -10.50
CA THR A 80 15.66 4.59 -9.08
C THR A 80 16.55 3.47 -8.56
N LYS A 81 17.78 3.81 -8.20
CA LYS A 81 18.73 2.84 -7.68
C LYS A 81 18.04 1.85 -6.74
N ARG A 82 17.22 2.38 -5.83
CA ARG A 82 16.51 1.55 -4.88
C ARG A 82 16.02 0.26 -5.54
N LYS A 83 16.00 -0.83 -4.77
CA LYS A 83 15.56 -2.11 -5.28
C LYS A 83 14.38 -2.64 -4.47
N ASN A 84 13.54 -3.46 -5.11
CA ASN A 84 12.38 -4.03 -4.44
C ASN A 84 11.29 -2.97 -4.25
N VAL A 85 11.14 -2.09 -5.24
CA VAL A 85 10.14 -1.04 -5.19
C VAL A 85 9.00 -1.30 -6.17
N PHE A 86 7.80 -0.90 -5.79
CA PHE A 86 6.63 -1.10 -6.64
C PHE A 86 5.67 0.08 -6.53
N ARG A 87 5.08 0.47 -7.66
CA ARG A 87 4.15 1.59 -7.68
C ARG A 87 2.72 1.12 -7.41
N LEU A 88 1.86 2.06 -7.04
CA LEU A 88 0.47 1.73 -6.74
C LEU A 88 -0.42 2.96 -6.91
N THR A 89 -1.50 2.81 -7.69
CA THR A 89 -2.42 3.90 -7.94
C THR A 89 -3.80 3.59 -7.36
N THR A 90 -4.30 4.48 -6.51
CA THR A 90 -5.60 4.30 -5.89
C THR A 90 -6.55 5.43 -6.26
N SER A 91 -7.83 5.11 -6.42
CA SER A 91 -8.84 6.11 -6.77
C SER A 91 -8.65 7.38 -5.96
N ASP A 92 -8.09 7.24 -4.77
CA ASP A 92 -7.85 8.37 -3.88
C ASP A 92 -6.62 9.15 -4.32
N CYS A 93 -5.46 8.53 -4.21
CA CYS A 93 -4.20 9.17 -4.58
C CYS A 93 -3.16 8.13 -5.00
N GLU A 94 -1.99 8.60 -5.42
CA GLU A 94 -0.92 7.71 -5.84
C GLU A 94 0.22 7.72 -4.83
N CYS A 95 1.01 6.64 -4.82
CA CYS A 95 2.13 6.53 -3.89
C CYS A 95 3.03 5.36 -4.28
N LEU A 96 4.19 5.27 -3.64
CA LEU A 96 5.14 4.20 -3.91
C LEU A 96 5.30 3.28 -2.70
N PHE A 97 5.80 2.08 -2.94
CA PHE A 97 6.00 1.11 -1.88
C PHE A 97 7.28 0.31 -2.10
N GLN A 98 8.17 0.34 -1.10
CA GLN A 98 9.43 -0.38 -1.19
C GLN A 98 9.36 -1.70 -0.42
N ALA A 99 10.38 -2.54 -0.60
CA ALA A 99 10.44 -3.83 0.08
C ALA A 99 11.87 -4.19 0.45
N GLU A 100 12.02 -5.20 1.29
CA GLU A 100 13.34 -5.64 1.73
C GLU A 100 14.07 -6.35 0.59
N ASP A 101 13.56 -7.52 0.21
CA ASP A 101 14.17 -8.30 -0.86
C ASP A 101 13.16 -8.56 -1.98
N ARG A 102 13.67 -8.74 -3.19
CA ARG A 102 12.81 -9.00 -4.34
C ARG A 102 11.62 -9.87 -3.95
N ASP A 103 11.91 -11.01 -3.33
CA ASP A 103 10.86 -11.92 -2.90
C ASP A 103 9.79 -11.19 -2.10
N ASP A 104 10.23 -10.43 -1.10
CA ASP A 104 9.31 -9.67 -0.26
C ASP A 104 8.39 -8.80 -1.10
N MET A 105 8.97 -8.13 -2.10
CA MET A 105 8.20 -7.26 -2.98
C MET A 105 7.12 -8.03 -3.71
N LEU A 106 7.53 -9.05 -4.45
CA LEU A 106 6.58 -9.88 -5.21
C LEU A 106 5.43 -10.34 -4.32
N ALA A 107 5.76 -10.75 -3.10
CA ALA A 107 4.76 -11.21 -2.15
C ALA A 107 3.65 -10.16 -1.97
N TRP A 108 4.05 -8.92 -1.74
CA TRP A 108 3.11 -7.83 -1.55
C TRP A 108 2.24 -7.63 -2.79
N ILE A 109 2.90 -7.38 -3.93
CA ILE A 109 2.19 -7.18 -5.19
C ILE A 109 1.07 -8.20 -5.37
N LYS A 110 1.43 -9.47 -5.26
CA LYS A 110 0.46 -10.55 -5.41
C LYS A 110 -0.67 -10.41 -4.38
N THR A 111 -0.32 -10.49 -3.10
CA THR A 111 -1.29 -10.37 -2.02
C THR A 111 -2.27 -9.24 -2.29
N ILE A 112 -1.74 -8.03 -2.42
CA ILE A 112 -2.56 -6.85 -2.68
C ILE A 112 -3.36 -7.02 -3.98
N GLN A 113 -2.64 -7.10 -5.10
CA GLN A 113 -3.28 -7.26 -6.40
C GLN A 113 -4.45 -8.24 -6.32
N GLU A 114 -4.26 -9.31 -5.55
CA GLU A 114 -5.29 -10.32 -5.39
C GLU A 114 -6.52 -9.75 -4.71
N SER A 115 -6.29 -9.01 -3.62
CA SER A 115 -7.38 -8.39 -2.87
C SER A 115 -8.11 -7.36 -3.71
N SER A 116 -7.35 -6.50 -4.36
CA SER A 116 -7.93 -5.45 -5.20
C SER A 116 -8.65 -6.06 -6.40
N ASN A 117 -8.11 -7.17 -6.91
CA ASN A 117 -8.70 -7.84 -8.06
C ASN A 117 -10.07 -8.42 -7.71
N LEU A 118 -11.09 -7.98 -8.44
CA LEU A 118 -12.45 -8.44 -8.22
C LEU A 118 -12.52 -9.98 -8.25
N ASN A 119 -13.02 -10.56 -7.16
CA ASN A 119 -13.14 -12.00 -7.07
C ASN A 119 -14.60 -12.44 -7.05
N SER A 120 -15.07 -12.97 -8.17
CA SER A 120 -16.46 -13.42 -8.28
C SER A 120 -16.60 -14.86 -7.80
N GLY A 121 -17.40 -15.04 -6.75
CA GLY A 121 -17.62 -16.37 -6.21
C GLY A 121 -17.89 -16.35 -4.72
N PRO A 122 -18.78 -17.24 -4.26
CA PRO A 122 -19.15 -17.34 -2.84
C PRO A 122 -18.01 -17.88 -1.99
N SER A 123 -16.88 -18.16 -2.63
CA SER A 123 -15.72 -18.70 -1.93
C SER A 123 -15.01 -17.62 -1.14
N SER A 124 -15.73 -16.98 -0.22
CA SER A 124 -15.17 -15.92 0.60
C SER A 124 -13.91 -16.39 1.30
N GLY A 125 -12.85 -15.59 1.21
CA GLY A 125 -11.59 -15.93 1.84
C GLY A 125 -10.74 -14.72 2.14
N GLY A 1 0.40 -14.87 4.93
CA GLY A 1 0.47 -14.46 6.33
C GLY A 1 -0.11 -15.50 7.27
N SER A 2 0.74 -16.10 8.08
CA SER A 2 0.31 -17.12 9.03
C SER A 2 -0.13 -16.49 10.35
N SER A 3 0.76 -15.70 10.94
CA SER A 3 0.49 -15.05 12.21
C SER A 3 -0.62 -14.00 12.04
N GLY A 4 -1.41 -13.81 13.10
CA GLY A 4 -2.49 -12.85 13.06
C GLY A 4 -3.52 -13.08 14.15
N SER A 5 -3.13 -12.79 15.39
CA SER A 5 -4.03 -12.98 16.53
C SER A 5 -5.13 -11.93 16.52
N SER A 6 -4.75 -10.66 16.52
CA SER A 6 -5.70 -9.56 16.52
C SER A 6 -5.69 -8.83 15.18
N GLY A 7 -6.86 -8.31 14.79
CA GLY A 7 -6.95 -7.60 13.53
C GLY A 7 -6.44 -8.40 12.36
N ASP A 8 -7.25 -9.33 11.88
CA ASP A 8 -6.87 -10.18 10.75
C ASP A 8 -6.44 -9.33 9.55
N ALA A 9 -5.13 -9.28 9.32
CA ALA A 9 -4.60 -8.50 8.21
C ALA A 9 -3.97 -9.40 7.15
N ALA A 10 -4.43 -9.29 5.91
CA ALA A 10 -3.92 -10.10 4.82
C ALA A 10 -2.39 -10.12 4.83
N LYS A 11 -1.79 -8.94 4.92
CA LYS A 11 -0.33 -8.82 4.95
C LYS A 11 0.11 -7.60 5.75
N GLU A 12 1.38 -7.58 6.13
CA GLU A 12 1.92 -6.47 6.91
C GLU A 12 3.44 -6.48 6.89
N GLY A 13 4.04 -5.34 7.23
CA GLY A 13 5.50 -5.25 7.24
C GLY A 13 5.98 -3.83 6.99
N TRP A 14 7.26 -3.60 7.25
CA TRP A 14 7.85 -2.27 7.05
C TRP A 14 8.01 -1.97 5.57
N LEU A 15 7.60 -0.78 5.17
CA LEU A 15 7.70 -0.36 3.77
C LEU A 15 7.69 1.16 3.65
N HIS A 16 8.49 1.69 2.74
CA HIS A 16 8.57 3.13 2.52
C HIS A 16 7.36 3.63 1.74
N PHE A 17 6.46 4.32 2.42
CA PHE A 17 5.25 4.85 1.79
C PHE A 17 5.47 6.29 1.33
N ARG A 18 5.53 6.49 0.02
CA ARG A 18 5.74 7.82 -0.55
C ARG A 18 4.68 8.13 -1.60
N PRO A 19 3.67 8.93 -1.21
CA PRO A 19 2.58 9.33 -2.10
C PRO A 19 3.04 10.27 -3.20
N LEU A 20 2.51 10.08 -4.41
CA LEU A 20 2.87 10.91 -5.55
C LEU A 20 2.33 12.32 -5.38
N VAL A 21 1.04 12.43 -5.06
CA VAL A 21 0.40 13.72 -4.87
C VAL A 21 -1.00 13.56 -4.30
N THR A 22 -1.45 14.56 -3.56
CA THR A 22 -2.78 14.54 -2.95
C THR A 22 -3.14 15.89 -2.35
N ASP A 23 -4.44 16.17 -2.25
CA ASP A 23 -4.91 17.42 -1.69
C ASP A 23 -4.58 18.59 -2.62
N LYS A 24 -4.75 18.38 -3.92
CA LYS A 24 -4.46 19.40 -4.91
C LYS A 24 -5.02 20.75 -4.47
N GLY A 25 -4.59 21.82 -5.13
CA GLY A 25 -5.06 23.15 -4.80
C GLY A 25 -4.73 23.55 -3.38
N LYS A 26 -3.49 23.27 -2.97
CA LYS A 26 -3.03 23.60 -1.63
C LYS A 26 -1.54 23.94 -1.63
N ARG A 27 -1.16 24.88 -0.77
CA ARG A 27 0.24 25.30 -0.68
C ARG A 27 1.10 24.16 -0.15
N VAL A 28 1.76 23.44 -1.06
CA VAL A 28 2.62 22.32 -0.69
C VAL A 28 3.35 21.77 -1.90
N GLY A 29 4.49 21.12 -1.66
CA GLY A 29 5.26 20.55 -2.74
C GLY A 29 6.73 20.92 -2.67
N GLY A 30 7.58 19.92 -2.40
CA GLY A 30 9.00 20.17 -2.31
C GLY A 30 9.46 20.36 -0.88
N SER A 31 8.65 21.08 -0.09
CA SER A 31 8.98 21.35 1.30
C SER A 31 8.45 20.24 2.20
N ILE A 32 8.73 18.99 1.82
CA ILE A 32 8.27 17.84 2.59
C ILE A 32 9.32 16.73 2.59
N ARG A 33 9.50 16.09 3.75
CA ARG A 33 10.47 15.01 3.87
C ARG A 33 10.28 13.96 2.78
N PRO A 34 11.36 13.25 2.44
CA PRO A 34 11.33 12.22 1.41
C PRO A 34 10.54 10.99 1.84
N TRP A 35 10.74 9.88 1.14
CA TRP A 35 10.05 8.63 1.45
C TRP A 35 9.79 8.53 2.94
N LYS A 36 8.58 8.10 3.29
CA LYS A 36 8.19 7.95 4.70
C LYS A 36 8.14 6.47 5.08
N GLN A 37 9.04 6.07 5.99
CA GLN A 37 9.09 4.69 6.45
C GLN A 37 8.12 4.46 7.60
N MET A 38 7.08 3.68 7.35
CA MET A 38 6.09 3.38 8.38
C MET A 38 5.45 2.02 8.13
N TYR A 39 5.27 1.25 9.20
CA TYR A 39 4.67 -0.07 9.11
C TYR A 39 3.37 -0.03 8.30
N VAL A 40 3.37 -0.70 7.15
CA VAL A 40 2.19 -0.73 6.29
C VAL A 40 1.47 -2.07 6.41
N VAL A 41 0.18 -2.02 6.74
CA VAL A 41 -0.63 -3.22 6.88
C VAL A 41 -1.80 -3.21 5.91
N LEU A 42 -2.09 -4.38 5.33
CA LEU A 42 -3.19 -4.50 4.38
C LEU A 42 -4.37 -5.21 5.01
N ARG A 43 -5.53 -4.55 5.00
CA ARG A 43 -6.74 -5.12 5.58
C ARG A 43 -7.93 -4.93 4.65
N GLY A 44 -8.32 -6.00 3.96
CA GLY A 44 -9.44 -5.92 3.03
C GLY A 44 -9.09 -5.21 1.74
N HIS A 45 -9.64 -4.01 1.56
CA HIS A 45 -9.37 -3.23 0.36
C HIS A 45 -8.73 -1.89 0.71
N SER A 46 -8.39 -1.72 1.99
CA SER A 46 -7.77 -0.49 2.46
C SER A 46 -6.42 -0.77 3.11
N LEU A 47 -5.47 0.14 2.92
CA LEU A 47 -4.14 0.00 3.48
C LEU A 47 -3.96 0.88 4.71
N TYR A 48 -3.69 0.25 5.85
CA TYR A 48 -3.50 0.99 7.09
C TYR A 48 -2.02 1.04 7.47
N LEU A 49 -1.47 2.24 7.49
CA LEU A 49 -0.07 2.43 7.84
C LEU A 49 0.08 2.80 9.31
N TYR A 50 1.30 2.68 9.83
CA TYR A 50 1.58 3.00 11.22
C TYR A 50 2.97 3.62 11.37
N LYS A 51 3.02 4.80 11.96
CA LYS A 51 4.28 5.50 12.17
C LYS A 51 5.38 4.53 12.62
N ASP A 52 5.03 3.65 13.54
CA ASP A 52 5.98 2.66 14.05
C ASP A 52 5.28 1.35 14.38
N LYS A 53 6.07 0.30 14.58
CA LYS A 53 5.52 -1.02 14.90
C LYS A 53 5.28 -1.15 16.40
N ARG A 54 5.03 -0.02 17.05
CA ARG A 54 4.79 -0.01 18.49
C ARG A 54 3.63 -0.94 18.86
N GLU A 55 2.44 -0.63 18.34
CA GLU A 55 1.27 -1.44 18.60
C GLU A 55 0.32 -1.44 17.41
N GLN A 56 -0.25 -2.60 17.09
CA GLN A 56 -1.16 -2.73 15.96
C GLN A 56 -2.61 -2.73 16.45
N THR A 57 -2.84 -3.29 17.63
CA THR A 57 -4.18 -3.35 18.21
C THR A 57 -5.00 -2.13 17.81
N THR A 58 -4.35 -0.97 17.79
CA THR A 58 -5.02 0.27 17.43
C THR A 58 -4.90 0.55 15.94
N PRO A 59 -5.87 1.32 15.41
CA PRO A 59 -5.90 1.68 13.98
C PRO A 59 -4.78 2.64 13.60
N SER A 60 -4.73 3.01 12.33
CA SER A 60 -3.71 3.92 11.83
C SER A 60 -3.62 5.16 12.70
N GLU A 61 -2.75 6.09 12.31
CA GLU A 61 -2.56 7.33 13.06
C GLU A 61 -3.16 8.51 12.31
N GLU A 62 -2.87 9.72 12.80
CA GLU A 62 -3.37 10.94 12.16
C GLU A 62 -3.48 10.76 10.65
N GLU A 63 -2.54 10.03 10.07
CA GLU A 63 -2.53 9.79 8.64
C GLU A 63 -3.88 9.28 8.17
N GLN A 64 -4.07 9.23 6.84
CA GLN A 64 -5.31 8.77 6.27
C GLN A 64 -5.11 7.49 5.48
N PRO A 65 -6.09 6.57 5.56
CA PRO A 65 -6.03 5.28 4.86
C PRO A 65 -6.16 5.44 3.34
N ILE A 66 -5.66 4.45 2.60
CA ILE A 66 -5.74 4.48 1.15
C ILE A 66 -6.53 3.29 0.62
N SER A 67 -7.66 3.58 -0.03
CA SER A 67 -8.51 2.54 -0.59
C SER A 67 -7.88 1.93 -1.84
N VAL A 68 -7.33 0.72 -1.69
CA VAL A 68 -6.70 0.04 -2.82
C VAL A 68 -7.72 -0.69 -3.67
N ASN A 69 -8.99 -0.34 -3.47
CA ASN A 69 -10.07 -0.97 -4.24
C ASN A 69 -9.88 -0.75 -5.73
N ALA A 70 -9.67 -1.85 -6.46
CA ALA A 70 -9.47 -1.78 -7.90
C ALA A 70 -8.31 -0.88 -8.26
N CYS A 71 -7.16 -1.14 -7.64
CA CYS A 71 -5.96 -0.34 -7.90
C CYS A 71 -5.15 -0.93 -9.04
N LEU A 72 -4.10 -0.21 -9.44
CA LEU A 72 -3.23 -0.66 -10.53
C LEU A 72 -1.77 -0.67 -10.10
N ILE A 73 -1.24 -1.86 -9.82
CA ILE A 73 0.15 -1.99 -9.40
C ILE A 73 1.05 -2.33 -10.59
N ASP A 74 2.26 -1.78 -10.59
CA ASP A 74 3.22 -2.02 -11.65
C ASP A 74 4.63 -1.66 -11.21
N ILE A 75 5.52 -2.65 -11.23
CA ILE A 75 6.91 -2.42 -10.82
C ILE A 75 7.39 -1.04 -11.25
N SER A 76 7.37 -0.11 -10.31
CA SER A 76 7.80 1.26 -10.58
C SER A 76 8.97 1.28 -11.57
N TYR A 77 9.08 2.36 -12.32
CA TYR A 77 10.14 2.50 -13.30
C TYR A 77 11.47 2.01 -12.75
N SER A 78 12.43 1.80 -13.64
CA SER A 78 13.75 1.31 -13.25
C SER A 78 14.81 2.40 -13.45
N GLU A 79 14.70 3.47 -12.68
CA GLU A 79 15.65 4.58 -12.78
C GLU A 79 16.11 5.03 -11.38
N THR A 80 15.20 4.96 -10.41
CA THR A 80 15.51 5.35 -9.05
C THR A 80 16.44 4.35 -8.38
N LYS A 81 17.57 4.83 -7.88
CA LYS A 81 18.55 3.97 -7.22
C LYS A 81 17.85 2.85 -6.45
N ARG A 82 16.95 3.24 -5.56
CA ARG A 82 16.22 2.26 -4.75
C ARG A 82 15.80 1.06 -5.61
N LYS A 83 15.91 -0.13 -5.04
CA LYS A 83 15.54 -1.35 -5.74
C LYS A 83 14.36 -2.04 -5.07
N ASN A 84 13.71 -2.94 -5.78
CA ASN A 84 12.55 -3.66 -5.25
C ASN A 84 11.42 -2.70 -4.91
N VAL A 85 11.10 -1.82 -5.84
CA VAL A 85 10.02 -0.84 -5.64
C VAL A 85 8.87 -1.10 -6.60
N PHE A 86 7.64 -1.04 -6.06
CA PHE A 86 6.45 -1.27 -6.87
C PHE A 86 5.53 -0.05 -6.82
N ARG A 87 5.06 0.36 -8.00
CA ARG A 87 4.18 1.53 -8.10
C ARG A 87 2.72 1.10 -7.96
N LEU A 88 1.97 1.85 -7.17
CA LEU A 88 0.56 1.57 -6.95
C LEU A 88 -0.29 2.82 -7.10
N THR A 89 -1.43 2.68 -7.78
CA THR A 89 -2.33 3.81 -7.99
C THR A 89 -3.75 3.47 -7.56
N THR A 90 -4.30 4.28 -6.66
CA THR A 90 -5.65 4.06 -6.16
C THR A 90 -6.62 5.10 -6.72
N SER A 91 -7.86 4.69 -6.94
CA SER A 91 -8.88 5.58 -7.47
C SER A 91 -8.78 6.97 -6.85
N ASP A 92 -8.24 7.02 -5.64
CA ASP A 92 -8.08 8.28 -4.93
C ASP A 92 -6.83 9.02 -5.40
N CYS A 93 -5.67 8.48 -5.04
CA CYS A 93 -4.39 9.08 -5.41
C CYS A 93 -3.35 8.02 -5.71
N GLU A 94 -2.16 8.45 -6.10
CA GLU A 94 -1.07 7.53 -6.43
C GLU A 94 0.04 7.62 -5.38
N CYS A 95 0.78 6.53 -5.22
CA CYS A 95 1.87 6.49 -4.25
C CYS A 95 2.91 5.44 -4.66
N LEU A 96 3.94 5.30 -3.84
CA LEU A 96 5.01 4.34 -4.11
C LEU A 96 5.26 3.46 -2.89
N PHE A 97 5.93 2.33 -3.10
CA PHE A 97 6.24 1.40 -2.02
C PHE A 97 7.56 0.67 -2.30
N GLN A 98 8.42 0.63 -1.29
CA GLN A 98 9.71 -0.04 -1.42
C GLN A 98 9.75 -1.31 -0.58
N ALA A 99 10.50 -2.31 -1.06
CA ALA A 99 10.62 -3.57 -0.36
C ALA A 99 12.08 -3.89 -0.04
N GLU A 100 12.31 -4.56 1.09
CA GLU A 100 13.66 -4.92 1.50
C GLU A 100 14.31 -5.87 0.51
N ASP A 101 13.70 -7.03 0.33
CA ASP A 101 14.21 -8.03 -0.61
C ASP A 101 13.15 -8.40 -1.64
N ARG A 102 13.60 -8.73 -2.85
CA ARG A 102 12.70 -9.09 -3.93
C ARG A 102 11.51 -9.89 -3.40
N ASP A 103 11.80 -11.04 -2.80
CA ASP A 103 10.75 -11.90 -2.25
C ASP A 103 9.65 -11.07 -1.62
N ASP A 104 10.00 -10.29 -0.60
CA ASP A 104 9.04 -9.45 0.10
C ASP A 104 8.12 -8.74 -0.90
N MET A 105 8.73 -8.11 -1.90
CA MET A 105 7.98 -7.39 -2.92
C MET A 105 6.96 -8.31 -3.59
N LEU A 106 7.47 -9.23 -4.40
CA LEU A 106 6.61 -10.18 -5.11
C LEU A 106 5.44 -10.61 -4.24
N ALA A 107 5.69 -10.82 -2.96
CA ALA A 107 4.65 -11.23 -2.02
C ALA A 107 3.56 -10.17 -1.93
N TRP A 108 3.96 -8.94 -1.63
CA TRP A 108 3.01 -7.84 -1.51
C TRP A 108 2.18 -7.70 -2.79
N ILE A 109 2.86 -7.40 -3.89
CA ILE A 109 2.18 -7.24 -5.17
C ILE A 109 1.06 -8.25 -5.34
N LYS A 110 1.39 -9.53 -5.19
CA LYS A 110 0.40 -10.60 -5.31
C LYS A 110 -0.74 -10.41 -4.32
N THR A 111 -0.43 -10.53 -3.04
CA THR A 111 -1.43 -10.36 -1.99
C THR A 111 -2.36 -9.19 -2.29
N ILE A 112 -1.78 -8.00 -2.38
CA ILE A 112 -2.55 -6.80 -2.67
C ILE A 112 -3.40 -6.98 -3.93
N GLN A 113 -2.73 -7.21 -5.06
CA GLN A 113 -3.42 -7.40 -6.33
C GLN A 113 -4.61 -8.34 -6.17
N GLU A 114 -4.42 -9.40 -5.39
CA GLU A 114 -5.48 -10.37 -5.15
C GLU A 114 -6.69 -9.72 -4.49
N SER A 115 -6.43 -8.87 -3.49
CA SER A 115 -7.50 -8.19 -2.78
C SER A 115 -8.07 -7.05 -3.62
N SER A 116 -7.23 -6.47 -4.48
CA SER A 116 -7.65 -5.37 -5.34
C SER A 116 -7.95 -5.87 -6.75
N ASN A 117 -8.52 -7.07 -6.84
CA ASN A 117 -8.85 -7.66 -8.12
C ASN A 117 -10.35 -7.55 -8.40
N LEU A 118 -10.74 -7.72 -9.66
CA LEU A 118 -12.13 -7.63 -10.05
C LEU A 118 -12.80 -9.00 -9.97
N ASN A 119 -12.13 -10.02 -10.50
CA ASN A 119 -12.66 -11.38 -10.49
C ASN A 119 -12.54 -11.99 -9.09
N SER A 120 -13.53 -11.72 -8.25
CA SER A 120 -13.53 -12.24 -6.88
C SER A 120 -14.71 -13.18 -6.67
N GLY A 121 -14.44 -14.32 -6.03
CA GLY A 121 -15.49 -15.29 -5.77
C GLY A 121 -15.71 -15.52 -4.28
N PRO A 122 -16.30 -16.67 -3.94
CA PRO A 122 -16.59 -17.03 -2.55
C PRO A 122 -15.31 -17.33 -1.75
N SER A 123 -14.16 -17.19 -2.41
CA SER A 123 -12.89 -17.45 -1.77
C SER A 123 -12.88 -16.93 -0.34
N SER A 124 -13.34 -15.69 -0.17
CA SER A 124 -13.39 -15.06 1.15
C SER A 124 -14.62 -15.51 1.92
N GLY A 125 -14.46 -16.52 2.77
CA GLY A 125 -15.56 -17.02 3.55
C GLY A 125 -15.25 -17.08 5.04
N GLY A 1 -7.72 -25.36 3.57
CA GLY A 1 -7.63 -23.92 3.65
C GLY A 1 -7.69 -23.24 2.30
N SER A 2 -8.82 -22.61 2.00
CA SER A 2 -9.00 -21.94 0.72
C SER A 2 -8.78 -20.43 0.86
N SER A 3 -8.11 -19.84 -0.12
CA SER A 3 -7.83 -18.41 -0.10
C SER A 3 -9.07 -17.61 -0.51
N GLY A 4 -9.11 -16.35 -0.08
CA GLY A 4 -10.24 -15.50 -0.41
C GLY A 4 -10.91 -14.91 0.82
N SER A 5 -11.11 -15.75 1.83
CA SER A 5 -11.74 -15.31 3.07
C SER A 5 -11.19 -13.96 3.51
N SER A 6 -12.07 -13.09 4.00
CA SER A 6 -11.67 -11.76 4.46
C SER A 6 -11.67 -11.69 5.98
N GLY A 7 -10.89 -10.75 6.52
CA GLY A 7 -10.81 -10.60 7.95
C GLY A 7 -9.42 -10.21 8.41
N ASP A 8 -8.75 -11.12 9.11
CA ASP A 8 -7.40 -10.85 9.61
C ASP A 8 -6.58 -10.06 8.59
N ALA A 9 -5.62 -9.29 9.07
CA ALA A 9 -4.77 -8.49 8.21
C ALA A 9 -4.18 -9.32 7.08
N ALA A 10 -4.58 -9.00 5.84
CA ALA A 10 -4.10 -9.73 4.68
C ALA A 10 -2.57 -9.83 4.69
N LYS A 11 -1.92 -8.72 4.99
CA LYS A 11 -0.45 -8.67 5.03
C LYS A 11 0.02 -7.50 5.88
N GLU A 12 1.30 -7.55 6.28
CA GLU A 12 1.88 -6.48 7.09
C GLU A 12 3.41 -6.55 7.05
N GLY A 13 4.04 -5.40 6.91
CA GLY A 13 5.50 -5.34 6.87
C GLY A 13 6.02 -3.93 6.66
N TRP A 14 7.27 -3.71 7.02
CA TRP A 14 7.90 -2.40 6.88
C TRP A 14 8.08 -2.05 5.41
N LEU A 15 7.62 -0.86 5.03
CA LEU A 15 7.73 -0.40 3.64
C LEU A 15 7.76 1.12 3.58
N HIS A 16 8.49 1.65 2.60
CA HIS A 16 8.60 3.09 2.43
C HIS A 16 7.42 3.63 1.62
N PHE A 17 6.56 4.40 2.28
CA PHE A 17 5.39 4.97 1.62
C PHE A 17 5.68 6.39 1.12
N ARG A 18 5.65 6.56 -0.19
CA ARG A 18 5.92 7.86 -0.80
C ARG A 18 4.81 8.24 -1.78
N PRO A 19 3.91 9.13 -1.34
CA PRO A 19 2.79 9.60 -2.17
C PRO A 19 3.25 10.48 -3.32
N LEU A 20 2.68 10.24 -4.50
CA LEU A 20 3.02 11.01 -5.68
C LEU A 20 2.54 12.46 -5.57
N VAL A 21 1.23 12.62 -5.40
CA VAL A 21 0.64 13.94 -5.26
C VAL A 21 -0.52 13.93 -4.28
N THR A 22 -0.79 15.09 -3.67
CA THR A 22 -1.87 15.21 -2.71
C THR A 22 -2.83 16.33 -3.09
N ASP A 23 -2.30 17.35 -3.77
CA ASP A 23 -3.10 18.49 -4.20
C ASP A 23 -3.89 18.15 -5.45
N LYS A 24 -3.21 17.58 -6.44
CA LYS A 24 -3.84 17.21 -7.71
C LYS A 24 -4.68 18.36 -8.25
N GLY A 25 -4.16 19.57 -8.13
CA GLY A 25 -4.88 20.74 -8.62
C GLY A 25 -3.95 21.90 -8.95
N LYS A 26 -3.32 22.46 -7.93
CA LYS A 26 -2.41 23.58 -8.12
C LYS A 26 -1.06 23.10 -8.64
N ARG A 27 -0.17 24.03 -8.92
CA ARG A 27 1.16 23.70 -9.42
C ARG A 27 2.16 23.57 -8.28
N VAL A 28 2.32 22.34 -7.79
CA VAL A 28 3.25 22.07 -6.69
C VAL A 28 4.69 22.20 -7.15
N GLY A 29 4.91 22.08 -8.47
CA GLY A 29 6.25 22.20 -9.01
C GLY A 29 7.26 21.37 -8.23
N GLY A 30 7.27 20.07 -8.49
CA GLY A 30 8.20 19.18 -7.80
C GLY A 30 7.55 18.43 -6.65
N SER A 31 8.36 17.71 -5.89
CA SER A 31 7.85 16.94 -4.75
C SER A 31 7.87 17.77 -3.48
N ILE A 32 7.40 17.18 -2.38
CA ILE A 32 7.37 17.87 -1.11
C ILE A 32 8.36 17.25 -0.12
N ARG A 33 8.19 15.96 0.15
CA ARG A 33 9.08 15.25 1.07
C ARG A 33 9.46 13.88 0.51
N PRO A 34 10.63 13.38 0.92
CA PRO A 34 11.14 12.08 0.48
C PRO A 34 10.33 10.92 1.06
N TRP A 35 10.70 9.70 0.68
CA TRP A 35 10.01 8.51 1.15
C TRP A 35 9.64 8.65 2.63
N LYS A 36 8.68 7.85 3.08
CA LYS A 36 8.24 7.88 4.46
C LYS A 36 8.19 6.47 5.05
N GLN A 37 9.26 6.08 5.73
CA GLN A 37 9.34 4.75 6.34
C GLN A 37 8.33 4.62 7.47
N MET A 38 7.31 3.79 7.25
CA MET A 38 6.27 3.57 8.25
C MET A 38 5.60 2.22 8.04
N TYR A 39 5.53 1.42 9.10
CA TYR A 39 4.91 0.11 9.03
C TYR A 39 3.58 0.17 8.28
N VAL A 40 3.53 -0.49 7.13
CA VAL A 40 2.31 -0.50 6.31
C VAL A 40 1.54 -1.80 6.51
N VAL A 41 0.31 -1.68 7.00
CA VAL A 41 -0.53 -2.85 7.23
C VAL A 41 -1.68 -2.91 6.23
N LEU A 42 -1.88 -4.08 5.64
CA LEU A 42 -2.94 -4.28 4.66
C LEU A 42 -4.08 -5.11 5.23
N ARG A 43 -5.24 -4.50 5.40
CA ARG A 43 -6.40 -5.18 5.95
C ARG A 43 -7.59 -5.08 5.01
N GLY A 44 -7.78 -6.11 4.18
CA GLY A 44 -8.88 -6.10 3.23
C GLY A 44 -8.61 -5.23 2.03
N HIS A 45 -9.21 -4.04 2.01
CA HIS A 45 -9.02 -3.10 0.91
C HIS A 45 -8.52 -1.76 1.41
N SER A 46 -8.06 -1.73 2.66
CA SER A 46 -7.56 -0.50 3.26
C SER A 46 -6.13 -0.69 3.76
N LEU A 47 -5.28 0.30 3.48
CA LEU A 47 -3.88 0.24 3.90
C LEU A 47 -3.62 1.21 5.04
N TYR A 48 -3.43 0.66 6.24
CA TYR A 48 -3.17 1.47 7.42
C TYR A 48 -1.67 1.58 7.70
N LEU A 49 -1.16 2.81 7.73
CA LEU A 49 0.25 3.04 7.97
C LEU A 49 0.48 3.52 9.40
N TYR A 50 1.70 3.32 9.91
CA TYR A 50 2.04 3.73 11.26
C TYR A 50 3.51 4.11 11.35
N LYS A 51 3.80 5.21 12.04
CA LYS A 51 5.16 5.69 12.21
C LYS A 51 6.11 4.55 12.53
N ASP A 52 5.75 3.76 13.54
CA ASP A 52 6.56 2.62 13.95
C ASP A 52 5.68 1.41 14.25
N LYS A 53 6.32 0.24 14.37
CA LYS A 53 5.60 -1.00 14.66
C LYS A 53 5.46 -1.20 16.17
N ARG A 54 5.07 -0.13 16.87
CA ARG A 54 4.90 -0.19 18.32
C ARG A 54 3.43 -0.48 18.68
N GLU A 55 3.07 -1.75 18.68
CA GLU A 55 1.71 -2.16 19.01
C GLU A 55 0.69 -1.23 18.34
N GLN A 56 0.88 -0.99 17.05
CA GLN A 56 -0.01 -0.13 16.29
C GLN A 56 -0.54 1.00 17.16
N THR A 57 0.30 1.48 18.08
CA THR A 57 -0.09 2.57 18.99
C THR A 57 0.54 3.88 18.54
N THR A 58 1.69 3.80 17.90
CA THR A 58 2.38 5.00 17.42
C THR A 58 1.40 6.00 16.83
N PRO A 59 1.80 7.29 16.84
CA PRO A 59 0.97 8.37 16.30
C PRO A 59 0.85 8.32 14.79
N SER A 60 0.32 9.38 14.20
CA SER A 60 0.14 9.46 12.75
C SER A 60 -1.04 8.59 12.30
N GLU A 61 -1.98 8.37 13.22
CA GLU A 61 -3.15 7.56 12.93
C GLU A 61 -4.08 8.29 11.96
N GLU A 62 -4.29 9.58 12.22
CA GLU A 62 -5.17 10.39 11.37
C GLU A 62 -5.00 10.02 9.90
N GLU A 63 -3.80 9.60 9.53
CA GLU A 63 -3.51 9.22 8.16
C GLU A 63 -4.50 8.18 7.66
N GLN A 64 -5.51 8.63 6.93
CA GLN A 64 -6.53 7.73 6.40
C GLN A 64 -5.90 6.65 5.51
N PRO A 65 -6.52 5.46 5.51
CA PRO A 65 -6.04 4.33 4.71
C PRO A 65 -6.23 4.54 3.21
N ILE A 66 -5.38 3.92 2.41
CA ILE A 66 -5.46 4.05 0.96
C ILE A 66 -6.27 2.91 0.35
N SER A 67 -7.55 3.18 0.09
CA SER A 67 -8.44 2.17 -0.48
C SER A 67 -7.82 1.57 -1.75
N VAL A 68 -7.38 0.32 -1.65
CA VAL A 68 -6.77 -0.36 -2.78
C VAL A 68 -7.77 -1.33 -3.43
N ASN A 69 -9.05 -1.04 -3.28
CA ASN A 69 -10.10 -1.89 -3.85
C ASN A 69 -10.02 -1.91 -5.37
N ALA A 70 -9.67 -0.75 -5.95
CA ALA A 70 -9.55 -0.64 -7.40
C ALA A 70 -8.25 0.06 -7.80
N CYS A 71 -7.16 -0.36 -7.17
CA CYS A 71 -5.85 0.24 -7.45
C CYS A 71 -5.12 -0.54 -8.54
N LEU A 72 -3.97 -0.04 -8.96
CA LEU A 72 -3.19 -0.68 -10.00
C LEU A 72 -1.71 -0.71 -9.63
N ILE A 73 -1.18 -1.91 -9.42
CA ILE A 73 0.23 -2.07 -9.06
C ILE A 73 1.07 -2.42 -10.27
N ASP A 74 2.28 -1.86 -10.34
CA ASP A 74 3.18 -2.11 -11.45
C ASP A 74 4.63 -1.84 -11.05
N ILE A 75 5.48 -2.84 -11.23
CA ILE A 75 6.89 -2.70 -10.88
C ILE A 75 7.44 -1.34 -11.34
N SER A 76 7.52 -0.41 -10.40
CA SER A 76 8.02 0.93 -10.70
C SER A 76 9.27 0.86 -11.58
N TYR A 77 9.42 1.83 -12.47
CA TYR A 77 10.58 1.87 -13.36
C TYR A 77 11.82 1.29 -12.68
N SER A 78 12.60 0.53 -13.42
CA SER A 78 13.82 -0.07 -12.89
C SER A 78 15.03 0.84 -13.11
N GLU A 79 14.93 2.05 -12.59
CA GLU A 79 16.01 3.02 -12.73
C GLU A 79 16.31 3.70 -11.40
N THR A 80 15.26 3.93 -10.61
CA THR A 80 15.41 4.57 -9.31
C THR A 80 16.39 3.81 -8.43
N LYS A 81 17.43 4.50 -7.96
CA LYS A 81 18.43 3.89 -7.10
C LYS A 81 17.81 2.82 -6.20
N ARG A 82 16.63 3.11 -5.68
CA ARG A 82 15.92 2.17 -4.81
C ARG A 82 15.96 0.76 -5.40
N LYS A 83 15.51 -0.21 -4.60
CA LYS A 83 15.49 -1.60 -5.04
C LYS A 83 14.19 -2.28 -4.63
N ASN A 84 13.73 -3.21 -5.45
CA ASN A 84 12.49 -3.94 -5.18
C ASN A 84 11.37 -2.97 -4.82
N VAL A 85 11.11 -2.01 -5.69
CA VAL A 85 10.07 -1.02 -5.47
C VAL A 85 8.94 -1.17 -6.48
N PHE A 86 7.71 -1.25 -5.99
CA PHE A 86 6.54 -1.41 -6.85
C PHE A 86 5.66 -0.16 -6.79
N ARG A 87 5.17 0.27 -7.96
CA ARG A 87 4.32 1.45 -8.03
C ARG A 87 2.86 1.07 -7.87
N LEU A 88 2.16 1.77 -6.97
CA LEU A 88 0.75 1.51 -6.72
C LEU A 88 -0.08 2.76 -6.91
N THR A 89 -1.18 2.63 -7.65
CA THR A 89 -2.05 3.76 -7.92
C THR A 89 -3.49 3.46 -7.48
N THR A 90 -4.02 4.31 -6.60
CA THR A 90 -5.38 4.13 -6.10
C THR A 90 -6.28 5.26 -6.55
N SER A 91 -7.52 4.92 -6.92
CA SER A 91 -8.48 5.90 -7.38
C SER A 91 -8.38 7.18 -6.56
N ASP A 92 -7.92 7.06 -5.33
CA ASP A 92 -7.77 8.21 -4.44
C ASP A 92 -6.55 9.03 -4.81
N CYS A 93 -5.37 8.48 -4.58
CA CYS A 93 -4.12 9.17 -4.90
C CYS A 93 -3.03 8.17 -5.29
N GLU A 94 -1.87 8.69 -5.67
CA GLU A 94 -0.75 7.84 -6.08
C GLU A 94 0.32 7.80 -5.00
N CYS A 95 1.11 6.73 -5.01
CA CYS A 95 2.18 6.57 -4.02
C CYS A 95 3.12 5.44 -4.42
N LEU A 96 4.22 5.29 -3.68
CA LEU A 96 5.19 4.25 -3.96
C LEU A 96 5.42 3.37 -2.74
N PHE A 97 6.07 2.23 -2.95
CA PHE A 97 6.36 1.30 -1.86
C PHE A 97 7.62 0.51 -2.14
N GLN A 98 8.56 0.57 -1.20
CA GLN A 98 9.83 -0.14 -1.33
C GLN A 98 9.85 -1.41 -0.49
N ALA A 99 10.63 -2.39 -0.91
CA ALA A 99 10.74 -3.65 -0.20
C ALA A 99 12.19 -3.96 0.16
N GLU A 100 12.41 -5.11 0.77
CA GLU A 100 13.75 -5.54 1.17
C GLU A 100 14.27 -6.63 0.24
N ASP A 101 13.58 -7.76 0.23
CA ASP A 101 13.98 -8.89 -0.61
C ASP A 101 13.04 -9.03 -1.81
N ARG A 102 13.62 -9.35 -2.97
CA ARG A 102 12.83 -9.52 -4.19
C ARG A 102 11.58 -10.33 -3.93
N ASP A 103 11.72 -11.42 -3.18
CA ASP A 103 10.60 -12.29 -2.87
C ASP A 103 9.52 -11.53 -2.10
N ASP A 104 9.95 -10.74 -1.11
CA ASP A 104 9.02 -9.96 -0.31
C ASP A 104 8.24 -8.99 -1.18
N MET A 105 8.95 -8.27 -2.04
CA MET A 105 8.32 -7.29 -2.93
C MET A 105 7.23 -7.95 -3.76
N LEU A 106 7.57 -9.07 -4.39
CA LEU A 106 6.60 -9.80 -5.22
C LEU A 106 5.39 -10.22 -4.40
N ALA A 107 5.63 -10.77 -3.22
CA ALA A 107 4.56 -11.21 -2.34
C ALA A 107 3.50 -10.12 -2.18
N TRP A 108 3.93 -8.95 -1.73
CA TRP A 108 3.01 -7.84 -1.52
C TRP A 108 2.16 -7.60 -2.77
N ILE A 109 2.82 -7.45 -3.91
CA ILE A 109 2.11 -7.23 -5.17
C ILE A 109 0.94 -8.17 -5.33
N LYS A 110 1.21 -9.47 -5.16
CA LYS A 110 0.17 -10.49 -5.27
C LYS A 110 -0.96 -10.23 -4.28
N THR A 111 -0.67 -10.43 -3.00
CA THR A 111 -1.67 -10.21 -1.95
C THR A 111 -2.55 -9.02 -2.27
N ILE A 112 -1.92 -7.85 -2.41
CA ILE A 112 -2.65 -6.62 -2.71
C ILE A 112 -3.46 -6.77 -4.00
N GLN A 113 -2.78 -7.12 -5.09
CA GLN A 113 -3.45 -7.29 -6.36
C GLN A 113 -4.71 -8.15 -6.22
N GLU A 114 -4.62 -9.18 -5.40
CA GLU A 114 -5.74 -10.08 -5.17
C GLU A 114 -6.95 -9.31 -4.63
N SER A 115 -6.70 -8.46 -3.64
CA SER A 115 -7.76 -7.66 -3.03
C SER A 115 -8.28 -6.61 -4.00
N SER A 116 -7.37 -6.03 -4.79
CA SER A 116 -7.74 -5.01 -5.75
C SER A 116 -8.28 -5.64 -7.03
N ASN A 117 -9.14 -6.65 -6.88
CA ASN A 117 -9.72 -7.34 -8.02
C ASN A 117 -11.09 -7.90 -7.66
N LEU A 118 -12.12 -7.38 -8.33
CA LEU A 118 -13.49 -7.83 -8.10
C LEU A 118 -13.62 -9.34 -8.30
N ASN A 119 -13.27 -9.80 -9.50
CA ASN A 119 -13.34 -11.21 -9.83
C ASN A 119 -14.66 -11.80 -9.38
N SER A 120 -15.75 -11.07 -9.62
CA SER A 120 -17.08 -11.51 -9.24
C SER A 120 -17.93 -11.81 -10.47
N GLY A 121 -18.50 -13.01 -10.52
CA GLY A 121 -19.33 -13.39 -11.65
C GLY A 121 -19.96 -14.76 -11.47
N PRO A 122 -19.12 -15.79 -11.34
CA PRO A 122 -19.58 -17.17 -11.17
C PRO A 122 -20.21 -17.39 -9.79
N SER A 123 -20.30 -16.33 -9.01
CA SER A 123 -20.88 -16.41 -7.67
C SER A 123 -22.35 -16.83 -7.74
N SER A 124 -22.61 -18.11 -7.53
CA SER A 124 -23.97 -18.64 -7.57
C SER A 124 -24.95 -17.69 -6.88
N GLY A 125 -24.71 -17.44 -5.60
CA GLY A 125 -25.57 -16.55 -4.84
C GLY A 125 -24.84 -15.33 -4.33
N GLY A 1 -9.24 -15.58 -4.06
CA GLY A 1 -8.85 -16.68 -4.92
C GLY A 1 -8.75 -18.00 -4.19
N SER A 2 -7.67 -18.16 -3.42
CA SER A 2 -7.46 -19.39 -2.66
C SER A 2 -8.10 -19.28 -1.28
N SER A 3 -7.76 -18.22 -0.55
CA SER A 3 -8.30 -18.01 0.79
C SER A 3 -9.61 -17.21 0.73
N GLY A 4 -9.54 -16.01 0.17
CA GLY A 4 -10.72 -15.17 0.08
C GLY A 4 -11.32 -14.84 1.42
N SER A 5 -10.64 -13.99 2.18
CA SER A 5 -11.11 -13.60 3.50
C SER A 5 -10.97 -12.09 3.70
N SER A 6 -12.02 -11.47 4.21
CA SER A 6 -12.02 -10.02 4.45
C SER A 6 -12.11 -9.72 5.94
N GLY A 7 -11.36 -10.49 6.74
CA GLY A 7 -11.37 -10.30 8.17
C GLY A 7 -10.01 -9.93 8.71
N ASP A 8 -9.11 -10.91 8.78
CA ASP A 8 -7.76 -10.67 9.28
C ASP A 8 -6.93 -9.90 8.26
N ALA A 9 -5.91 -9.20 8.75
CA ALA A 9 -5.03 -8.42 7.89
C ALA A 9 -4.41 -9.29 6.80
N ALA A 10 -4.79 -9.05 5.55
CA ALA A 10 -4.27 -9.81 4.43
C ALA A 10 -2.76 -9.94 4.51
N LYS A 11 -2.08 -8.82 4.77
CA LYS A 11 -0.63 -8.81 4.88
C LYS A 11 -0.16 -7.67 5.76
N GLU A 12 1.13 -7.68 6.12
CA GLU A 12 1.70 -6.64 6.96
C GLU A 12 3.23 -6.66 6.90
N GLY A 13 3.84 -5.51 7.11
CA GLY A 13 5.28 -5.41 7.07
C GLY A 13 5.77 -4.00 6.85
N TRP A 14 7.01 -3.73 7.25
CA TRP A 14 7.59 -2.39 7.09
C TRP A 14 7.82 -2.07 5.62
N LEU A 15 7.32 -0.91 5.19
CA LEU A 15 7.47 -0.49 3.81
C LEU A 15 7.53 1.04 3.70
N HIS A 16 8.25 1.53 2.70
CA HIS A 16 8.38 2.96 2.49
C HIS A 16 7.22 3.51 1.67
N PHE A 17 6.35 4.27 2.31
CA PHE A 17 5.19 4.85 1.64
C PHE A 17 5.50 6.27 1.15
N ARG A 18 5.63 6.42 -0.17
CA ARG A 18 5.92 7.72 -0.77
C ARG A 18 4.86 8.09 -1.79
N PRO A 19 3.89 8.92 -1.37
CA PRO A 19 2.80 9.37 -2.24
C PRO A 19 3.28 10.34 -3.31
N LEU A 20 2.72 10.21 -4.51
CA LEU A 20 3.09 11.07 -5.62
C LEU A 20 2.52 12.47 -5.44
N VAL A 21 1.25 12.54 -5.09
CA VAL A 21 0.57 13.81 -4.88
C VAL A 21 -0.80 13.62 -4.23
N THR A 22 -1.25 14.64 -3.50
CA THR A 22 -2.54 14.58 -2.83
C THR A 22 -3.42 15.77 -3.21
N ASP A 23 -4.65 15.77 -2.71
CA ASP A 23 -5.59 16.86 -2.99
C ASP A 23 -4.99 18.20 -2.62
N LYS A 24 -4.57 18.95 -3.61
CA LYS A 24 -3.98 20.27 -3.39
C LYS A 24 -5.01 21.38 -3.59
N GLY A 25 -5.30 22.10 -2.51
CA GLY A 25 -6.28 23.17 -2.59
C GLY A 25 -7.06 23.35 -1.30
N LYS A 26 -7.27 22.25 -0.59
CA LYS A 26 -8.01 22.28 0.66
C LYS A 26 -7.10 22.65 1.82
N ARG A 27 -6.31 23.71 1.62
CA ARG A 27 -5.39 24.18 2.65
C ARG A 27 -4.77 23.01 3.41
N VAL A 28 -4.39 21.97 2.67
CA VAL A 28 -3.79 20.79 3.27
C VAL A 28 -2.36 20.58 2.76
N GLY A 29 -1.59 21.66 2.73
CA GLY A 29 -0.21 21.57 2.26
C GLY A 29 -0.09 20.79 0.98
N GLY A 30 1.08 20.20 0.75
CA GLY A 30 1.31 19.43 -0.46
C GLY A 30 2.77 19.42 -0.87
N SER A 31 3.64 19.05 0.06
CA SER A 31 5.07 18.99 -0.21
C SER A 31 5.46 17.66 -0.85
N ILE A 32 6.75 17.49 -1.11
CA ILE A 32 7.24 16.26 -1.73
C ILE A 32 8.30 15.60 -0.84
N ARG A 33 8.05 15.58 0.46
CA ARG A 33 8.98 14.98 1.41
C ARG A 33 9.53 13.67 0.87
N PRO A 34 10.69 13.25 1.39
CA PRO A 34 11.35 12.00 0.97
C PRO A 34 10.58 10.76 1.43
N TRP A 35 10.94 9.62 0.86
CA TRP A 35 10.28 8.36 1.21
C TRP A 35 9.97 8.31 2.70
N LYS A 36 8.76 7.90 3.03
CA LYS A 36 8.33 7.79 4.43
C LYS A 36 8.24 6.34 4.86
N GLN A 37 9.14 5.94 5.77
CA GLN A 37 9.16 4.57 6.26
C GLN A 37 8.20 4.40 7.44
N MET A 38 7.09 3.72 7.20
CA MET A 38 6.10 3.49 8.24
C MET A 38 5.40 2.15 8.05
N TYR A 39 5.30 1.38 9.12
CA TYR A 39 4.65 0.07 9.07
C TYR A 39 3.35 0.14 8.27
N VAL A 40 3.32 -0.59 7.15
CA VAL A 40 2.13 -0.63 6.30
C VAL A 40 1.37 -1.94 6.46
N VAL A 41 0.13 -1.84 6.93
CA VAL A 41 -0.71 -3.02 7.12
C VAL A 41 -1.83 -3.08 6.09
N LEU A 42 -2.07 -4.28 5.56
CA LEU A 42 -3.11 -4.48 4.55
C LEU A 42 -4.29 -5.24 5.14
N ARG A 43 -5.38 -4.54 5.42
CA ARG A 43 -6.58 -5.15 5.98
C ARG A 43 -7.71 -5.16 4.97
N GLY A 44 -7.96 -6.32 4.36
CA GLY A 44 -9.02 -6.43 3.37
C GLY A 44 -8.74 -5.61 2.12
N HIS A 45 -9.35 -4.43 2.05
CA HIS A 45 -9.17 -3.55 0.90
C HIS A 45 -8.69 -2.16 1.34
N SER A 46 -8.25 -2.08 2.59
CA SER A 46 -7.77 -0.81 3.14
C SER A 46 -6.34 -0.95 3.64
N LEU A 47 -5.53 0.09 3.41
CA LEU A 47 -4.14 0.08 3.85
C LEU A 47 -3.95 0.98 5.07
N TYR A 48 -3.66 0.36 6.21
CA TYR A 48 -3.45 1.10 7.45
C TYR A 48 -1.96 1.17 7.80
N LEU A 49 -1.36 2.33 7.55
CA LEU A 49 0.06 2.53 7.84
C LEU A 49 0.27 2.96 9.28
N TYR A 50 1.52 2.98 9.72
CA TYR A 50 1.85 3.38 11.08
C TYR A 50 3.32 3.77 11.19
N LYS A 51 3.57 4.94 11.77
CA LYS A 51 4.93 5.44 11.95
C LYS A 51 5.80 4.40 12.63
N ASP A 52 5.24 3.73 13.64
CA ASP A 52 5.98 2.71 14.38
C ASP A 52 5.10 1.50 14.64
N LYS A 53 5.73 0.35 14.86
CA LYS A 53 5.00 -0.89 15.13
C LYS A 53 4.65 -1.01 16.61
N ARG A 54 4.37 0.12 17.24
CA ARG A 54 4.02 0.15 18.65
C ARG A 54 2.68 -0.54 18.89
N GLU A 55 1.63 0.02 18.31
CA GLU A 55 0.29 -0.53 18.46
C GLU A 55 -0.46 -0.52 17.13
N GLN A 56 -0.93 -1.70 16.72
CA GLN A 56 -1.66 -1.84 15.47
C GLN A 56 -3.12 -1.46 15.64
N THR A 57 -3.76 -2.03 16.66
CA THR A 57 -5.17 -1.76 16.94
C THR A 57 -5.47 -0.27 16.80
N THR A 58 -4.56 0.56 17.32
CA THR A 58 -4.73 2.01 17.27
C THR A 58 -4.85 2.49 15.83
N PRO A 59 -5.50 3.66 15.64
CA PRO A 59 -5.69 4.25 14.32
C PRO A 59 -4.39 4.77 13.71
N SER A 60 -4.35 4.86 12.40
CA SER A 60 -3.16 5.34 11.70
C SER A 60 -2.63 6.63 12.33
N GLU A 61 -1.51 7.13 11.83
CA GLU A 61 -0.91 8.34 12.35
C GLU A 61 -1.36 9.56 11.55
N GLU A 62 -2.43 10.20 12.00
CA GLU A 62 -2.96 11.38 11.33
C GLU A 62 -2.96 11.18 9.82
N GLU A 63 -3.01 9.92 9.40
CA GLU A 63 -3.02 9.60 7.98
C GLU A 63 -4.25 8.75 7.62
N GLN A 64 -5.01 9.22 6.63
CA GLN A 64 -6.21 8.51 6.20
C GLN A 64 -5.84 7.21 5.48
N PRO A 65 -6.73 6.21 5.55
CA PRO A 65 -6.52 4.91 4.92
C PRO A 65 -6.61 5.00 3.40
N ILE A 66 -5.94 4.06 2.72
CA ILE A 66 -5.95 4.02 1.26
C ILE A 66 -6.61 2.76 0.73
N SER A 67 -7.80 2.90 0.18
CA SER A 67 -8.55 1.76 -0.36
C SER A 67 -7.87 1.23 -1.62
N VAL A 68 -7.54 -0.05 -1.61
CA VAL A 68 -6.90 -0.69 -2.75
C VAL A 68 -7.86 -1.65 -3.46
N ASN A 69 -9.16 -1.38 -3.34
CA ASN A 69 -10.17 -2.22 -3.97
C ASN A 69 -10.06 -2.16 -5.49
N ALA A 70 -9.74 -0.97 -6.01
CA ALA A 70 -9.60 -0.78 -7.45
C ALA A 70 -8.33 -0.01 -7.78
N CYS A 71 -7.21 -0.48 -7.24
CA CYS A 71 -5.93 0.18 -7.48
C CYS A 71 -5.20 -0.48 -8.65
N LEU A 72 -4.03 0.06 -8.99
CA LEU A 72 -3.23 -0.47 -10.09
C LEU A 72 -1.75 -0.51 -9.72
N ILE A 73 -1.24 -1.72 -9.51
CA ILE A 73 0.17 -1.91 -9.16
C ILE A 73 1.04 -2.05 -10.40
N ASP A 74 2.24 -1.48 -10.34
CA ASP A 74 3.17 -1.55 -11.47
C ASP A 74 4.61 -1.43 -10.97
N ILE A 75 5.44 -2.40 -11.34
CA ILE A 75 6.84 -2.40 -10.94
C ILE A 75 7.48 -1.04 -11.20
N SER A 76 7.73 -0.29 -10.13
CA SER A 76 8.33 1.03 -10.24
C SER A 76 9.26 1.10 -11.46
N TYR A 77 9.28 2.26 -12.11
CA TYR A 77 10.12 2.46 -13.28
C TYR A 77 11.56 2.04 -13.00
N SER A 78 12.31 1.76 -14.06
CA SER A 78 13.70 1.35 -13.92
C SER A 78 14.62 2.57 -13.87
N GLU A 79 14.34 3.48 -12.93
CA GLU A 79 15.13 4.69 -12.77
C GLU A 79 15.43 4.94 -11.30
N THR A 80 14.39 4.98 -10.48
CA THR A 80 14.55 5.23 -9.05
C THR A 80 15.71 4.41 -8.48
N LYS A 81 16.43 5.01 -7.54
CA LYS A 81 17.57 4.36 -6.92
C LYS A 81 17.11 3.27 -5.95
N ARG A 82 15.92 3.46 -5.39
CA ARG A 82 15.36 2.49 -4.45
C ARG A 82 15.04 1.18 -5.14
N LYS A 83 15.39 0.07 -4.49
CA LYS A 83 15.13 -1.26 -5.04
C LYS A 83 13.88 -1.87 -4.43
N ASN A 84 13.49 -3.04 -4.94
CA ASN A 84 12.31 -3.73 -4.45
C ASN A 84 11.16 -2.74 -4.19
N VAL A 85 11.03 -1.77 -5.08
CA VAL A 85 9.97 -0.76 -4.95
C VAL A 85 8.91 -0.93 -6.03
N PHE A 86 7.66 -0.97 -5.61
CA PHE A 86 6.54 -1.13 -6.54
C PHE A 86 5.59 0.07 -6.48
N ARG A 87 5.12 0.51 -7.64
CA ARG A 87 4.22 1.65 -7.72
C ARG A 87 2.77 1.19 -7.59
N LEU A 88 2.00 1.90 -6.78
CA LEU A 88 0.59 1.56 -6.57
C LEU A 88 -0.29 2.79 -6.77
N THR A 89 -1.34 2.63 -7.58
CA THR A 89 -2.26 3.73 -7.85
C THR A 89 -3.66 3.41 -7.34
N THR A 90 -4.15 4.22 -6.41
CA THR A 90 -5.47 4.03 -5.84
C THR A 90 -6.45 5.09 -6.35
N SER A 91 -7.69 4.67 -6.59
CA SER A 91 -8.71 5.58 -7.08
C SER A 91 -8.60 6.94 -6.41
N ASP A 92 -8.15 6.95 -5.16
CA ASP A 92 -7.98 8.18 -4.41
C ASP A 92 -6.72 8.92 -4.85
N CYS A 93 -5.57 8.32 -4.56
CA CYS A 93 -4.28 8.93 -4.92
C CYS A 93 -3.27 7.85 -5.30
N GLU A 94 -2.07 8.29 -5.69
CA GLU A 94 -1.01 7.36 -6.07
C GLU A 94 0.17 7.46 -5.11
N CYS A 95 0.85 6.34 -4.92
CA CYS A 95 2.01 6.30 -4.02
C CYS A 95 2.89 5.09 -4.33
N LEU A 96 4.12 5.12 -3.82
CA LEU A 96 5.06 4.03 -4.04
C LEU A 96 5.24 3.20 -2.77
N PHE A 97 5.85 2.03 -2.90
CA PHE A 97 6.09 1.15 -1.77
C PHE A 97 7.38 0.36 -1.95
N GLN A 98 8.24 0.41 -0.93
CA GLN A 98 9.51 -0.30 -0.97
C GLN A 98 9.49 -1.52 -0.06
N ALA A 99 10.10 -2.61 -0.52
CA ALA A 99 10.14 -3.84 0.26
C ALA A 99 11.56 -4.09 0.80
N GLU A 100 11.70 -5.14 1.61
CA GLU A 100 12.99 -5.49 2.19
C GLU A 100 13.85 -6.24 1.17
N ASP A 101 13.22 -7.10 0.38
CA ASP A 101 13.93 -7.87 -0.63
C ASP A 101 12.98 -8.30 -1.75
N ARG A 102 13.53 -8.51 -2.94
CA ARG A 102 12.74 -8.92 -4.08
C ARG A 102 11.58 -9.83 -3.66
N ASP A 103 11.93 -11.00 -3.13
CA ASP A 103 10.92 -11.95 -2.68
C ASP A 103 9.81 -11.24 -1.91
N ASP A 104 10.20 -10.41 -0.94
CA ASP A 104 9.24 -9.67 -0.13
C ASP A 104 8.37 -8.77 -1.01
N MET A 105 9.01 -8.11 -1.97
CA MET A 105 8.31 -7.21 -2.87
C MET A 105 7.16 -7.92 -3.56
N LEU A 106 7.49 -8.94 -4.36
CA LEU A 106 6.48 -9.70 -5.08
C LEU A 106 5.33 -10.10 -4.16
N ALA A 107 5.67 -10.76 -3.05
CA ALA A 107 4.67 -11.20 -2.09
C ALA A 107 3.61 -10.12 -1.87
N TRP A 108 4.05 -8.86 -1.88
CA TRP A 108 3.14 -7.75 -1.68
C TRP A 108 2.32 -7.47 -2.94
N ILE A 109 3.01 -7.34 -4.06
CA ILE A 109 2.34 -7.07 -5.34
C ILE A 109 1.20 -8.05 -5.57
N LYS A 110 1.47 -9.33 -5.33
CA LYS A 110 0.45 -10.37 -5.51
C LYS A 110 -0.66 -10.23 -4.48
N THR A 111 -0.31 -10.44 -3.20
CA THR A 111 -1.28 -10.35 -2.12
C THR A 111 -2.27 -9.21 -2.37
N ILE A 112 -1.74 -8.00 -2.55
CA ILE A 112 -2.58 -6.84 -2.79
C ILE A 112 -3.39 -7.00 -4.08
N GLN A 113 -2.68 -7.25 -5.18
CA GLN A 113 -3.34 -7.44 -6.48
C GLN A 113 -4.52 -8.39 -6.36
N GLU A 114 -4.37 -9.41 -5.53
CA GLU A 114 -5.43 -10.40 -5.33
C GLU A 114 -6.70 -9.73 -4.80
N SER A 115 -6.52 -8.83 -3.83
CA SER A 115 -7.65 -8.12 -3.24
C SER A 115 -8.25 -7.12 -4.22
N SER A 116 -7.38 -6.44 -4.97
CA SER A 116 -7.83 -5.45 -5.94
C SER A 116 -8.24 -6.12 -7.25
N ASN A 117 -8.97 -7.22 -7.13
CA ASN A 117 -9.44 -7.96 -8.30
C ASN A 117 -10.85 -8.50 -8.08
N LEU A 118 -11.65 -8.49 -9.14
CA LEU A 118 -13.03 -8.98 -9.06
C LEU A 118 -13.18 -10.28 -9.84
N ASN A 119 -13.46 -11.36 -9.12
CA ASN A 119 -13.63 -12.67 -9.75
C ASN A 119 -14.68 -13.49 -9.00
N SER A 120 -15.76 -13.82 -9.69
CA SER A 120 -16.84 -14.60 -9.10
C SER A 120 -17.48 -15.52 -10.13
N GLY A 121 -17.60 -16.79 -9.77
CA GLY A 121 -18.20 -17.76 -10.69
C GLY A 121 -17.74 -19.18 -10.41
N PRO A 122 -16.53 -19.51 -10.90
CA PRO A 122 -15.95 -20.84 -10.72
C PRO A 122 -15.55 -21.11 -9.27
N SER A 123 -15.78 -20.13 -8.41
CA SER A 123 -15.44 -20.26 -6.99
C SER A 123 -15.69 -21.67 -6.50
N SER A 124 -16.94 -22.11 -6.60
CA SER A 124 -17.32 -23.45 -6.16
C SER A 124 -17.00 -24.49 -7.22
N GLY A 125 -17.20 -25.76 -6.89
CA GLY A 125 -16.93 -26.83 -7.83
C GLY A 125 -17.70 -28.10 -7.51
N GLY A 1 -16.11 -14.57 12.02
CA GLY A 1 -16.07 -15.34 10.79
C GLY A 1 -15.26 -16.62 10.93
N SER A 2 -15.96 -17.75 10.94
CA SER A 2 -15.31 -19.05 11.08
C SER A 2 -15.76 -20.00 9.99
N SER A 3 -14.82 -20.81 9.47
CA SER A 3 -15.14 -21.76 8.42
C SER A 3 -15.69 -21.06 7.19
N GLY A 4 -15.28 -19.80 7.01
CA GLY A 4 -15.75 -19.03 5.86
C GLY A 4 -14.87 -17.83 5.57
N SER A 5 -14.96 -16.82 6.43
CA SER A 5 -14.17 -15.61 6.25
C SER A 5 -13.46 -15.22 7.55
N SER A 6 -12.29 -15.81 7.77
CA SER A 6 -11.52 -15.53 8.98
C SER A 6 -11.57 -14.04 9.33
N GLY A 7 -11.16 -13.21 8.37
CA GLY A 7 -11.16 -11.78 8.61
C GLY A 7 -9.91 -11.29 9.32
N ASP A 8 -8.80 -11.22 8.60
CA ASP A 8 -7.54 -10.78 9.17
C ASP A 8 -6.72 -9.99 8.16
N ALA A 9 -5.72 -9.27 8.64
CA ALA A 9 -4.87 -8.46 7.77
C ALA A 9 -4.21 -9.32 6.70
N ALA A 10 -4.59 -9.11 5.45
CA ALA A 10 -4.03 -9.86 4.33
C ALA A 10 -2.51 -9.94 4.43
N LYS A 11 -1.87 -8.80 4.71
CA LYS A 11 -0.43 -8.74 4.83
C LYS A 11 0.00 -7.55 5.68
N GLU A 12 1.25 -7.54 6.09
CA GLU A 12 1.79 -6.46 6.92
C GLU A 12 3.31 -6.46 6.91
N GLY A 13 3.91 -5.33 7.29
CA GLY A 13 5.36 -5.24 7.31
C GLY A 13 5.84 -3.82 7.08
N TRP A 14 7.08 -3.55 7.48
CA TRP A 14 7.67 -2.22 7.30
C TRP A 14 7.91 -1.93 5.84
N LEU A 15 7.39 -0.79 5.37
CA LEU A 15 7.55 -0.40 3.97
C LEU A 15 7.58 1.13 3.84
N HIS A 16 8.26 1.61 2.81
CA HIS A 16 8.37 3.05 2.57
C HIS A 16 7.19 3.55 1.74
N PHE A 17 6.29 4.28 2.39
CA PHE A 17 5.12 4.82 1.70
C PHE A 17 5.36 6.25 1.26
N ARG A 18 5.49 6.45 -0.06
CA ARG A 18 5.72 7.77 -0.61
C ARG A 18 4.66 8.14 -1.64
N PRO A 19 3.63 8.88 -1.19
CA PRO A 19 2.53 9.30 -2.06
C PRO A 19 2.97 10.34 -3.09
N LEU A 20 2.42 10.23 -4.30
CA LEU A 20 2.75 11.17 -5.37
C LEU A 20 1.98 12.47 -5.22
N VAL A 21 0.72 12.35 -4.79
CA VAL A 21 -0.13 13.52 -4.61
C VAL A 21 -1.48 13.13 -4.00
N THR A 22 -2.06 14.05 -3.24
CA THR A 22 -3.35 13.80 -2.60
C THR A 22 -4.32 14.94 -2.87
N ASP A 23 -3.85 16.18 -2.74
CA ASP A 23 -4.68 17.35 -2.98
C ASP A 23 -4.77 17.66 -4.47
N LYS A 24 -4.96 16.62 -5.28
CA LYS A 24 -5.06 16.79 -6.72
C LYS A 24 -4.05 17.82 -7.23
N GLY A 25 -2.87 17.82 -6.63
CA GLY A 25 -1.84 18.77 -7.02
C GLY A 25 -2.20 20.20 -6.69
N LYS A 26 -2.20 20.52 -5.40
CA LYS A 26 -2.53 21.86 -4.94
C LYS A 26 -1.27 22.68 -4.71
N ARG A 27 -1.38 24.00 -4.89
CA ARG A 27 -0.25 24.89 -4.69
C ARG A 27 -0.08 25.26 -3.22
N VAL A 28 -0.07 24.25 -2.36
CA VAL A 28 0.08 24.46 -0.93
C VAL A 28 1.54 24.45 -0.51
N GLY A 29 2.23 25.56 -0.75
CA GLY A 29 3.64 25.65 -0.40
C GLY A 29 4.55 25.27 -1.55
N GLY A 30 4.53 24.00 -1.93
CA GLY A 30 5.37 23.54 -3.02
C GLY A 30 6.65 22.88 -2.54
N SER A 31 6.51 21.81 -1.79
CA SER A 31 7.67 21.09 -1.25
C SER A 31 7.42 19.59 -1.25
N ILE A 32 8.47 18.82 -1.55
CA ILE A 32 8.36 17.37 -1.58
C ILE A 32 9.35 16.73 -0.60
N ARG A 33 8.85 15.77 0.17
CA ARG A 33 9.68 15.07 1.15
C ARG A 33 10.06 13.68 0.66
N PRO A 34 11.18 13.15 1.17
CA PRO A 34 11.68 11.82 0.80
C PRO A 34 10.79 10.71 1.33
N TRP A 35 11.04 9.48 0.88
CA TRP A 35 10.27 8.33 1.30
C TRP A 35 9.86 8.46 2.77
N LYS A 36 8.72 7.87 3.12
CA LYS A 36 8.23 7.92 4.49
C LYS A 36 8.11 6.52 5.08
N GLN A 37 9.18 6.08 5.73
CA GLN A 37 9.20 4.76 6.35
C GLN A 37 8.18 4.66 7.48
N MET A 38 7.11 3.90 7.24
CA MET A 38 6.06 3.73 8.24
C MET A 38 5.37 2.38 8.08
N TYR A 39 5.22 1.65 9.18
CA TYR A 39 4.58 0.34 9.14
C TYR A 39 3.33 0.38 8.28
N VAL A 40 3.31 -0.46 7.25
CA VAL A 40 2.17 -0.54 6.33
C VAL A 40 1.42 -1.85 6.50
N VAL A 41 0.15 -1.76 6.86
CA VAL A 41 -0.68 -2.95 7.05
C VAL A 41 -1.77 -3.02 5.98
N LEU A 42 -2.11 -4.25 5.58
CA LEU A 42 -3.15 -4.46 4.57
C LEU A 42 -4.30 -5.27 5.14
N ARG A 43 -5.41 -4.60 5.41
CA ARG A 43 -6.60 -5.26 5.95
C ARG A 43 -7.77 -5.18 4.97
N GLY A 44 -8.24 -6.33 4.54
CA GLY A 44 -9.36 -6.37 3.61
C GLY A 44 -9.01 -5.75 2.27
N HIS A 45 -9.51 -4.54 2.04
CA HIS A 45 -9.25 -3.84 0.79
C HIS A 45 -8.69 -2.44 1.06
N SER A 46 -8.27 -2.20 2.29
CA SER A 46 -7.72 -0.91 2.69
C SER A 46 -6.31 -1.07 3.26
N LEU A 47 -5.54 0.00 3.21
CA LEU A 47 -4.17 -0.02 3.72
C LEU A 47 -4.03 0.88 4.94
N TYR A 48 -3.71 0.29 6.08
CA TYR A 48 -3.55 1.04 7.32
C TYR A 48 -2.07 1.15 7.70
N LEU A 49 -1.50 2.33 7.50
CA LEU A 49 -0.10 2.57 7.83
C LEU A 49 0.05 3.02 9.27
N TYR A 50 1.30 3.05 9.74
CA TYR A 50 1.58 3.46 11.11
C TYR A 50 3.02 3.97 11.24
N LYS A 51 3.19 5.02 12.04
CA LYS A 51 4.52 5.60 12.25
C LYS A 51 5.45 4.59 12.89
N ASP A 52 4.96 3.89 13.91
CA ASP A 52 5.76 2.89 14.61
C ASP A 52 4.94 1.64 14.89
N LYS A 53 5.55 0.66 15.54
CA LYS A 53 4.88 -0.59 15.87
C LYS A 53 4.19 -0.49 17.23
N ARG A 54 3.59 0.66 17.50
CA ARG A 54 2.89 0.88 18.77
C ARG A 54 1.60 0.07 18.82
N GLU A 55 0.83 0.28 19.88
CA GLU A 55 -0.44 -0.43 20.05
C GLU A 55 -1.11 -0.68 18.70
N GLN A 56 -1.14 0.36 17.86
CA GLN A 56 -1.76 0.26 16.55
C GLN A 56 -3.26 0.00 16.65
N THR A 57 -3.85 0.48 17.74
CA THR A 57 -5.28 0.31 17.98
C THR A 57 -6.11 1.02 16.91
N THR A 58 -5.73 2.26 16.61
CA THR A 58 -6.43 3.05 15.61
C THR A 58 -6.01 2.66 14.21
N PRO A 59 -6.85 2.98 13.21
CA PRO A 59 -6.58 2.68 11.80
C PRO A 59 -5.43 3.51 11.24
N SER A 60 -5.07 4.57 11.95
CA SER A 60 -3.99 5.45 11.53
C SER A 60 -3.70 6.51 12.58
N GLU A 61 -2.49 7.07 12.53
CA GLU A 61 -2.09 8.10 13.48
C GLU A 61 -2.27 9.49 12.90
N GLU A 62 -1.58 9.75 11.78
CA GLU A 62 -1.66 11.04 11.12
C GLU A 62 -2.11 10.89 9.67
N GLU A 63 -1.67 9.80 9.03
CA GLU A 63 -2.04 9.54 7.64
C GLU A 63 -3.43 8.93 7.55
N GLN A 64 -3.92 8.76 6.33
CA GLN A 64 -5.24 8.19 6.11
C GLN A 64 -5.15 6.88 5.33
N PRO A 65 -6.14 6.00 5.54
CA PRO A 65 -6.20 4.70 4.88
C PRO A 65 -6.48 4.83 3.37
N ILE A 66 -5.82 3.99 2.58
CA ILE A 66 -6.00 4.00 1.13
C ILE A 66 -6.64 2.71 0.65
N SER A 67 -7.78 2.84 -0.04
CA SER A 67 -8.50 1.69 -0.56
C SER A 67 -7.80 1.13 -1.80
N VAL A 68 -7.12 -0.01 -1.63
CA VAL A 68 -6.41 -0.64 -2.73
C VAL A 68 -7.39 -1.24 -3.74
N ASN A 69 -8.61 -1.50 -3.28
CA ASN A 69 -9.64 -2.07 -4.15
C ASN A 69 -9.57 -1.46 -5.55
N ALA A 70 -9.18 -2.29 -6.52
CA ALA A 70 -9.07 -1.84 -7.90
C ALA A 70 -7.87 -0.93 -8.09
N CYS A 71 -6.75 -1.28 -7.46
CA CYS A 71 -5.53 -0.50 -7.56
C CYS A 71 -4.61 -1.04 -8.64
N LEU A 72 -3.99 -0.14 -9.40
CA LEU A 72 -3.10 -0.54 -10.47
C LEU A 72 -1.65 -0.56 -10.00
N ILE A 73 -1.13 -1.75 -9.77
CA ILE A 73 0.25 -1.92 -9.31
C ILE A 73 1.20 -2.09 -10.49
N ASP A 74 2.39 -1.53 -10.36
CA ASP A 74 3.40 -1.62 -11.41
C ASP A 74 4.79 -1.28 -10.87
N ILE A 75 5.74 -2.17 -11.09
CA ILE A 75 7.11 -1.97 -10.63
C ILE A 75 7.59 -0.56 -10.95
N SER A 76 7.65 0.30 -9.93
CA SER A 76 8.08 1.67 -10.11
C SER A 76 9.19 1.76 -11.17
N TYR A 77 9.29 2.91 -11.81
CA TYR A 77 10.31 3.12 -12.84
C TYR A 77 11.67 2.68 -12.35
N SER A 78 12.67 2.78 -13.22
CA SER A 78 14.03 2.38 -12.88
C SER A 78 14.95 3.60 -12.83
N GLU A 79 14.54 4.61 -12.07
CA GLU A 79 15.34 5.83 -11.94
C GLU A 79 15.65 6.11 -10.47
N THR A 80 14.61 6.33 -9.67
CA THR A 80 14.78 6.61 -8.25
C THR A 80 15.75 5.62 -7.61
N LYS A 81 16.63 6.14 -6.77
CA LYS A 81 17.61 5.31 -6.08
C LYS A 81 16.95 4.45 -5.00
N ARG A 82 16.53 3.24 -5.39
CA ARG A 82 15.87 2.34 -4.46
C ARG A 82 15.95 0.90 -4.95
N LYS A 83 15.41 -0.03 -4.16
CA LYS A 83 15.42 -1.44 -4.53
C LYS A 83 14.13 -2.12 -4.08
N ASN A 84 13.54 -2.92 -4.96
CA ASN A 84 12.30 -3.63 -4.65
C ASN A 84 11.16 -2.65 -4.37
N VAL A 85 10.95 -1.73 -5.30
CA VAL A 85 9.89 -0.74 -5.15
C VAL A 85 8.80 -0.93 -6.20
N PHE A 86 7.55 -0.91 -5.74
CA PHE A 86 6.41 -1.08 -6.65
C PHE A 86 5.46 0.10 -6.56
N ARG A 87 5.04 0.59 -7.72
CA ARG A 87 4.13 1.73 -7.79
C ARG A 87 2.67 1.27 -7.76
N LEU A 88 1.94 1.72 -6.74
CA LEU A 88 0.53 1.35 -6.59
C LEU A 88 -0.37 2.57 -6.79
N THR A 89 -1.38 2.41 -7.64
CA THR A 89 -2.32 3.49 -7.91
C THR A 89 -3.74 3.10 -7.50
N THR A 90 -4.30 3.85 -6.55
CA THR A 90 -5.65 3.58 -6.07
C THR A 90 -6.62 4.66 -6.53
N SER A 91 -7.81 4.24 -6.93
CA SER A 91 -8.83 5.18 -7.41
C SER A 91 -8.79 6.47 -6.60
N ASP A 92 -8.46 6.36 -5.32
CA ASP A 92 -8.39 7.51 -4.43
C ASP A 92 -7.15 8.35 -4.75
N CYS A 93 -5.98 7.82 -4.43
CA CYS A 93 -4.73 8.53 -4.67
C CYS A 93 -3.67 7.58 -5.23
N GLU A 94 -2.49 8.12 -5.51
CA GLU A 94 -1.39 7.32 -6.05
C GLU A 94 -0.15 7.45 -5.18
N CYS A 95 0.45 6.32 -4.82
CA CYS A 95 1.66 6.32 -3.99
C CYS A 95 2.58 5.17 -4.38
N LEU A 96 3.77 5.16 -3.79
CA LEU A 96 4.74 4.11 -4.08
C LEU A 96 5.02 3.26 -2.84
N PHE A 97 5.73 2.16 -3.02
CA PHE A 97 6.08 1.28 -1.91
C PHE A 97 7.42 0.59 -2.15
N GLN A 98 8.21 0.46 -1.09
CA GLN A 98 9.52 -0.17 -1.18
C GLN A 98 9.54 -1.51 -0.45
N ALA A 99 10.57 -2.30 -0.70
CA ALA A 99 10.70 -3.61 -0.07
C ALA A 99 12.16 -3.92 0.23
N GLU A 100 12.40 -4.70 1.29
CA GLU A 100 13.75 -5.07 1.68
C GLU A 100 14.33 -6.09 0.70
N ASP A 101 13.65 -7.23 0.57
CA ASP A 101 14.09 -8.28 -0.33
C ASP A 101 13.07 -8.52 -1.44
N ARG A 102 13.57 -8.87 -2.63
CA ARG A 102 12.70 -9.12 -3.77
C ARG A 102 11.51 -9.98 -3.36
N ASP A 103 11.78 -11.18 -2.86
CA ASP A 103 10.73 -12.09 -2.44
C ASP A 103 9.61 -11.34 -1.73
N ASP A 104 9.98 -10.52 -0.75
CA ASP A 104 9.00 -9.74 0.00
C ASP A 104 8.18 -8.86 -0.93
N MET A 105 8.84 -8.17 -1.84
CA MET A 105 8.16 -7.29 -2.79
C MET A 105 7.12 -8.07 -3.58
N LEU A 106 7.56 -9.13 -4.24
CA LEU A 106 6.66 -9.96 -5.04
C LEU A 106 5.42 -10.37 -4.23
N ALA A 107 5.66 -10.75 -2.97
CA ALA A 107 4.57 -11.17 -2.09
C ALA A 107 3.50 -10.09 -1.99
N TRP A 108 3.93 -8.85 -1.76
CA TRP A 108 3.01 -7.73 -1.64
C TRP A 108 2.20 -7.55 -2.91
N ILE A 109 2.90 -7.31 -4.03
CA ILE A 109 2.24 -7.12 -5.31
C ILE A 109 1.10 -8.11 -5.50
N LYS A 110 1.41 -9.39 -5.33
CA LYS A 110 0.42 -10.46 -5.47
C LYS A 110 -0.73 -10.26 -4.49
N THR A 111 -0.42 -10.33 -3.19
CA THR A 111 -1.43 -10.16 -2.16
C THR A 111 -2.37 -9.01 -2.49
N ILE A 112 -1.82 -7.81 -2.62
CA ILE A 112 -2.61 -6.63 -2.93
C ILE A 112 -3.40 -6.83 -4.23
N GLN A 113 -2.69 -7.13 -5.31
CA GLN A 113 -3.32 -7.34 -6.60
C GLN A 113 -4.52 -8.27 -6.48
N GLU A 114 -4.38 -9.30 -5.64
CA GLU A 114 -5.46 -10.26 -5.43
C GLU A 114 -6.70 -9.56 -4.86
N SER A 115 -6.50 -8.77 -3.81
CA SER A 115 -7.60 -8.06 -3.17
C SER A 115 -8.30 -7.14 -4.16
N SER A 116 -7.52 -6.49 -5.01
CA SER A 116 -8.06 -5.57 -6.00
C SER A 116 -8.78 -6.34 -7.12
N ASN A 117 -8.36 -7.59 -7.32
CA ASN A 117 -8.97 -8.43 -8.34
C ASN A 117 -10.28 -9.05 -7.85
N LEU A 118 -11.18 -9.30 -8.78
CA LEU A 118 -12.48 -9.89 -8.44
C LEU A 118 -12.35 -11.40 -8.23
N ASN A 119 -11.32 -11.80 -7.48
CA ASN A 119 -11.08 -13.21 -7.20
C ASN A 119 -11.49 -14.08 -8.39
N SER A 120 -11.18 -13.60 -9.59
CA SER A 120 -11.52 -14.33 -10.80
C SER A 120 -10.80 -15.68 -10.85
N GLY A 121 -11.56 -16.76 -10.79
CA GLY A 121 -10.99 -18.08 -10.83
C GLY A 121 -10.20 -18.41 -9.57
N PRO A 122 -9.84 -19.69 -9.41
CA PRO A 122 -9.08 -20.15 -8.25
C PRO A 122 -7.65 -19.63 -8.24
N SER A 123 -7.07 -19.48 -7.04
CA SER A 123 -5.71 -19.00 -6.90
C SER A 123 -4.77 -20.11 -6.47
N SER A 124 -3.68 -20.28 -7.19
CA SER A 124 -2.71 -21.32 -6.88
C SER A 124 -1.95 -20.99 -5.60
N GLY A 125 -1.43 -22.02 -4.94
CA GLY A 125 -0.70 -21.83 -3.70
C GLY A 125 -1.21 -22.70 -2.57
#